data_6IFL
#
_entry.id   6IFL
#
loop_
_entity.id
_entity.type
_entity.pdbx_description
1 polymer 'Type III-A CRISPR-associated protein Csm1'
2 polymer 'Type III-A CRISPR-associated protein Csm2'
3 polymer 'Type III-A CRISPR-associated RAMP protein Csm3'
4 polymer 'Type III-A CRISPR-associated RAMP protein Csm4'
5 polymer 'Type III-A CRISPR-associated RAMP protein Csm5'
6 polymer crRNA
7 polymer NTR
#
loop_
_entity_poly.entity_id
_entity_poly.type
_entity_poly.pdbx_seq_one_letter_code
_entity_poly.pdbx_strand_id
1 'polypeptide(L)'
;MKKEKIDLFYGALLHNIGKVIQRATGERKKHALVGADWFDEIADNQVISDQIRYHMANYQSDKLGNDHLAYITYIADNIA
SGVDRRQSNEESDEDTSAKIWDTYTNQADIFNVFGAQTDKRYFKPTVLNLKSKPNFASATYEPFSKGDYAAIATRIKNEL
AEFEFNQVQIDSLLNLFEATLSFVPSSTNTKEIADISLADHSRLTAAFALAIYDYLEDKGRHNYKEDLFTKVSAFYEEEA
FLLASFDLSGIQDFIYNINIATNGAAKQLKARSLYLDFMSEYIADSLLDKLGLNRANMLYVGGGHAYFVLANTEKTVETL
VQFEKDFNQFLLANFQTRLYVAFGWGSFAAKDIMSELNSPESYRQVYQKASRMISKKKISRYDYQTLMLLNRGGKSSERE
CEICHSVENLVSYHDQKVCDICRGLYQFSKEIAHDHFIITENEGLPIGPNACLKGVAFEKLSQEAFSRVYVKNDYKAGTV
KATHVFVGDYQCDEIYNYAALSKNENGLGIKRLAVVRLDVDDLGAAFMAGFSQQGNGQYSTLSRSATFSRSMSLFFKVYI
NQFASDKKLSIIYAGGDDVFAIGSWQDIIAFTVELRENFIKWTNGKLTLSAGIGLFADKTPISLMAHQTGELEEAAKGNE
KDSISLFSSDYTFKFDRFITNVYDDKLEQIRYFFNHQDERGKNFIYKLIELLRNHDRMNMARLAYYLTRLEELTRETDRD
KFKTFKNLFYSWYTNKNDKDRKEAELALLLYIYEIRKD
;
A
2 'polypeptide(L)'
;MTILTDENYVDIAEKAILKLERNTRNRKNPDAFFLTTSKLRNLLSLTSTLFDESKVKEYDALLDRIAYLRVQFVYQAGRE
IAVKDLIEKAQILEALKEIKDRETLQRFCRYMEALVAYFKFYGGKD
;
B,C
3 'polypeptide(L)'
;MTFAKIKFSAQIRLETGLHIGGSDAFAAIGAINSPVIKDPITNLPIIPGSSLKGKMRTLLAKVYNEKVAEKPSDDSDILS
RLFGNSKDKRFKMGRLIFRDAFLSNADELDSLGVRSYTEVKFENTIDRITAEANPRQIERAIRNSTFDFELIYEITDENE
NQVEEDFKVIRDGLKLLELDYLGGSGSRGYGKVAFENLKATTVFGNYDVKTLNELLTAEV
;
D,E,F
4 'polypeptide(L)'
;MTYKLYIMTFQNAHFGSGTLDSSKLTFSADRIFSALVLEALKMGKLDAFLAEANQDKFTLTDAFPFQFGPFLPKPIGYPK
HDQIDQSVDVKEVRRQAKLSKKLQFLALENVDDYLNGELFENEEHAVIDTVTKNQPHKDDNLYQVATTRFSNDTSLYVIA
NESDLLNELMSSLQYSGLGGKRSSGFGRFELDIQNIPLELSDRLTKNHSDKVMSLTTALPVDADLEEAMEDGHYLLTKSS
GFAFSHATNENYRKQDLYKFASGSTFSKTFEGQIVDVRPLDFPHAVLNYAKPLFFKLEV
;
G
5 'polypeptide(L)'
;MKNDYRTFKLSLLTLAPIHIGNGEKYTSREFIYENKKFYFPDMGKFYNKMVEKRLAEKFEAFLIQTRPNARNNRLISFLN
DNRIAERSFGGYSISETGLESDKNPNSAGAINEVNKFIRDAFGNPYIPGSSLKGAIRTILMNTTPKWNNENAVNDFGRFP
KENKNLIPWGPKKGKEYDDLFNAIRVSDSKPFDNKSLILVQKWDYSAKTNKAKPLPLYRESISPLTKIEFEITTTTDEAG
RLIEELGKRAQAFYKDYKAFFLSEFPDDKIQANLQYPIYLGAGSGAWTKTLFKQADGILQRRYSRMKTKMVKKGVLKLTK
APLKTVKIPSGNHSLVKNHESFYEMGKANFMIKEIDK
;
H
6 'polyribonucleotide' ACGGAAACGCUUUCUAGCUCGCUAUAAUUACCCAUU I
7 'polyribonucleotide' GGUAGGAAUGGGUAAUUAUAGCGAGCUAGAAAGCGUUUCCGUC J
#
loop_
_chem_comp.id
_chem_comp.type
_chem_comp.name
_chem_comp.formula
A RNA linking ADENOSINE-5'-MONOPHOSPHATE 'C10 H14 N5 O7 P'
C RNA linking CYTIDINE-5'-MONOPHOSPHATE 'C9 H14 N3 O8 P'
G RNA linking GUANOSINE-5'-MONOPHOSPHATE 'C10 H14 N5 O8 P'
U RNA linking URIDINE-5'-MONOPHOSPHATE 'C9 H13 N2 O9 P'
#
# COMPACT_ATOMS: atom_id res chain seq x y z
N LYS A 2 -25.07 47.91 54.61
CA LYS A 2 -24.32 46.71 54.24
C LYS A 2 -23.57 46.12 55.41
N LYS A 3 -23.45 46.89 56.49
CA LYS A 3 -22.73 46.43 57.67
C LYS A 3 -23.39 45.25 58.35
N GLU A 4 -24.69 45.03 58.12
CA GLU A 4 -25.33 43.81 58.57
C GLU A 4 -24.99 42.64 57.66
N LYS A 5 -25.01 42.86 56.34
CA LYS A 5 -24.88 41.77 55.39
C LYS A 5 -23.46 41.21 55.38
N ILE A 6 -22.46 42.07 55.60
CA ILE A 6 -21.07 41.62 55.59
C ILE A 6 -20.79 40.73 56.80
N ASP A 7 -21.26 41.15 57.97
CA ASP A 7 -21.12 40.34 59.17
C ASP A 7 -21.90 39.04 59.06
N LEU A 8 -23.07 39.11 58.41
CA LEU A 8 -23.85 37.91 58.14
C LEU A 8 -23.09 36.94 57.25
N PHE A 9 -22.38 37.46 56.26
CA PHE A 9 -21.66 36.60 55.34
C PHE A 9 -20.46 35.95 56.01
N TYR A 10 -19.69 36.72 56.77
CA TYR A 10 -18.55 36.12 57.46
C TYR A 10 -18.99 35.13 58.53
N GLY A 11 -20.11 35.39 59.20
CA GLY A 11 -20.63 34.40 60.12
C GLY A 11 -21.17 33.17 59.42
N ALA A 12 -21.69 33.35 58.21
CA ALA A 12 -22.20 32.19 57.48
C ALA A 12 -21.08 31.35 56.89
N LEU A 13 -19.92 31.94 56.62
CA LEU A 13 -18.79 31.10 56.24
C LEU A 13 -18.13 30.45 57.45
N LEU A 14 -18.00 31.19 58.56
CA LEU A 14 -17.42 30.65 59.77
C LEU A 14 -18.46 29.97 60.66
N HIS A 15 -19.61 29.65 60.08
CA HIS A 15 -20.61 28.72 60.58
C HIS A 15 -20.02 27.49 61.25
N ASN A 16 -19.26 26.71 60.50
CA ASN A 16 -18.65 25.52 61.07
C ASN A 16 -17.17 25.63 60.78
N ILE A 17 -16.48 26.40 61.61
CA ILE A 17 -15.03 26.34 61.68
C ILE A 17 -14.59 25.60 62.92
N GLY A 18 -15.49 25.40 63.89
CA GLY A 18 -15.15 24.57 65.02
C GLY A 18 -15.07 23.11 64.67
N LYS A 19 -15.73 22.70 63.59
CA LYS A 19 -15.74 21.31 63.22
C LYS A 19 -14.42 20.83 62.64
N VAL A 20 -13.47 21.73 62.34
CA VAL A 20 -12.10 21.28 62.16
C VAL A 20 -11.32 21.40 63.47
N ILE A 21 -11.72 22.31 64.36
CA ILE A 21 -11.06 22.43 65.65
C ILE A 21 -11.61 21.40 66.63
N GLN A 22 -12.80 20.86 66.35
CA GLN A 22 -13.30 19.72 67.11
C GLN A 22 -12.51 18.46 66.77
N ARG A 23 -11.82 18.46 65.63
CA ARG A 23 -11.07 17.30 65.20
C ARG A 23 -9.60 17.42 65.61
N ALA A 24 -8.93 18.47 65.16
CA ALA A 24 -7.57 18.74 65.63
C ALA A 24 -7.62 19.23 67.06
N THR A 25 -6.92 18.53 67.96
CA THR A 25 -6.99 18.69 69.42
C THR A 25 -8.43 18.56 69.90
N GLY A 26 -8.94 17.35 69.74
CA GLY A 26 -10.36 17.11 69.90
C GLY A 26 -10.81 17.17 71.35
N GLU A 27 -12.10 17.43 71.52
CA GLU A 27 -12.77 17.43 72.82
C GLU A 27 -14.08 16.68 72.64
N ARG A 28 -14.97 16.80 73.63
CA ARG A 28 -16.32 16.29 73.51
C ARG A 28 -17.35 17.41 73.37
N LYS A 29 -17.03 18.61 73.81
CA LYS A 29 -17.94 19.75 73.80
C LYS A 29 -18.32 20.17 72.39
N LYS A 30 -19.35 20.99 72.28
CA LYS A 30 -19.95 21.28 70.99
C LYS A 30 -19.08 22.19 70.15
N HIS A 31 -19.04 21.88 68.84
CA HIS A 31 -18.19 22.56 67.88
C HIS A 31 -18.55 24.02 67.70
N ALA A 32 -19.80 24.39 67.96
CA ALA A 32 -20.20 25.79 67.91
C ALA A 32 -19.43 26.60 68.92
N LEU A 33 -19.35 26.11 70.16
CA LEU A 33 -18.58 26.80 71.20
C LEU A 33 -17.09 26.81 70.89
N VAL A 34 -16.59 25.72 70.31
CA VAL A 34 -15.16 25.61 70.02
C VAL A 34 -14.75 26.61 68.95
N GLY A 35 -15.53 26.71 67.87
CA GLY A 35 -15.23 27.70 66.85
C GLY A 35 -15.49 29.12 67.30
N ALA A 36 -16.55 29.34 68.06
CA ALA A 36 -16.89 30.68 68.49
C ALA A 36 -16.00 31.19 69.61
N ASP A 37 -15.26 30.31 70.27
CA ASP A 37 -14.21 30.73 71.17
C ASP A 37 -12.85 30.79 70.51
N TRP A 38 -12.62 29.98 69.48
CA TRP A 38 -11.39 30.11 68.71
C TRP A 38 -11.41 31.39 67.88
N PHE A 39 -12.60 31.80 67.41
CA PHE A 39 -12.69 33.01 66.62
C PHE A 39 -12.50 34.26 67.48
N ASP A 40 -12.78 34.16 68.78
CA ASP A 40 -12.59 35.30 69.67
C ASP A 40 -11.12 35.67 69.81
N GLU A 41 -10.22 34.70 69.62
CA GLU A 41 -8.79 34.97 69.55
C GLU A 41 -8.35 35.50 68.20
N ILE A 42 -9.26 35.64 67.23
CA ILE A 42 -8.93 36.13 65.91
C ILE A 42 -9.77 37.37 65.65
N ALA A 43 -9.21 38.54 65.99
CA ALA A 43 -9.67 39.89 65.66
C ALA A 43 -10.97 40.34 66.34
N ASP A 44 -11.65 39.42 67.05
CA ASP A 44 -12.66 39.70 68.08
C ASP A 44 -13.81 40.57 67.58
N ASN A 45 -14.39 40.19 66.45
CA ASN A 45 -15.59 40.86 65.94
C ASN A 45 -16.80 40.30 66.68
N GLN A 46 -17.52 41.17 67.37
CA GLN A 46 -18.54 40.68 68.32
C GLN A 46 -19.74 40.09 67.61
N VAL A 47 -20.16 40.70 66.49
CA VAL A 47 -21.36 40.25 65.80
C VAL A 47 -21.13 38.89 65.15
N ILE A 48 -19.98 38.73 64.49
CA ILE A 48 -19.65 37.48 63.83
C ILE A 48 -19.45 36.37 64.84
N SER A 49 -18.78 36.69 65.95
CA SER A 49 -18.54 35.70 66.99
C SER A 49 -19.84 35.28 67.67
N ASP A 50 -20.76 36.20 67.89
CA ASP A 50 -22.04 35.84 68.49
C ASP A 50 -22.90 35.04 67.52
N GLN A 51 -22.76 35.32 66.22
CA GLN A 51 -23.43 34.51 65.20
C GLN A 51 -22.90 33.09 65.19
N ILE A 52 -21.60 32.92 65.42
CA ILE A 52 -21.06 31.56 65.56
C ILE A 52 -21.45 30.95 66.90
N ARG A 53 -21.63 31.77 67.95
CA ARG A 53 -22.14 31.26 69.23
C ARG A 53 -23.52 30.64 69.06
N TYR A 54 -24.39 31.29 68.27
CA TYR A 54 -25.77 30.84 68.18
C TYR A 54 -26.18 30.46 66.75
N HIS A 55 -25.35 29.71 66.02
CA HIS A 55 -25.81 29.25 64.72
C HIS A 55 -26.60 27.95 64.84
N MET A 56 -26.30 27.15 65.84
CA MET A 56 -26.90 25.81 65.96
C MET A 56 -27.68 25.72 67.27
N ALA A 57 -28.51 26.72 67.51
CA ALA A 57 -29.35 26.75 68.71
C ALA A 57 -30.55 25.83 68.55
N ASP A 67 -29.87 39.51 68.91
CA ASP A 67 -29.01 38.84 67.95
C ASP A 67 -29.84 38.31 66.78
N HIS A 68 -30.36 39.22 65.97
CA HIS A 68 -31.29 38.83 64.93
C HIS A 68 -30.57 38.18 63.74
N LEU A 69 -29.26 38.42 63.61
CA LEU A 69 -28.54 37.91 62.45
C LEU A 69 -28.30 36.42 62.53
N ALA A 70 -28.33 35.86 63.74
CA ALA A 70 -27.97 34.45 63.91
C ALA A 70 -29.08 33.53 63.43
N TYR A 71 -30.30 34.05 63.36
CA TYR A 71 -31.42 33.19 62.96
C TYR A 71 -31.38 32.93 61.47
N ILE A 72 -30.84 33.87 60.70
CA ILE A 72 -30.59 33.70 59.28
C ILE A 72 -29.62 32.55 59.08
N THR A 73 -28.56 32.52 59.90
CA THR A 73 -27.58 31.45 59.81
C THR A 73 -28.17 30.12 60.26
N TYR A 74 -29.08 30.17 61.23
CA TYR A 74 -29.74 28.95 61.70
C TYR A 74 -30.62 28.35 60.62
N ILE A 75 -31.36 29.18 59.90
CA ILE A 75 -32.22 28.62 58.85
C ILE A 75 -31.39 28.28 57.63
N ALA A 76 -30.24 28.94 57.46
CA ALA A 76 -29.38 28.70 56.31
C ALA A 76 -28.68 27.36 56.44
N ASP A 77 -28.29 27.00 57.67
CA ASP A 77 -27.75 25.67 57.91
C ASP A 77 -28.75 24.58 57.60
N ASN A 78 -30.02 24.80 57.98
CA ASN A 78 -31.03 23.78 57.75
C ASN A 78 -31.32 23.61 56.27
N ILE A 79 -31.40 24.72 55.52
CA ILE A 79 -31.71 24.60 54.11
C ILE A 79 -30.47 24.16 53.33
N ALA A 80 -29.29 24.46 53.85
CA ALA A 80 -28.06 24.07 53.16
C ALA A 80 -27.77 22.59 53.37
N SER A 81 -28.19 22.04 54.51
CA SER A 81 -27.96 20.63 54.76
C SER A 81 -28.89 19.76 53.93
N GLY A 82 -30.19 19.90 54.14
CA GLY A 82 -31.16 19.05 53.49
C GLY A 82 -31.68 18.01 54.44
N TYR A 104 -13.02 11.50 62.47
CA TYR A 104 -14.02 10.47 62.65
C TYR A 104 -14.08 9.54 61.44
N THR A 105 -14.79 9.95 60.41
CA THR A 105 -14.89 9.19 59.17
C THR A 105 -14.51 10.10 58.01
N ASN A 106 -13.69 9.57 57.11
CA ASN A 106 -13.06 10.36 56.09
C ASN A 106 -14.07 10.68 54.98
N GLN A 107 -13.75 11.70 54.20
CA GLN A 107 -14.68 12.21 53.18
C GLN A 107 -14.89 11.21 52.07
N ALA A 108 -16.15 10.96 51.72
CA ALA A 108 -16.45 10.14 50.57
C ALA A 108 -16.18 10.92 49.29
N ASP A 109 -15.96 10.20 48.20
CA ASP A 109 -15.79 10.85 46.92
C ASP A 109 -17.14 10.99 46.24
N ILE A 110 -17.25 12.04 45.41
CA ILE A 110 -18.52 12.38 44.77
C ILE A 110 -18.93 11.31 43.76
N PHE A 111 -17.96 10.62 43.17
CA PHE A 111 -18.32 9.60 42.19
C PHE A 111 -18.65 8.26 42.82
N ASN A 112 -18.94 8.21 44.12
CA ASN A 112 -19.50 7.00 44.69
C ASN A 112 -20.97 6.88 44.38
N VAL A 113 -21.57 7.98 43.92
CA VAL A 113 -23.02 8.08 43.83
C VAL A 113 -23.54 7.86 42.41
N PHE A 114 -22.64 7.75 41.43
CA PHE A 114 -23.10 7.50 40.06
C PHE A 114 -23.48 6.04 39.85
N GLY A 115 -23.59 5.67 38.59
CA GLY A 115 -24.31 4.47 38.20
C GLY A 115 -23.71 3.12 38.51
N ALA A 116 -23.26 2.92 39.74
CA ALA A 116 -22.90 1.63 40.28
C ALA A 116 -22.90 1.75 41.80
N GLN A 117 -23.47 0.77 42.47
CA GLN A 117 -23.54 0.77 43.93
C GLN A 117 -22.39 -0.05 44.54
N THR A 118 -21.24 -0.08 43.86
CA THR A 118 -20.12 -0.91 44.31
C THR A 118 -18.80 -0.15 44.17
N ASP A 119 -18.46 0.61 45.22
CA ASP A 119 -17.15 1.17 45.59
C ASP A 119 -17.36 1.91 46.90
N LYS A 120 -16.25 2.16 47.60
CA LYS A 120 -16.29 3.05 48.76
C LYS A 120 -15.43 4.28 48.53
N ARG A 121 -14.13 4.09 48.34
CA ARG A 121 -13.17 5.01 47.73
C ARG A 121 -13.15 6.41 48.32
N TYR A 122 -12.66 6.55 49.55
CA TYR A 122 -12.66 7.79 50.29
C TYR A 122 -11.41 8.62 49.96
N PHE A 123 -11.38 9.86 50.47
CA PHE A 123 -10.25 10.74 50.24
C PHE A 123 -9.28 10.77 51.40
N LYS A 124 -8.25 11.59 51.26
CA LYS A 124 -7.25 11.85 52.29
C LYS A 124 -7.06 13.35 52.43
N PRO A 125 -7.47 13.96 53.53
CA PRO A 125 -7.53 15.42 53.58
C PRO A 125 -6.18 16.04 53.79
N THR A 126 -5.55 16.64 52.79
CA THR A 126 -4.43 17.50 53.08
C THR A 126 -4.68 18.94 52.65
N VAL A 127 -4.68 19.22 51.35
CA VAL A 127 -4.61 20.58 50.81
C VAL A 127 -5.01 20.48 49.35
N LEU A 128 -5.32 21.60 48.75
CA LEU A 128 -5.07 21.79 47.33
C LEU A 128 -3.74 22.48 47.17
N ASN A 129 -2.82 21.82 46.49
CA ASN A 129 -1.50 22.41 46.27
C ASN A 129 -1.46 23.22 44.98
N LEU A 130 -2.28 22.85 43.99
CA LEU A 130 -2.48 23.47 42.68
C LEU A 130 -1.25 23.41 41.78
N LYS A 131 -0.14 22.83 42.25
CA LYS A 131 1.07 22.67 41.46
C LYS A 131 1.71 21.33 41.76
N SER A 132 0.93 20.39 42.31
CA SER A 132 1.44 19.10 42.72
C SER A 132 0.52 18.02 42.18
N LYS A 133 0.89 16.77 42.49
CA LYS A 133 0.13 15.64 42.02
C LYS A 133 -1.21 15.55 42.75
N PRO A 134 -2.24 15.01 42.11
CA PRO A 134 -3.56 14.94 42.75
C PRO A 134 -3.60 13.98 43.91
N ASN A 135 -4.67 14.04 44.69
CA ASN A 135 -4.98 12.98 45.66
C ASN A 135 -6.17 12.22 45.11
N PHE A 136 -5.86 11.21 44.30
CA PHE A 136 -6.85 10.27 43.80
C PHE A 136 -7.44 9.54 44.99
N ALA A 137 -8.75 9.40 45.01
CA ALA A 137 -9.40 8.75 46.14
C ALA A 137 -9.04 7.27 46.16
N SER A 138 -8.57 6.80 47.30
CA SER A 138 -8.28 5.39 47.44
C SER A 138 -9.40 4.69 48.20
N ALA A 139 -9.52 3.39 47.96
CA ALA A 139 -10.51 2.59 48.65
C ALA A 139 -10.09 2.21 50.06
N THR A 140 -8.91 2.63 50.50
CA THR A 140 -8.36 2.25 51.78
C THR A 140 -8.16 3.41 52.75
N TYR A 141 -8.65 4.60 52.42
CA TYR A 141 -8.46 5.77 53.27
C TYR A 141 -9.65 6.03 54.19
N GLU A 142 -10.47 5.01 54.46
CA GLU A 142 -11.64 5.20 55.31
C GLU A 142 -11.25 5.38 56.78
N PRO A 143 -10.05 4.93 57.15
CA PRO A 143 -9.74 4.73 58.55
C PRO A 143 -9.49 6.04 59.29
N PHE A 144 -8.43 6.77 58.90
CA PHE A 144 -7.77 7.71 59.80
C PHE A 144 -8.60 8.90 60.25
N SER A 145 -8.90 9.81 59.32
CA SER A 145 -9.71 11.03 59.54
C SER A 145 -9.24 11.88 60.73
N LYS A 146 -7.98 11.79 61.13
CA LYS A 146 -7.50 12.49 62.32
C LYS A 146 -6.15 13.17 62.16
N GLY A 147 -5.27 12.68 61.30
CA GLY A 147 -3.86 12.96 61.32
C GLY A 147 -3.37 14.40 61.25
N ASP A 148 -3.56 15.06 60.11
CA ASP A 148 -2.86 16.31 59.84
C ASP A 148 -3.71 17.56 60.02
N TYR A 149 -4.85 17.45 60.69
CA TYR A 149 -5.77 18.59 60.81
C TYR A 149 -5.20 19.73 61.63
N ALA A 150 -4.19 19.45 62.46
CA ALA A 150 -3.51 20.53 63.19
C ALA A 150 -2.74 21.43 62.24
N ALA A 151 -2.16 20.86 61.18
CA ALA A 151 -1.43 21.67 60.20
C ALA A 151 -2.39 22.56 59.41
N ILE A 152 -3.53 22.01 59.02
CA ILE A 152 -4.56 22.79 58.33
C ILE A 152 -5.10 23.88 59.23
N ALA A 153 -5.34 23.56 60.51
CA ALA A 153 -5.84 24.56 61.45
C ALA A 153 -4.79 25.63 61.72
N THR A 154 -3.51 25.28 61.65
CA THR A 154 -2.46 26.27 61.81
C THR A 154 -2.39 27.16 60.57
N ARG A 155 -2.63 26.59 59.39
CA ARG A 155 -2.73 27.37 58.15
C ARG A 155 -3.88 28.38 58.23
N ILE A 156 -5.01 27.93 58.78
CA ILE A 156 -6.17 28.80 58.96
C ILE A 156 -5.86 29.90 59.97
N LYS A 157 -5.24 29.54 61.09
CA LYS A 157 -4.88 30.52 62.10
C LYS A 157 -3.84 31.50 61.56
N ASN A 158 -2.96 31.04 60.68
CA ASN A 158 -1.88 31.89 60.18
C ASN A 158 -2.42 32.91 59.20
N GLU A 159 -3.11 32.45 58.15
CA GLU A 159 -3.59 33.41 57.17
C GLU A 159 -4.82 34.16 57.66
N LEU A 160 -5.57 33.58 58.60
CA LEU A 160 -6.85 34.18 58.99
C LEU A 160 -6.63 35.35 59.95
N ALA A 161 -6.06 35.08 61.13
CA ALA A 161 -6.10 35.91 62.34
C ALA A 161 -5.87 37.40 62.17
N GLU A 162 -4.94 37.79 61.29
CA GLU A 162 -4.75 39.20 60.94
C GLU A 162 -5.68 39.53 59.77
N PHE A 163 -6.92 39.91 60.11
CA PHE A 163 -7.95 40.08 59.10
C PHE A 163 -8.73 41.36 59.36
N GLU A 164 -9.17 42.01 58.29
CA GLU A 164 -9.89 43.27 58.41
C GLU A 164 -11.40 43.12 58.42
N PHE A 165 -11.91 42.04 57.84
CA PHE A 165 -13.35 41.71 57.77
C PHE A 165 -14.16 42.80 57.09
N ASN A 166 -13.56 43.47 56.13
CA ASN A 166 -14.30 44.40 55.29
C ASN A 166 -14.84 43.66 54.08
N GLN A 167 -15.57 44.38 53.23
CA GLN A 167 -16.10 43.79 52.01
C GLN A 167 -15.01 43.70 50.95
N VAL A 168 -13.88 44.37 51.16
CA VAL A 168 -12.77 44.24 50.22
C VAL A 168 -12.11 42.88 50.37
N GLN A 169 -11.96 42.43 51.61
CA GLN A 169 -11.41 41.11 51.92
C GLN A 169 -12.48 40.03 51.96
N ILE A 170 -13.63 40.27 51.33
CA ILE A 170 -14.70 39.27 51.34
C ILE A 170 -14.43 38.17 50.35
N ASP A 171 -13.45 38.38 49.47
CA ASP A 171 -13.14 37.57 48.32
C ASP A 171 -12.17 36.46 48.68
N SER A 172 -11.07 36.83 49.32
CA SER A 172 -9.96 35.91 49.54
C SER A 172 -10.25 34.86 50.59
N LEU A 173 -11.28 35.04 51.41
CA LEU A 173 -11.60 34.02 52.39
C LEU A 173 -12.22 32.80 51.73
N LEU A 174 -12.96 33.00 50.64
CA LEU A 174 -13.48 31.87 49.88
C LEU A 174 -12.35 31.11 49.21
N ASN A 175 -11.36 31.82 48.69
CA ASN A 175 -10.21 31.18 48.08
C ASN A 175 -9.40 30.42 49.10
N LEU A 176 -9.28 30.98 50.32
CA LEU A 176 -8.62 30.28 51.42
C LEU A 176 -9.38 29.00 51.80
N PHE A 177 -10.71 29.07 51.85
CA PHE A 177 -11.47 27.88 52.20
C PHE A 177 -11.39 26.81 51.12
N GLU A 178 -11.48 27.18 49.86
CA GLU A 178 -11.36 26.17 48.82
C GLU A 178 -9.93 25.66 48.69
N ALA A 179 -8.95 26.42 49.17
CA ALA A 179 -7.59 25.91 49.18
C ALA A 179 -7.37 24.90 50.30
N THR A 180 -7.94 25.15 51.48
CA THR A 180 -7.65 24.32 52.63
C THR A 180 -8.76 23.35 53.02
N LEU A 181 -9.96 23.84 53.29
CA LEU A 181 -11.00 22.98 53.85
C LEU A 181 -11.71 22.14 52.80
N SER A 182 -11.19 22.05 51.59
CA SER A 182 -11.96 21.47 50.51
C SER A 182 -11.96 19.96 50.51
N PHE A 183 -11.02 19.32 51.19
CA PHE A 183 -11.03 17.87 51.25
C PHE A 183 -11.29 17.32 52.63
N VAL A 184 -11.69 18.15 53.58
CA VAL A 184 -12.15 17.61 54.85
C VAL A 184 -13.65 17.42 54.68
N PRO A 185 -14.26 16.44 55.34
CA PRO A 185 -15.69 16.25 55.19
C PRO A 185 -16.48 17.26 56.02
N SER A 186 -17.78 17.25 55.78
CA SER A 186 -18.80 17.93 56.56
C SER A 186 -19.12 17.11 57.79
N SER A 187 -20.34 17.23 58.31
CA SER A 187 -20.83 16.66 59.57
C SER A 187 -20.46 15.21 59.90
N THR A 188 -20.10 14.41 58.89
CA THR A 188 -19.35 13.14 58.92
C THR A 188 -20.01 12.02 59.72
N ASN A 189 -21.21 12.24 60.23
CA ASN A 189 -21.99 11.18 60.86
C ASN A 189 -22.44 10.22 59.77
N THR A 190 -22.69 8.97 60.15
CA THR A 190 -22.93 7.85 59.24
C THR A 190 -24.17 7.97 58.35
N LYS A 191 -24.96 9.04 58.53
CA LYS A 191 -26.11 9.35 57.69
C LYS A 191 -25.76 9.60 56.23
N GLU A 192 -26.80 9.75 55.41
CA GLU A 192 -26.76 9.46 53.98
C GLU A 192 -25.79 10.35 53.21
N ILE A 193 -25.51 11.56 53.70
CA ILE A 193 -24.78 12.53 52.89
C ILE A 193 -23.31 12.15 52.75
N ALA A 194 -22.52 12.25 53.82
CA ALA A 194 -21.14 11.78 53.92
C ALA A 194 -20.16 12.31 52.87
N ASP A 195 -20.59 13.23 52.02
CA ASP A 195 -19.89 13.49 50.76
C ASP A 195 -19.43 14.93 50.62
N ILE A 196 -20.30 15.89 50.90
CA ILE A 196 -19.96 17.28 50.63
C ILE A 196 -18.94 17.76 51.63
N SER A 197 -18.06 18.64 51.17
CA SER A 197 -16.93 19.08 51.99
C SER A 197 -17.39 20.13 52.99
N LEU A 198 -16.45 20.60 53.79
CA LEU A 198 -16.74 21.73 54.67
C LEU A 198 -16.70 23.03 53.89
N ALA A 199 -15.80 23.13 52.90
CA ALA A 199 -15.68 24.35 52.13
C ALA A 199 -16.81 24.53 51.14
N ASP A 200 -17.65 23.52 50.97
CA ASP A 200 -18.83 23.61 50.11
C ASP A 200 -20.12 23.71 50.89
N HIS A 201 -20.22 23.01 52.03
CA HIS A 201 -21.31 23.26 52.96
C HIS A 201 -21.31 24.70 53.45
N SER A 202 -20.13 25.23 53.77
CA SER A 202 -20.04 26.62 54.22
C SER A 202 -20.35 27.59 53.08
N ARG A 203 -19.86 27.29 51.88
CA ARG A 203 -20.14 28.12 50.70
C ARG A 203 -21.63 28.19 50.40
N LEU A 204 -22.28 27.04 50.37
CA LEU A 204 -23.71 27.00 50.07
C LEU A 204 -24.53 27.59 51.20
N THR A 205 -24.03 27.49 52.44
CA THR A 205 -24.71 28.11 53.56
C THR A 205 -24.65 29.62 53.46
N ALA A 206 -23.51 30.15 53.02
CA ALA A 206 -23.40 31.59 52.83
C ALA A 206 -24.28 32.07 51.69
N ALA A 207 -24.41 31.23 50.66
CA ALA A 207 -25.34 31.52 49.55
C ALA A 207 -26.77 31.67 50.05
N PHE A 208 -27.25 30.66 50.77
CA PHE A 208 -28.63 30.71 51.26
C PHE A 208 -28.82 31.80 52.30
N ALA A 209 -27.78 32.11 53.07
CA ALA A 209 -27.92 33.13 54.10
C ALA A 209 -28.05 34.52 53.51
N LEU A 210 -27.24 34.83 52.49
CA LEU A 210 -27.41 36.11 51.81
C LEU A 210 -28.72 36.19 51.05
N ALA A 211 -29.18 35.07 50.49
CA ALA A 211 -30.48 35.09 49.81
C ALA A 211 -31.61 35.32 50.79
N ILE A 212 -31.53 34.73 51.99
CA ILE A 212 -32.53 34.97 53.03
C ILE A 212 -32.53 36.42 53.44
N TYR A 213 -31.35 36.98 53.65
CA TYR A 213 -31.28 38.37 54.10
C TYR A 213 -31.81 39.32 53.05
N ASP A 214 -31.55 39.06 51.77
CA ASP A 214 -32.12 39.90 50.73
C ASP A 214 -33.63 39.75 50.60
N TYR A 215 -34.16 38.52 50.67
CA TYR A 215 -35.60 38.31 50.61
C TYR A 215 -36.31 38.95 51.79
N LEU A 216 -35.72 38.90 52.97
CA LEU A 216 -36.35 39.48 54.15
C LEU A 216 -36.21 40.99 54.19
N GLU A 217 -35.08 41.54 53.78
CA GLU A 217 -34.90 42.98 53.80
C GLU A 217 -35.59 43.69 52.65
N ASP A 218 -35.87 43.00 51.54
CA ASP A 218 -36.65 43.61 50.47
C ASP A 218 -38.12 43.23 50.52
N LYS A 219 -38.51 42.24 51.32
CA LYS A 219 -39.88 42.16 51.75
C LYS A 219 -40.17 43.16 52.86
N GLY A 220 -39.13 43.60 53.57
CA GLY A 220 -39.22 44.63 54.56
C GLY A 220 -39.41 44.14 55.97
N ARG A 221 -40.19 43.08 56.16
CA ARG A 221 -40.46 42.56 57.49
C ARG A 221 -39.23 41.84 58.01
N HIS A 222 -38.74 42.29 59.18
CA HIS A 222 -37.64 41.58 59.82
C HIS A 222 -37.78 41.60 61.34
N ASN A 223 -39.00 41.68 61.85
CA ASN A 223 -39.26 41.78 63.27
C ASN A 223 -40.21 40.65 63.70
N TYR A 224 -39.65 39.50 64.07
CA TYR A 224 -38.20 39.28 64.13
C TYR A 224 -37.72 38.51 62.92
N LYS A 225 -36.41 38.36 62.82
CA LYS A 225 -35.86 37.26 62.04
C LYS A 225 -36.25 35.93 62.67
N GLU A 226 -36.25 35.87 64.00
CA GLU A 226 -36.55 34.64 64.72
C GLU A 226 -38.02 34.27 64.63
N ASP A 227 -38.87 35.25 64.33
CA ASP A 227 -40.32 35.07 64.51
C ASP A 227 -40.90 34.11 63.49
N LEU A 228 -40.21 33.88 62.38
CA LEU A 228 -40.71 32.97 61.36
C LEU A 228 -39.80 31.79 61.16
N PHE A 229 -38.56 31.85 61.65
CA PHE A 229 -37.59 30.82 61.28
C PHE A 229 -37.50 29.71 62.33
N THR A 230 -37.10 30.07 63.56
CA THR A 230 -36.87 29.07 64.58
C THR A 230 -38.18 28.48 65.11
N LYS A 231 -39.23 29.29 65.20
CA LYS A 231 -40.45 28.88 65.85
C LYS A 231 -41.43 28.17 64.93
N VAL A 232 -41.45 28.46 63.63
CA VAL A 232 -42.30 27.73 62.70
C VAL A 232 -41.48 27.31 61.48
N SER A 233 -41.91 26.21 60.88
CA SER A 233 -41.33 25.71 59.64
C SER A 233 -42.21 26.01 58.43
N ALA A 234 -43.14 26.95 58.55
CA ALA A 234 -43.94 27.38 57.43
C ALA A 234 -43.18 28.29 56.47
N PHE A 235 -41.95 28.68 56.83
CA PHE A 235 -41.13 29.46 55.92
C PHE A 235 -40.62 28.61 54.76
N TYR A 236 -40.52 27.30 54.97
CA TYR A 236 -39.98 26.42 53.92
C TYR A 236 -40.91 26.34 52.72
N GLU A 237 -42.21 26.44 52.92
CA GLU A 237 -43.17 26.25 51.85
C GLU A 237 -43.61 27.58 51.21
N GLU A 238 -42.67 28.41 50.77
CA GLU A 238 -43.00 29.47 49.83
C GLU A 238 -41.78 29.79 48.98
N GLU A 239 -42.06 30.41 47.84
CA GLU A 239 -41.07 30.58 46.78
C GLU A 239 -40.20 31.80 47.06
N ALA A 240 -39.11 31.58 47.76
CA ALA A 240 -37.97 32.49 47.73
C ALA A 240 -37.00 31.89 46.72
N PHE A 241 -35.76 32.39 46.70
CA PHE A 241 -34.62 31.69 46.10
C PHE A 241 -34.77 31.47 44.60
N LEU A 242 -34.71 32.53 43.81
CA LEU A 242 -34.69 32.27 42.38
C LEU A 242 -33.30 31.75 42.00
N LEU A 243 -33.26 30.55 41.43
CA LEU A 243 -32.03 30.02 40.86
C LEU A 243 -31.90 30.66 39.49
N ALA A 244 -31.04 31.66 39.39
CA ALA A 244 -30.74 32.23 38.10
C ALA A 244 -29.71 31.37 37.40
N SER A 245 -29.46 31.70 36.14
CA SER A 245 -28.50 31.01 35.28
C SER A 245 -28.32 31.84 34.03
N PHE A 246 -27.29 31.53 33.27
CA PHE A 246 -27.19 32.04 31.92
C PHE A 246 -26.48 31.01 31.05
N ASP A 247 -26.24 31.43 29.82
CA ASP A 247 -25.59 30.59 28.82
C ASP A 247 -24.97 31.52 27.78
N LEU A 248 -23.67 31.40 27.63
CA LEU A 248 -22.93 32.21 26.66
C LEU A 248 -22.99 31.47 25.34
N SER A 249 -24.05 31.72 24.56
CA SER A 249 -24.25 31.01 23.31
C SER A 249 -23.28 31.51 22.25
N GLY A 250 -22.95 30.64 21.32
CA GLY A 250 -21.99 30.97 20.30
C GLY A 250 -20.56 30.99 20.78
N ILE A 251 -20.27 30.33 21.89
CA ILE A 251 -18.91 30.30 22.41
C ILE A 251 -18.01 29.47 21.51
N GLN A 252 -18.55 28.40 20.92
CA GLN A 252 -17.71 27.44 20.21
C GLN A 252 -17.33 27.97 18.84
N ASP A 253 -18.32 28.47 18.08
CA ASP A 253 -18.03 29.03 16.78
C ASP A 253 -17.36 30.39 16.85
N PHE A 254 -17.29 31.01 18.03
CA PHE A 254 -16.50 32.23 18.12
C PHE A 254 -15.02 31.94 18.10
N ILE A 255 -14.62 30.81 18.68
CA ILE A 255 -13.21 30.46 18.81
C ILE A 255 -12.53 30.23 17.48
N TYR A 256 -13.24 29.67 16.50
CA TYR A 256 -12.61 29.32 15.25
C TYR A 256 -12.84 30.36 14.17
N ALA A 265 -0.15 31.32 14.38
CA ALA A 265 -1.48 31.86 14.63
C ALA A 265 -2.36 30.82 15.29
N ALA A 266 -1.86 30.25 16.38
CA ALA A 266 -2.63 29.33 17.20
C ALA A 266 -2.53 29.63 18.68
N LYS A 267 -1.52 30.37 19.11
CA LYS A 267 -1.54 30.94 20.45
C LYS A 267 -2.64 31.98 20.56
N GLN A 268 -2.94 32.64 19.45
CA GLN A 268 -4.06 33.57 19.38
C GLN A 268 -5.38 32.87 19.61
N LEU A 269 -5.49 31.60 19.21
CA LEU A 269 -6.72 30.86 19.44
C LEU A 269 -6.87 30.52 20.92
N LYS A 270 -5.75 30.22 21.59
CA LYS A 270 -5.79 30.03 23.03
C LYS A 270 -6.17 31.32 23.74
N ALA A 271 -5.67 32.46 23.23
CA ALA A 271 -6.03 33.74 23.83
C ALA A 271 -7.50 34.06 23.62
N ARG A 272 -8.05 33.67 22.48
CA ARG A 272 -9.46 33.93 22.21
C ARG A 272 -10.37 33.08 23.09
N SER A 273 -10.03 31.81 23.26
CA SER A 273 -10.80 30.97 24.18
C SER A 273 -10.69 31.45 25.62
N LEU A 274 -9.52 31.93 26.02
CA LEU A 274 -9.38 32.43 27.38
C LEU A 274 -10.10 33.77 27.55
N TYR A 275 -10.21 34.55 26.47
CA TYR A 275 -11.00 35.76 26.49
C TYR A 275 -12.45 35.45 26.78
N LEU A 276 -12.98 34.42 26.12
CA LEU A 276 -14.36 34.02 26.41
C LEU A 276 -14.50 33.46 27.81
N ASP A 277 -13.45 32.83 28.33
CA ASP A 277 -13.50 32.32 29.69
C ASP A 277 -13.57 33.44 30.72
N PHE A 278 -12.80 34.51 30.51
CA PHE A 278 -12.89 35.64 31.43
C PHE A 278 -14.19 36.41 31.25
N MET A 279 -14.79 36.38 30.06
CA MET A 279 -16.11 36.97 29.93
C MET A 279 -17.13 36.17 30.70
N SER A 280 -17.03 34.85 30.66
CA SER A 280 -17.93 34.01 31.44
C SER A 280 -17.68 34.12 32.94
N GLU A 281 -16.50 34.60 33.34
CA GLU A 281 -16.30 34.94 34.75
C GLU A 281 -16.87 36.31 35.09
N TYR A 282 -16.63 37.30 34.23
CA TYR A 282 -16.96 38.67 34.55
C TYR A 282 -18.46 38.91 34.52
N ILE A 283 -19.19 38.14 33.70
CA ILE A 283 -20.65 38.19 33.74
C ILE A 283 -21.16 37.81 35.12
N ALA A 284 -20.60 36.72 35.68
CA ALA A 284 -21.00 36.28 37.01
C ALA A 284 -20.61 37.31 38.06
N ASP A 285 -19.42 37.86 37.94
CA ASP A 285 -18.93 38.79 38.96
C ASP A 285 -19.70 40.09 38.94
N SER A 286 -19.97 40.63 37.75
CA SER A 286 -20.70 41.89 37.68
C SER A 286 -22.16 41.71 37.98
N LEU A 287 -22.74 40.55 37.63
CA LEU A 287 -24.12 40.29 37.99
C LEU A 287 -24.27 40.16 39.49
N LEU A 288 -23.24 39.65 40.17
CA LEU A 288 -23.31 39.64 41.63
C LEU A 288 -22.95 40.99 42.22
N ASP A 289 -22.23 41.83 41.48
CA ASP A 289 -21.96 43.18 41.97
C ASP A 289 -23.18 44.08 41.87
N LYS A 290 -23.98 43.92 40.82
CA LYS A 290 -25.20 44.72 40.71
C LYS A 290 -26.20 44.34 41.79
N LEU A 291 -26.19 43.07 42.20
CA LEU A 291 -26.93 42.63 43.36
C LEU A 291 -26.19 43.01 44.63
N GLY A 292 -26.74 42.62 45.76
CA GLY A 292 -26.07 42.83 47.02
C GLY A 292 -25.24 41.64 47.42
N LEU A 293 -24.63 40.98 46.45
CA LEU A 293 -24.01 39.69 46.65
C LEU A 293 -22.54 39.74 46.23
N ASN A 294 -21.92 38.58 46.31
CA ASN A 294 -20.56 38.35 45.81
C ASN A 294 -20.54 36.94 45.24
N ARG A 295 -19.35 36.42 44.98
CA ARG A 295 -19.25 35.01 44.68
C ARG A 295 -19.53 34.19 45.93
N ALA A 296 -19.64 32.88 45.72
CA ALA A 296 -20.33 31.91 46.58
C ALA A 296 -21.82 32.18 46.71
N ASN A 297 -22.37 33.01 45.83
CA ASN A 297 -23.71 32.85 45.30
C ASN A 297 -23.43 32.42 43.88
N MET A 298 -23.15 31.14 43.72
CA MET A 298 -22.52 30.62 42.52
C MET A 298 -22.48 29.12 42.69
N LEU A 299 -22.28 28.43 41.58
CA LEU A 299 -22.34 26.97 41.45
C LEU A 299 -21.39 26.64 40.33
N TYR A 300 -21.76 25.69 39.48
CA TYR A 300 -21.22 25.52 38.13
C TYR A 300 -20.79 26.85 37.52
N VAL A 301 -19.56 26.96 37.05
CA VAL A 301 -19.19 28.01 36.11
C VAL A 301 -18.44 27.31 34.98
N GLY A 302 -17.91 28.07 34.03
CA GLY A 302 -17.03 27.50 33.04
C GLY A 302 -17.79 26.93 31.86
N GLY A 303 -17.10 26.88 30.73
CA GLY A 303 -17.80 26.70 29.48
C GLY A 303 -18.58 27.96 29.22
N GLY A 304 -19.88 27.81 29.05
CA GLY A 304 -20.72 28.98 28.92
C GLY A 304 -21.67 29.09 30.08
N HIS A 305 -22.05 27.94 30.62
CA HIS A 305 -23.09 27.87 31.62
C HIS A 305 -22.58 28.34 32.97
N ALA A 306 -23.50 28.87 33.76
CA ALA A 306 -23.26 29.19 35.14
C ALA A 306 -24.60 29.14 35.86
N TYR A 307 -24.55 28.89 37.16
CA TYR A 307 -25.76 28.80 37.94
C TYR A 307 -25.57 29.59 39.23
N PHE A 308 -26.65 30.14 39.75
CA PHE A 308 -26.59 31.05 40.87
C PHE A 308 -27.70 30.71 41.85
N VAL A 309 -27.70 31.38 42.99
CA VAL A 309 -28.81 31.36 43.94
C VAL A 309 -29.05 32.80 44.35
N LEU A 310 -30.27 33.27 44.17
CA LEU A 310 -30.62 34.67 44.43
C LEU A 310 -31.83 34.78 45.35
N ALA A 311 -32.45 35.95 45.41
CA ALA A 311 -33.38 36.27 46.49
C ALA A 311 -34.85 35.92 46.27
N ASN A 312 -35.36 36.12 45.04
CA ASN A 312 -36.77 36.12 44.60
C ASN A 312 -37.48 37.35 45.15
N THR A 313 -36.82 38.49 45.06
CA THR A 313 -37.53 39.75 45.17
C THR A 313 -37.78 40.30 43.78
N GLU A 314 -38.62 41.33 43.71
CA GLU A 314 -38.86 41.99 42.43
C GLU A 314 -37.62 42.74 41.96
N LYS A 315 -36.84 43.27 42.91
CA LYS A 315 -35.61 43.99 42.65
C LYS A 315 -34.62 43.13 41.88
N THR A 316 -34.54 41.86 42.26
CA THR A 316 -33.62 40.94 41.60
C THR A 316 -34.04 40.64 40.17
N VAL A 317 -35.34 40.43 39.92
CA VAL A 317 -35.70 40.10 38.55
C VAL A 317 -35.64 41.33 37.64
N GLU A 318 -35.92 42.54 38.16
CA GLU A 318 -35.75 43.67 37.25
C GLU A 318 -34.29 44.01 37.04
N THR A 319 -33.40 43.81 38.02
CA THR A 319 -32.01 44.05 37.71
C THR A 319 -31.41 42.94 36.88
N LEU A 320 -31.98 41.73 36.91
CA LEU A 320 -31.58 40.67 36.00
C LEU A 320 -31.95 41.01 34.56
N VAL A 321 -33.18 41.48 34.35
CA VAL A 321 -33.61 41.84 33.00
C VAL A 321 -32.82 43.04 32.50
N GLN A 322 -32.54 44.00 33.39
CA GLN A 322 -31.75 45.16 33.03
C GLN A 322 -30.32 44.78 32.68
N PHE A 323 -29.72 43.86 33.45
CA PHE A 323 -28.34 43.48 33.20
C PHE A 323 -28.24 42.61 31.96
N GLU A 324 -29.24 41.78 31.70
CA GLU A 324 -29.30 41.00 30.48
C GLU A 324 -29.38 41.89 29.26
N LYS A 325 -30.27 42.89 29.29
CA LYS A 325 -30.41 43.84 28.20
C LYS A 325 -29.11 44.62 27.98
N ASP A 326 -28.48 45.06 29.06
CA ASP A 326 -27.27 45.86 28.95
C ASP A 326 -26.11 45.03 28.41
N PHE A 327 -25.94 43.81 28.90
CA PHE A 327 -24.81 43.03 28.42
C PHE A 327 -25.06 42.53 27.00
N ASN A 328 -26.31 42.28 26.63
CA ASN A 328 -26.55 41.86 25.25
C ASN A 328 -26.37 43.00 24.28
N GLN A 329 -26.70 44.23 24.67
CA GLN A 329 -26.40 45.32 23.75
C GLN A 329 -24.91 45.65 23.74
N PHE A 330 -24.19 45.33 24.81
CA PHE A 330 -22.72 45.30 24.75
C PHE A 330 -22.23 44.31 23.70
N LEU A 331 -22.77 43.09 23.73
CA LEU A 331 -22.35 42.07 22.79
C LEU A 331 -22.75 42.43 21.36
N LEU A 332 -23.85 43.15 21.20
CA LEU A 332 -24.18 43.71 19.89
C LEU A 332 -23.17 44.75 19.47
N ALA A 333 -22.70 45.56 20.42
CA ALA A 333 -21.75 46.60 20.08
C ALA A 333 -20.38 46.05 19.72
N ASN A 334 -20.04 44.86 20.19
CA ASN A 334 -18.70 44.37 19.87
C ASN A 334 -18.69 43.10 19.04
N PHE A 335 -19.67 42.23 19.24
CA PHE A 335 -19.61 40.89 18.68
C PHE A 335 -20.71 40.57 17.70
N GLN A 336 -21.83 41.32 17.72
CA GLN A 336 -22.89 41.34 16.70
C GLN A 336 -23.41 39.93 16.36
N THR A 337 -24.15 39.41 17.33
CA THR A 337 -24.93 38.17 17.39
C THR A 337 -24.07 36.92 17.41
N ARG A 338 -22.76 37.03 17.31
CA ARG A 338 -21.91 35.87 17.47
C ARG A 338 -21.85 35.40 18.92
N LEU A 339 -22.17 36.27 19.86
CA LEU A 339 -22.25 35.91 21.27
C LEU A 339 -23.55 36.46 21.82
N TYR A 340 -24.17 35.72 22.72
CA TYR A 340 -25.43 36.18 23.29
C TYR A 340 -25.61 35.56 24.66
N VAL A 341 -25.91 36.39 25.64
CA VAL A 341 -26.14 35.92 27.00
C VAL A 341 -27.63 35.85 27.23
N ALA A 342 -28.10 34.74 27.78
CA ALA A 342 -29.52 34.54 28.02
C ALA A 342 -29.74 34.12 29.46
N PHE A 343 -30.10 35.06 30.32
CA PHE A 343 -30.39 34.73 31.70
C PHE A 343 -31.75 34.08 31.84
N GLY A 344 -31.78 32.94 32.49
CA GLY A 344 -33.05 32.30 32.79
C GLY A 344 -33.05 31.86 34.23
N TRP A 345 -34.23 31.81 34.83
CA TRP A 345 -34.29 31.61 36.26
C TRP A 345 -35.54 30.87 36.67
N GLY A 346 -35.46 30.19 37.80
CA GLY A 346 -36.60 29.50 38.35
C GLY A 346 -36.71 29.67 39.85
N SER A 347 -37.87 30.14 40.32
CA SER A 347 -38.03 30.37 41.75
C SER A 347 -38.40 29.08 42.47
N PHE A 348 -37.55 28.63 43.39
CA PHE A 348 -37.82 27.37 44.06
C PHE A 348 -37.91 27.57 45.56
N ALA A 349 -38.90 26.93 46.16
CA ALA A 349 -39.10 27.01 47.60
C ALA A 349 -37.99 26.27 48.33
N ALA A 350 -37.89 26.57 49.63
CA ALA A 350 -36.82 26.01 50.43
C ALA A 350 -37.05 24.53 50.73
N LYS A 351 -38.30 24.10 50.80
CA LYS A 351 -38.60 22.70 51.07
C LYS A 351 -38.53 21.84 49.82
N ASP A 352 -38.22 22.44 48.66
CA ASP A 352 -38.06 21.66 47.45
C ASP A 352 -36.72 20.92 47.48
N ILE A 353 -35.73 21.49 48.15
CA ILE A 353 -34.42 20.85 48.24
C ILE A 353 -34.28 20.00 49.50
N MET A 354 -35.19 20.14 50.47
CA MET A 354 -35.02 19.46 51.75
C MET A 354 -35.31 17.97 51.65
N SER A 355 -36.26 17.59 50.79
CA SER A 355 -36.83 16.24 50.71
C SER A 355 -37.33 15.71 52.05
N SER A 359 -40.19 15.72 45.56
CA SER A 359 -38.81 16.04 45.94
C SER A 359 -37.68 15.56 44.99
N PRO A 360 -37.71 14.32 44.42
CA PRO A 360 -36.65 13.97 43.46
C PRO A 360 -36.95 14.46 42.06
N GLU A 361 -38.23 14.77 41.81
CA GLU A 361 -38.66 15.14 40.47
C GLU A 361 -38.85 16.63 40.36
N SER A 362 -39.23 17.27 41.47
CA SER A 362 -39.42 18.72 41.46
C SER A 362 -38.11 19.47 41.38
N TYR A 363 -37.01 18.83 41.78
CA TYR A 363 -35.69 19.44 41.63
C TYR A 363 -35.31 19.58 40.16
N ARG A 364 -35.47 18.49 39.40
CA ARG A 364 -35.31 18.59 37.96
C ARG A 364 -36.39 19.45 37.32
N GLN A 365 -37.56 19.59 37.97
CA GLN A 365 -38.54 20.54 37.48
C GLN A 365 -38.07 21.98 37.64
N VAL A 366 -37.28 22.25 38.68
CA VAL A 366 -36.70 23.59 38.86
C VAL A 366 -35.68 23.86 37.77
N TYR A 367 -34.80 22.89 37.51
CA TYR A 367 -33.89 23.04 36.38
C TYR A 367 -34.62 23.08 35.05
N GLN A 368 -35.77 22.43 34.96
CA GLN A 368 -36.57 22.46 33.74
C GLN A 368 -37.17 23.84 33.50
N LYS A 369 -37.66 24.48 34.57
CA LYS A 369 -38.17 25.84 34.47
C LYS A 369 -37.07 26.81 34.06
N ALA A 370 -35.90 26.65 34.68
CA ALA A 370 -34.74 27.48 34.34
C ALA A 370 -34.36 27.32 32.88
N SER A 371 -34.01 26.10 32.47
CA SER A 371 -33.57 25.85 31.10
C SER A 371 -34.66 26.11 30.07
N ARG A 372 -35.93 26.03 30.46
CA ARG A 372 -37.00 26.45 29.55
C ARG A 372 -36.95 27.95 29.32
N MET A 373 -36.70 28.75 30.37
CA MET A 373 -36.59 30.18 30.13
C MET A 373 -35.33 30.53 29.35
N ILE A 374 -34.22 29.82 29.61
CA ILE A 374 -32.99 30.03 28.84
C ILE A 374 -33.22 29.71 27.38
N SER A 375 -33.90 28.59 27.10
CA SER A 375 -34.15 28.21 25.71
C SER A 375 -35.12 29.15 25.03
N LYS A 376 -36.10 29.68 25.76
CA LYS A 376 -37.03 30.64 25.19
C LYS A 376 -36.33 31.93 24.81
N LYS A 377 -35.43 32.43 25.67
CA LYS A 377 -34.69 33.63 25.30
C LYS A 377 -33.60 33.34 24.29
N LYS A 378 -33.21 32.08 24.14
CA LYS A 378 -32.25 31.70 23.12
C LYS A 378 -32.92 31.66 21.76
N ILE A 379 -34.20 31.30 21.73
CA ILE A 379 -34.95 31.32 20.49
C ILE A 379 -35.39 32.75 20.14
N SER A 380 -35.69 33.57 21.15
CA SER A 380 -36.34 34.85 20.91
C SER A 380 -35.38 35.99 21.21
N ARG A 381 -34.18 35.90 20.66
CA ARG A 381 -33.13 36.90 20.84
C ARG A 381 -33.52 38.19 20.15
N TYR A 382 -34.05 39.17 20.89
CA TYR A 382 -33.58 40.55 21.02
C TYR A 382 -34.70 41.40 21.60
N ASP A 383 -34.45 42.68 21.77
CA ASP A 383 -35.54 43.63 21.90
C ASP A 383 -35.92 44.14 20.52
N TYR A 384 -37.05 44.85 20.46
CA TYR A 384 -37.64 45.35 19.23
C TYR A 384 -36.75 46.33 18.48
N GLN A 385 -36.49 47.48 19.08
CA GLN A 385 -35.69 48.50 18.41
C GLN A 385 -34.22 48.13 18.34
N THR A 386 -33.79 47.09 19.06
CA THR A 386 -32.42 46.61 18.91
C THR A 386 -32.21 45.84 17.62
N LEU A 387 -33.26 45.59 16.86
CA LEU A 387 -33.13 45.08 15.51
C LEU A 387 -33.46 46.14 14.48
N MET A 388 -34.33 47.07 14.85
CA MET A 388 -34.68 48.17 13.95
C MET A 388 -33.50 49.11 13.77
N LEU A 389 -32.88 49.54 14.87
CA LEU A 389 -31.65 50.32 14.81
C LEU A 389 -30.52 49.50 14.20
N LEU A 390 -30.54 48.19 14.40
CA LEU A 390 -29.47 47.33 13.92
C LEU A 390 -29.43 47.25 12.41
N ASN A 391 -30.58 47.37 11.75
CA ASN A 391 -30.66 47.20 10.30
C ASN A 391 -30.53 48.49 9.52
N ARG A 392 -29.51 49.29 9.80
CA ARG A 392 -29.09 50.35 8.86
C ARG A 392 -27.64 50.74 9.08
N VAL A 418 -6.38 48.30 11.63
CA VAL A 418 -7.41 47.95 10.66
C VAL A 418 -8.70 47.57 11.38
N CYS A 419 -8.58 46.98 12.56
CA CYS A 419 -9.72 46.50 13.31
C CYS A 419 -9.65 47.08 14.71
N ASP A 420 -10.79 47.10 15.39
CA ASP A 420 -10.88 47.75 16.70
C ASP A 420 -10.60 46.79 17.84
N ILE A 421 -11.27 45.64 17.85
CA ILE A 421 -11.08 44.70 18.96
C ILE A 421 -10.08 43.61 18.59
N CYS A 422 -9.80 43.42 17.30
CA CYS A 422 -8.81 42.42 16.92
C CYS A 422 -7.40 42.88 17.28
N ARG A 423 -7.18 44.20 17.25
CA ARG A 423 -5.97 44.78 17.83
C ARG A 423 -5.89 44.48 19.32
N GLY A 424 -7.04 44.50 20.00
CA GLY A 424 -7.09 44.12 21.38
C GLY A 424 -6.72 42.66 21.61
N LEU A 425 -7.28 41.76 20.80
CA LEU A 425 -6.98 40.34 20.98
C LEU A 425 -5.54 40.02 20.61
N TYR A 426 -4.95 40.81 19.70
CA TYR A 426 -3.53 40.65 19.41
C TYR A 426 -2.69 41.04 20.61
N GLN A 427 -3.04 42.17 21.25
CA GLN A 427 -2.30 42.60 22.44
C GLN A 427 -2.53 41.66 23.61
N PHE A 428 -3.72 41.06 23.68
CA PHE A 428 -3.99 40.10 24.74
C PHE A 428 -3.27 38.78 24.50
N SER A 429 -3.08 38.43 23.23
CA SER A 429 -2.28 37.26 22.90
C SER A 429 -0.82 37.49 23.24
N LYS A 430 -0.37 38.74 23.17
CA LYS A 430 0.93 39.06 23.76
C LYS A 430 0.90 38.88 25.28
N GLU A 431 -0.13 39.40 25.94
CA GLU A 431 -0.15 39.41 27.40
C GLU A 431 -0.59 38.09 28.02
N ILE A 432 -0.79 37.06 27.21
CA ILE A 432 -1.35 35.79 27.70
C ILE A 432 -0.43 35.09 28.70
N ALA A 433 0.85 35.43 28.71
CA ALA A 433 1.82 34.67 29.49
C ALA A 433 1.82 35.06 30.96
N HIS A 434 1.10 36.12 31.33
CA HIS A 434 1.13 36.61 32.69
C HIS A 434 0.26 35.73 33.59
N ASP A 435 0.13 36.14 34.85
CA ASP A 435 -0.75 35.45 35.77
C ASP A 435 -1.83 36.33 36.35
N HIS A 436 -1.49 37.55 36.73
CA HIS A 436 -2.47 38.49 37.25
C HIS A 436 -3.23 39.09 36.07
N PHE A 437 -4.55 39.13 36.18
CA PHE A 437 -5.40 39.81 35.22
C PHE A 437 -6.25 40.85 35.93
N ILE A 438 -6.28 42.05 35.37
CA ILE A 438 -6.80 43.22 36.04
C ILE A 438 -7.99 43.77 35.24
N ILE A 439 -9.00 44.24 35.96
CA ILE A 439 -10.19 44.87 35.40
C ILE A 439 -10.00 46.37 35.48
N THR A 440 -9.88 47.02 34.33
CA THR A 440 -9.64 48.45 34.28
C THR A 440 -10.81 49.15 33.63
N GLU A 441 -10.86 50.47 33.79
CA GLU A 441 -11.92 51.25 33.16
C GLU A 441 -11.68 51.41 31.67
N ASN A 442 -10.45 51.78 31.29
CA ASN A 442 -10.07 51.86 29.89
C ASN A 442 -8.61 51.46 29.76
N GLU A 443 -8.37 50.17 29.52
CA GLU A 443 -7.03 49.70 29.18
C GLU A 443 -7.08 48.99 27.84
N GLY A 444 -8.06 48.12 27.67
CA GLY A 444 -8.21 47.33 26.47
C GLY A 444 -8.94 46.05 26.77
N LEU A 445 -9.40 45.39 25.70
CA LEU A 445 -10.16 44.14 25.71
C LEU A 445 -11.45 44.27 26.51
N PRO A 446 -12.49 44.92 25.96
CA PRO A 446 -13.72 45.09 26.73
C PRO A 446 -14.41 43.76 26.97
N ILE A 447 -14.65 43.45 28.24
CA ILE A 447 -15.37 42.26 28.65
C ILE A 447 -16.67 42.59 29.34
N GLY A 448 -17.12 43.84 29.27
CA GLY A 448 -18.39 44.21 29.82
C GLY A 448 -18.68 45.68 29.61
N PRO A 449 -19.90 46.09 29.91
CA PRO A 449 -20.25 47.52 29.82
C PRO A 449 -19.49 48.32 30.86
N ASN A 450 -18.70 49.29 30.37
CA ASN A 450 -17.68 50.00 31.15
C ASN A 450 -16.72 49.02 31.81
N ALA A 451 -15.97 48.29 30.99
CA ALA A 451 -15.00 47.33 31.48
C ALA A 451 -13.94 47.08 30.43
N CYS A 452 -12.73 46.82 30.89
CA CYS A 452 -11.61 46.48 30.03
C CYS A 452 -10.71 45.51 30.78
N LEU A 453 -10.01 44.65 30.03
CA LEU A 453 -9.34 43.49 30.63
C LEU A 453 -7.88 43.49 30.22
N LYS A 454 -6.98 43.48 31.20
CA LYS A 454 -5.56 43.58 30.92
C LYS A 454 -4.81 42.50 31.68
N GLY A 455 -3.76 41.96 31.05
CA GLY A 455 -2.92 40.98 31.69
C GLY A 455 -1.62 41.62 32.16
N VAL A 456 -1.40 41.59 33.47
CA VAL A 456 -0.28 42.29 34.08
C VAL A 456 0.54 41.35 34.93
N ALA A 457 1.80 41.72 35.13
CA ALA A 457 2.67 41.06 36.08
C ALA A 457 2.60 41.80 37.41
N PHE A 458 3.53 41.52 38.32
CA PHE A 458 3.57 42.23 39.61
C PHE A 458 4.11 43.64 39.51
N GLU A 459 4.51 44.10 38.33
CA GLU A 459 4.67 45.53 38.07
C GLU A 459 3.27 46.05 37.78
N LYS A 460 2.66 46.65 38.80
CA LYS A 460 1.22 46.80 38.87
C LYS A 460 0.92 47.96 39.81
N LEU A 461 -0.28 47.94 40.41
CA LEU A 461 -0.89 48.99 41.21
C LEU A 461 -1.20 50.17 40.30
N SER A 462 -1.99 49.89 39.26
CA SER A 462 -2.55 50.91 38.38
C SER A 462 -4.06 50.65 38.25
N GLN A 463 -4.82 51.13 39.23
CA GLN A 463 -6.28 51.32 39.17
C GLN A 463 -7.02 50.01 38.87
N GLU A 464 -6.94 49.09 39.82
CA GLU A 464 -7.62 47.83 39.64
C GLU A 464 -9.09 47.92 40.05
N ALA A 465 -9.87 46.97 39.55
CA ALA A 465 -11.22 46.73 40.05
C ALA A 465 -11.47 45.28 40.40
N PHE A 466 -10.78 44.34 39.76
CA PHE A 466 -10.63 42.97 40.23
C PHE A 466 -9.25 42.50 39.84
N SER A 467 -8.77 41.48 40.53
CA SER A 467 -7.54 40.84 40.10
C SER A 467 -7.86 39.36 39.92
N ARG A 468 -7.96 38.96 38.65
CA ARG A 468 -8.10 37.56 38.32
C ARG A 468 -6.75 36.89 38.45
N VAL A 469 -6.45 36.35 39.62
CA VAL A 469 -5.23 35.57 39.73
C VAL A 469 -5.42 34.24 39.02
N TYR A 470 -4.31 33.68 38.59
CA TYR A 470 -4.28 32.51 37.72
C TYR A 470 -4.46 31.26 38.59
N VAL A 471 -4.11 30.09 38.09
CA VAL A 471 -4.47 28.82 38.70
C VAL A 471 -3.86 28.56 40.08
N LYS A 472 -2.98 29.44 40.58
CA LYS A 472 -2.28 29.17 41.83
C LYS A 472 -3.19 29.29 43.04
N ASN A 473 -3.84 30.45 43.19
CA ASN A 473 -4.93 30.70 44.13
C ASN A 473 -4.56 30.65 45.62
N ASP A 474 -3.34 30.25 45.96
CA ASP A 474 -2.85 30.41 47.32
C ASP A 474 -1.60 31.28 47.36
N TYR A 475 -0.56 30.92 46.60
CA TYR A 475 0.64 31.73 46.53
C TYR A 475 0.40 32.97 45.67
N LYS A 476 -0.53 32.90 44.72
CA LYS A 476 -0.93 34.09 43.98
C LYS A 476 -1.90 34.93 44.79
N ALA A 477 -2.59 34.32 45.76
CA ALA A 477 -3.51 35.04 46.63
C ALA A 477 -2.72 35.72 47.76
N GLY A 478 -2.04 36.78 47.39
CA GLY A 478 -1.37 37.64 48.35
C GLY A 478 -1.90 39.05 48.26
N THR A 479 -2.37 39.42 47.07
CA THR A 479 -3.04 40.69 46.88
C THR A 479 -4.52 40.56 47.21
N VAL A 480 -5.13 41.68 47.55
CA VAL A 480 -6.54 41.71 47.90
C VAL A 480 -7.32 41.77 46.60
N LYS A 481 -8.63 41.54 46.65
CA LYS A 481 -9.54 41.55 45.49
C LYS A 481 -9.15 40.49 44.47
N ALA A 482 -8.77 39.31 44.94
CA ALA A 482 -8.22 38.26 44.10
C ALA A 482 -9.23 37.16 43.89
N THR A 483 -9.82 37.13 42.70
CA THR A 483 -10.62 35.99 42.27
C THR A 483 -9.71 35.03 41.54
N HIS A 484 -9.75 33.77 41.93
CA HIS A 484 -8.96 32.77 41.22
C HIS A 484 -9.66 32.37 39.93
N VAL A 485 -8.86 32.08 38.91
CA VAL A 485 -9.37 31.48 37.70
C VAL A 485 -8.55 30.21 37.45
N PHE A 486 -9.20 29.20 36.90
CA PHE A 486 -8.62 27.88 36.68
C PHE A 486 -8.67 27.60 35.19
N VAL A 487 -7.58 27.87 34.47
CA VAL A 487 -7.55 27.72 33.01
C VAL A 487 -6.17 27.30 32.51
N GLY A 488 -6.05 27.18 31.19
CA GLY A 488 -4.82 27.60 30.55
C GLY A 488 -3.67 26.66 30.19
N ASP A 489 -2.73 26.55 31.12
CA ASP A 489 -1.28 26.67 30.97
C ASP A 489 -0.60 25.55 30.19
N TYR A 490 0.73 25.53 30.25
CA TYR A 490 1.70 24.69 29.56
C TYR A 490 1.67 24.89 28.06
N GLN A 491 2.14 26.03 27.61
CA GLN A 491 2.69 26.14 26.27
C GLN A 491 4.20 25.94 26.39
N CYS A 492 4.71 24.77 26.04
CA CYS A 492 6.13 24.48 26.21
C CYS A 492 6.98 25.21 25.17
N ASP A 493 6.80 24.85 23.92
CA ASP A 493 7.54 25.43 22.80
C ASP A 493 6.53 25.99 21.82
N GLU A 494 7.00 26.79 20.88
CA GLU A 494 6.09 27.30 19.88
C GLU A 494 5.74 26.20 18.89
N ILE A 495 4.57 26.36 18.27
CA ILE A 495 3.93 25.28 17.54
C ILE A 495 4.64 25.00 16.22
N TYR A 496 5.39 25.95 15.69
CA TYR A 496 6.17 25.64 14.49
C TYR A 496 7.42 24.80 14.77
N ASN A 497 7.61 24.29 15.98
CA ASN A 497 8.75 23.46 16.31
C ASN A 497 8.38 22.08 16.80
N TYR A 498 7.09 21.79 17.01
CA TYR A 498 6.69 20.52 17.57
C TYR A 498 6.92 19.35 16.63
N ALA A 499 6.90 19.59 15.33
CA ALA A 499 7.23 18.52 14.40
C ALA A 499 8.69 18.52 14.02
N ALA A 500 9.35 19.67 14.12
CA ALA A 500 10.81 19.68 14.00
C ALA A 500 11.49 19.17 15.24
N LEU A 501 10.74 18.94 16.32
CA LEU A 501 11.19 18.11 17.44
C LEU A 501 10.85 16.66 17.12
N SER A 502 10.84 15.82 18.15
CA SER A 502 10.54 14.39 18.27
C SER A 502 11.61 13.45 17.75
N LYS A 503 12.46 13.85 16.81
CA LYS A 503 13.89 14.05 17.00
C LYS A 503 14.46 13.50 18.31
N ASN A 504 14.40 12.20 18.56
CA ASN A 504 14.87 11.72 19.86
C ASN A 504 16.40 11.80 19.95
N GLU A 505 16.93 11.45 21.13
CA GLU A 505 18.37 11.56 21.36
C GLU A 505 19.14 10.56 20.50
N ASN A 506 18.52 9.42 20.18
CA ASN A 506 19.11 8.49 19.22
C ASN A 506 19.01 9.01 17.79
N GLY A 507 18.17 9.99 17.54
CA GLY A 507 18.09 10.64 16.26
C GLY A 507 17.16 10.03 15.24
N LEU A 508 16.10 9.35 15.68
CA LEU A 508 15.22 8.67 14.74
C LEU A 508 13.78 8.77 15.20
N GLY A 509 12.91 9.15 14.29
CA GLY A 509 11.50 9.38 14.57
C GLY A 509 10.93 10.23 13.45
N ILE A 510 9.63 10.13 13.27
CA ILE A 510 8.97 10.78 12.13
C ILE A 510 8.49 12.17 12.55
N LYS A 511 8.76 13.15 11.69
CA LYS A 511 8.52 14.56 11.98
C LYS A 511 7.05 14.87 11.86
N ARG A 512 6.31 14.65 12.93
CA ARG A 512 4.86 14.75 12.85
C ARG A 512 4.31 15.52 14.04
N LEU A 513 3.68 16.64 13.74
CA LEU A 513 2.67 17.19 14.63
C LEU A 513 1.59 16.17 14.91
N ALA A 514 1.02 16.25 16.09
CA ALA A 514 -0.21 15.53 16.34
C ALA A 514 -1.08 16.46 17.15
N VAL A 515 -2.35 16.12 17.24
CA VAL A 515 -3.26 16.94 18.00
C VAL A 515 -4.31 16.03 18.60
N VAL A 516 -4.64 16.27 19.86
CA VAL A 516 -5.68 15.51 20.54
C VAL A 516 -6.90 16.40 20.58
N ARG A 517 -8.06 15.82 20.33
CA ARG A 517 -9.30 16.40 20.83
C ARG A 517 -10.02 15.33 21.61
N LEU A 518 -10.09 15.51 22.92
CA LEU A 518 -10.78 14.55 23.75
C LEU A 518 -11.90 15.24 24.50
N ASP A 519 -13.02 14.56 24.62
CA ASP A 519 -14.08 15.12 25.41
C ASP A 519 -14.69 14.05 26.30
N VAL A 520 -15.33 14.50 27.36
CA VAL A 520 -16.10 13.62 28.21
C VAL A 520 -17.30 13.12 27.44
N ASP A 521 -17.53 11.82 27.49
CA ASP A 521 -18.70 11.23 26.90
C ASP A 521 -19.85 11.31 27.86
N ASP A 522 -21.03 11.71 27.34
CA ASP A 522 -22.27 11.82 28.10
C ASP A 522 -22.14 12.79 29.27
N LEU A 523 -21.82 14.05 28.97
CA LEU A 523 -21.51 14.99 30.03
C LEU A 523 -22.71 15.88 30.34
N GLY A 524 -23.43 16.34 29.31
CA GLY A 524 -24.65 17.08 29.54
C GLY A 524 -25.71 16.23 30.18
N ALA A 525 -25.70 14.93 29.88
CA ALA A 525 -26.50 13.99 30.65
C ALA A 525 -25.98 13.88 32.08
N ALA A 526 -24.66 14.03 32.25
CA ALA A 526 -24.06 13.77 33.56
C ALA A 526 -24.43 14.84 34.56
N PHE A 527 -24.36 16.13 34.17
CA PHE A 527 -24.51 17.25 35.10
C PHE A 527 -25.86 17.23 35.82
N MET A 528 -26.90 16.75 35.16
CA MET A 528 -28.22 16.74 35.76
C MET A 528 -28.86 15.36 35.85
N ALA A 529 -28.15 14.29 35.49
CA ALA A 529 -28.74 12.97 35.62
C ALA A 529 -27.74 11.91 36.04
N GLY A 530 -26.55 12.28 36.52
CA GLY A 530 -25.59 11.27 36.91
C GLY A 530 -25.98 10.64 38.24
N PHE A 531 -26.62 11.41 39.10
CA PHE A 531 -26.99 10.94 40.42
C PHE A 531 -28.35 10.28 40.43
N SER A 532 -28.88 9.95 39.26
CA SER A 532 -30.25 9.45 39.17
C SER A 532 -30.30 7.94 39.33
N GLN A 533 -29.14 7.28 39.32
CA GLN A 533 -29.14 5.82 39.29
C GLN A 533 -29.35 5.23 40.68
N GLN A 534 -28.50 5.59 41.64
CA GLN A 534 -28.51 4.98 42.96
C GLN A 534 -29.73 5.49 43.74
N GLY A 535 -30.86 4.83 43.52
CA GLY A 535 -32.02 5.20 44.29
C GLY A 535 -32.98 6.02 43.45
N ASN A 536 -34.23 5.54 43.40
CA ASN A 536 -35.31 6.33 42.81
C ASN A 536 -35.53 7.62 43.60
N GLY A 537 -35.37 7.55 44.91
CA GLY A 537 -35.19 8.73 45.73
C GLY A 537 -33.75 9.16 45.61
N GLN A 538 -33.44 9.79 44.47
CA GLN A 538 -32.07 10.08 44.08
C GLN A 538 -31.42 11.07 45.05
N TYR A 539 -30.10 10.95 45.16
CA TYR A 539 -29.32 11.81 46.01
C TYR A 539 -29.39 13.24 45.51
N SER A 540 -28.79 13.48 44.33
CA SER A 540 -28.95 14.63 43.44
C SER A 540 -29.15 15.99 44.11
N THR A 541 -28.31 16.29 45.09
CA THR A 541 -28.43 17.54 45.83
C THR A 541 -27.96 18.69 44.95
N LEU A 542 -28.33 19.91 45.35
CA LEU A 542 -27.66 21.09 44.82
C LEU A 542 -26.16 21.04 45.11
N SER A 543 -25.81 20.57 46.31
CA SER A 543 -24.42 20.55 46.72
C SER A 543 -23.63 19.47 45.99
N ARG A 544 -24.26 18.33 45.70
CA ARG A 544 -23.55 17.29 44.95
C ARG A 544 -23.30 17.72 43.52
N SER A 545 -24.24 18.44 42.92
CA SER A 545 -24.02 18.97 41.58
C SER A 545 -22.94 20.03 41.59
N ALA A 546 -22.88 20.84 42.65
CA ALA A 546 -21.82 21.84 42.78
C ALA A 546 -20.46 21.18 42.91
N THR A 547 -20.36 20.13 43.74
CA THR A 547 -19.08 19.47 43.94
C THR A 547 -18.65 18.68 42.70
N PHE A 548 -19.60 18.13 41.96
CA PHE A 548 -19.26 17.45 40.72
C PHE A 548 -18.75 18.41 39.67
N SER A 549 -19.40 19.57 39.54
CA SER A 549 -18.89 20.59 38.61
C SER A 549 -17.54 21.11 39.04
N ARG A 550 -17.34 21.26 40.34
CA ARG A 550 -16.05 21.71 40.85
C ARG A 550 -14.97 20.67 40.62
N SER A 551 -15.32 19.39 40.72
CA SER A 551 -14.38 18.33 40.44
C SER A 551 -13.98 18.29 38.98
N MET A 552 -14.95 18.50 38.08
CA MET A 552 -14.61 18.46 36.67
C MET A 552 -13.80 19.68 36.24
N SER A 553 -14.13 20.86 36.77
CA SER A 553 -13.33 22.03 36.46
C SER A 553 -11.97 21.96 37.11
N LEU A 554 -11.87 21.29 38.25
CA LEU A 554 -10.60 21.13 38.93
C LEU A 554 -9.72 20.12 38.23
N PHE A 555 -10.32 19.14 37.57
CA PHE A 555 -9.53 18.18 36.83
C PHE A 555 -9.10 18.76 35.50
N PHE A 556 -10.06 19.09 34.64
CA PHE A 556 -9.74 19.39 33.26
C PHE A 556 -9.09 20.75 33.06
N LYS A 557 -9.14 21.63 34.03
CA LYS A 557 -8.60 22.96 33.81
C LYS A 557 -7.39 23.26 34.68
N VAL A 558 -7.11 22.43 35.69
CA VAL A 558 -5.94 22.64 36.54
C VAL A 558 -4.97 21.49 36.37
N TYR A 559 -5.41 20.28 36.72
CA TYR A 559 -4.53 19.12 36.81
C TYR A 559 -3.95 18.71 35.47
N ILE A 560 -4.57 19.10 34.36
CA ILE A 560 -4.05 18.76 33.05
C ILE A 560 -2.70 19.39 32.81
N ASN A 561 -2.45 20.56 33.43
CA ASN A 561 -1.15 21.21 33.33
C ASN A 561 -0.07 20.38 34.02
N GLN A 562 -0.45 19.51 34.95
CA GLN A 562 0.50 18.57 35.52
C GLN A 562 0.57 17.27 34.76
N PHE A 563 -0.46 16.90 33.99
CA PHE A 563 -0.29 15.74 33.14
C PHE A 563 0.42 16.10 31.86
N ALA A 564 0.65 17.38 31.63
CA ALA A 564 1.48 17.89 30.57
C ALA A 564 2.78 18.46 31.09
N SER A 565 3.43 17.79 32.04
CA SER A 565 4.51 18.41 32.80
C SER A 565 5.77 18.63 31.98
N ASP A 566 6.23 17.60 31.29
CA ASP A 566 7.45 17.72 30.48
C ASP A 566 7.26 17.03 29.14
N LYS A 567 6.13 17.29 28.49
CA LYS A 567 5.72 16.48 27.35
C LYS A 567 5.58 17.28 26.07
N LYS A 568 6.33 18.36 25.90
CA LYS A 568 6.64 18.95 24.59
C LYS A 568 5.40 19.41 23.81
N LEU A 569 4.31 19.71 24.50
CA LEU A 569 3.05 19.99 23.84
C LEU A 569 2.56 21.36 24.28
N SER A 570 1.41 21.77 23.76
CA SER A 570 0.76 22.98 24.27
C SER A 570 -0.73 22.77 24.29
N ILE A 571 -1.34 23.00 25.43
CA ILE A 571 -2.76 22.78 25.62
C ILE A 571 -3.47 24.07 25.27
N ILE A 572 -4.25 24.03 24.20
CA ILE A 572 -4.80 25.27 23.68
C ILE A 572 -6.07 25.67 24.43
N TYR A 573 -7.00 24.75 24.60
CA TYR A 573 -8.08 24.99 25.54
C TYR A 573 -8.54 23.66 26.12
N ALA A 574 -9.20 23.76 27.27
CA ALA A 574 -9.58 22.57 28.02
C ALA A 574 -10.72 22.93 28.95
N GLY A 575 -11.87 22.29 28.78
CA GLY A 575 -12.97 22.56 29.67
C GLY A 575 -13.76 21.34 30.11
N GLY A 576 -13.44 20.18 29.55
CA GLY A 576 -14.21 18.99 29.81
C GLY A 576 -15.21 18.72 28.71
N ASP A 577 -15.86 19.78 28.23
CA ASP A 577 -16.69 19.69 27.04
C ASP A 577 -15.85 19.39 25.81
N ASP A 578 -14.60 19.82 25.82
CA ASP A 578 -13.64 19.59 24.75
C ASP A 578 -12.27 19.97 25.30
N VAL A 579 -11.26 19.17 24.95
CA VAL A 579 -9.87 19.44 25.31
C VAL A 579 -9.06 19.30 24.05
N PHE A 580 -8.37 20.36 23.67
CA PHE A 580 -7.73 20.46 22.38
C PHE A 580 -6.26 20.75 22.60
N ALA A 581 -5.41 19.80 22.26
CA ALA A 581 -4.00 19.91 22.66
C ALA A 581 -3.13 19.52 21.49
N ILE A 582 -2.53 20.50 20.85
CA ILE A 582 -1.56 20.19 19.82
C ILE A 582 -0.25 19.78 20.50
N GLY A 583 0.60 19.09 19.76
CA GLY A 583 1.90 18.77 20.32
C GLY A 583 2.68 17.85 19.42
N SER A 584 3.70 17.23 20.01
CA SER A 584 4.61 16.32 19.32
C SER A 584 4.26 14.89 19.69
N TRP A 585 4.26 14.01 18.69
CA TRP A 585 3.25 12.96 18.69
C TRP A 585 3.48 11.85 19.69
N GLN A 586 4.73 11.50 20.01
CA GLN A 586 4.93 10.48 21.04
C GLN A 586 4.39 10.96 22.37
N ASP A 587 4.69 12.19 22.72
CA ASP A 587 4.18 12.72 23.96
C ASP A 587 2.72 13.13 23.86
N ILE A 588 2.19 13.30 22.66
CA ILE A 588 0.75 13.47 22.50
C ILE A 588 0.01 12.19 22.83
N ILE A 589 0.49 11.05 22.32
CA ILE A 589 -0.15 9.78 22.64
C ILE A 589 0.07 9.44 24.11
N ALA A 590 1.25 9.77 24.63
CA ALA A 590 1.52 9.55 26.04
C ALA A 590 0.66 10.43 26.93
N PHE A 591 0.42 11.66 26.49
CA PHE A 591 -0.45 12.59 27.21
C PHE A 591 -1.89 12.11 27.22
N THR A 592 -2.36 11.57 26.10
CA THR A 592 -3.72 11.07 26.05
C THR A 592 -3.89 9.83 26.92
N VAL A 593 -2.89 8.96 26.92
CA VAL A 593 -2.96 7.75 27.74
C VAL A 593 -2.89 8.08 29.23
N GLU A 594 -2.00 9.01 29.60
CA GLU A 594 -1.92 9.42 31.00
C GLU A 594 -3.17 10.16 31.43
N LEU A 595 -3.76 10.92 30.52
CA LEU A 595 -4.96 11.67 30.86
C LEU A 595 -6.12 10.73 31.08
N ARG A 596 -6.24 9.69 30.25
CA ARG A 596 -7.34 8.76 30.43
C ARG A 596 -7.17 7.91 31.67
N GLU A 597 -5.95 7.44 31.93
CA GLU A 597 -5.74 6.59 33.10
C GLU A 597 -5.86 7.38 34.39
N ASN A 598 -5.36 8.61 34.40
CA ASN A 598 -5.52 9.46 35.57
C ASN A 598 -6.95 9.89 35.73
N PHE A 599 -7.68 10.04 34.63
CA PHE A 599 -9.10 10.37 34.73
C PHE A 599 -9.87 9.23 35.35
N ILE A 600 -9.55 8.00 34.97
CA ILE A 600 -10.36 6.90 35.47
C ILE A 600 -9.93 6.51 36.88
N LYS A 601 -8.69 6.83 37.25
CA LYS A 601 -8.37 6.77 38.68
C LYS A 601 -9.06 7.90 39.44
N TRP A 602 -9.31 9.01 38.76
CA TRP A 602 -9.98 10.14 39.39
C TRP A 602 -11.47 9.87 39.58
N THR A 603 -12.03 9.02 38.73
CA THR A 603 -13.48 8.92 38.71
C THR A 603 -14.00 7.51 38.97
N ASN A 604 -13.09 6.52 39.04
CA ASN A 604 -13.41 5.09 39.24
C ASN A 604 -14.42 4.60 38.21
N GLY A 605 -14.13 4.87 36.95
CA GLY A 605 -15.06 4.57 35.89
C GLY A 605 -16.32 5.39 36.04
N LYS A 606 -17.43 4.83 35.53
CA LYS A 606 -18.78 5.38 35.58
C LYS A 606 -18.95 6.67 34.80
N LEU A 607 -17.88 7.18 34.19
CA LEU A 607 -17.87 8.41 33.44
C LEU A 607 -16.57 8.39 32.66
N THR A 608 -16.61 8.41 31.32
CA THR A 608 -15.42 8.14 30.52
C THR A 608 -15.23 9.23 29.48
N LEU A 609 -14.12 9.15 28.76
CA LEU A 609 -13.81 10.16 27.77
C LEU A 609 -13.32 9.51 26.49
N SER A 610 -13.53 10.20 25.38
CA SER A 610 -13.20 9.67 24.07
C SER A 610 -12.43 10.72 23.30
N ALA A 611 -11.52 10.25 22.46
CA ALA A 611 -10.46 11.10 21.96
C ALA A 611 -10.20 10.79 20.50
N GLY A 612 -9.76 11.80 19.75
CA GLY A 612 -9.27 11.60 18.41
C GLY A 612 -7.90 12.25 18.31
N ILE A 613 -6.93 11.47 17.85
CA ILE A 613 -5.55 11.91 17.80
C ILE A 613 -5.15 11.94 16.34
N GLY A 614 -5.08 13.13 15.77
CA GLY A 614 -4.66 13.26 14.39
C GLY A 614 -3.18 13.17 14.27
N LEU A 615 -2.69 13.24 13.04
CA LEU A 615 -1.25 13.25 12.81
C LEU A 615 -0.94 13.90 11.48
N PHE A 616 -0.11 14.92 11.52
CA PHE A 616 -0.02 15.91 10.47
C PHE A 616 1.44 16.31 10.33
N ALA A 617 1.82 16.71 9.12
CA ALA A 617 3.17 17.22 8.95
C ALA A 617 3.23 18.66 9.45
N ASP A 618 4.43 19.24 9.43
CA ASP A 618 4.57 20.61 9.87
C ASP A 618 4.12 21.59 8.80
N LYS A 619 4.01 22.86 9.21
CA LYS A 619 3.59 23.99 8.37
C LYS A 619 2.22 23.74 7.74
N THR A 620 1.26 23.37 8.57
CA THR A 620 -0.12 23.15 8.16
C THR A 620 -1.03 24.09 8.93
N PRO A 621 -2.26 24.33 8.47
CA PRO A 621 -3.20 25.13 9.27
C PRO A 621 -3.64 24.43 10.53
N ILE A 622 -4.34 25.19 11.37
CA ILE A 622 -4.94 24.70 12.60
C ILE A 622 -6.47 24.76 12.49
N SER A 623 -6.99 25.03 11.30
CA SER A 623 -8.42 24.90 11.06
C SER A 623 -8.72 23.57 10.39
N LEU A 624 -7.99 23.27 9.30
CA LEU A 624 -8.00 21.93 8.71
C LEU A 624 -7.62 20.88 9.72
N MET A 625 -6.59 21.14 10.51
CA MET A 625 -6.11 20.19 11.52
C MET A 625 -7.18 19.93 12.58
N ALA A 626 -7.74 21.00 13.13
CA ALA A 626 -8.75 20.86 14.15
C ALA A 626 -10.01 20.21 13.60
N HIS A 627 -10.34 20.49 12.35
CA HIS A 627 -11.53 19.89 11.75
C HIS A 627 -11.33 18.41 11.48
N GLN A 628 -10.14 18.02 11.03
CA GLN A 628 -9.91 16.61 10.73
C GLN A 628 -9.85 15.79 12.00
N THR A 629 -9.20 16.30 13.04
CA THR A 629 -9.28 15.53 14.27
C THR A 629 -10.61 15.68 14.99
N GLY A 630 -11.42 16.67 14.64
CA GLY A 630 -12.80 16.66 15.09
C GLY A 630 -13.59 15.55 14.44
N GLU A 631 -13.33 15.30 13.16
CA GLU A 631 -13.95 14.16 12.48
C GLU A 631 -13.46 12.86 13.07
N LEU A 632 -12.20 12.82 13.51
CA LEU A 632 -11.69 11.61 14.16
C LEU A 632 -12.35 11.40 15.51
N GLU A 633 -12.55 12.48 16.28
CA GLU A 633 -13.19 12.27 17.58
C GLU A 633 -14.67 11.95 17.40
N GLU A 634 -15.28 12.37 16.29
CA GLU A 634 -16.68 12.01 16.07
C GLU A 634 -16.81 10.56 15.63
N ALA A 635 -15.86 10.08 14.83
CA ALA A 635 -15.83 8.66 14.51
C ALA A 635 -15.51 7.84 15.76
N ALA A 636 -14.80 8.43 16.72
CA ALA A 636 -14.63 7.76 18.00
C ALA A 636 -15.89 7.82 18.85
N LYS A 637 -16.64 8.91 18.76
CA LYS A 637 -17.92 9.00 19.48
C LYS A 637 -18.90 7.97 18.95
N GLY A 638 -18.87 7.71 17.65
CA GLY A 638 -19.84 6.81 17.06
C GLY A 638 -19.62 5.36 17.42
N ASN A 639 -18.41 5.01 17.85
CA ASN A 639 -18.07 3.62 18.13
C ASN A 639 -18.84 3.06 19.32
N GLU A 640 -18.46 3.49 20.52
CA GLU A 640 -19.14 3.06 21.74
C GLU A 640 -19.13 4.20 22.75
N LYS A 641 -18.74 5.40 22.27
CA LYS A 641 -18.33 6.57 23.06
C LYS A 641 -17.52 6.19 24.30
N ASP A 642 -16.51 5.35 24.09
CA ASP A 642 -15.44 5.21 25.07
C ASP A 642 -14.14 4.97 24.31
N SER A 643 -13.95 5.62 23.19
CA SER A 643 -13.06 5.07 22.19
C SER A 643 -12.10 6.10 21.66
N ILE A 644 -10.95 5.63 21.20
CA ILE A 644 -9.90 6.47 20.63
C ILE A 644 -9.70 6.08 19.19
N SER A 645 -9.69 7.06 18.31
CA SER A 645 -9.34 6.83 16.92
C SER A 645 -8.01 7.49 16.64
N LEU A 646 -6.94 6.72 16.67
CA LEU A 646 -5.66 7.20 16.21
C LEU A 646 -5.72 7.38 14.71
N PHE A 647 -5.44 8.59 14.28
CA PHE A 647 -4.89 8.92 12.97
C PHE A 647 -5.86 8.77 11.81
N SER A 648 -7.00 8.13 11.99
CA SER A 648 -7.77 7.69 10.84
C SER A 648 -9.21 7.43 11.20
N SER A 649 -10.01 7.18 10.17
CA SER A 649 -11.44 7.01 10.37
C SER A 649 -11.76 5.58 10.77
N ASP A 650 -10.95 4.63 10.34
CA ASP A 650 -10.81 3.35 11.02
C ASP A 650 -9.85 3.54 12.19
N TYR A 651 -9.36 2.42 12.74
CA TYR A 651 -8.42 2.36 13.87
C TYR A 651 -9.07 2.86 15.15
N THR A 652 -10.38 2.97 15.17
CA THR A 652 -11.13 3.43 16.33
C THR A 652 -11.20 2.27 17.31
N PHE A 653 -10.27 2.23 18.25
CA PHE A 653 -10.21 1.18 19.24
C PHE A 653 -11.00 1.62 20.45
N LYS A 654 -11.44 0.66 21.26
CA LYS A 654 -11.84 1.04 22.61
C LYS A 654 -10.61 1.50 23.36
N PHE A 655 -10.83 2.36 24.36
CA PHE A 655 -9.68 3.05 24.94
C PHE A 655 -8.91 2.10 25.82
N ASP A 656 -9.63 1.20 26.49
CA ASP A 656 -8.99 0.23 27.36
C ASP A 656 -8.17 -0.76 26.56
N ARG A 657 -8.68 -1.19 25.41
CA ARG A 657 -7.91 -2.08 24.56
C ARG A 657 -6.72 -1.38 23.95
N PHE A 658 -6.83 -0.09 23.70
CA PHE A 658 -5.67 0.66 23.22
C PHE A 658 -4.59 0.75 24.29
N ILE A 659 -4.97 0.89 25.55
CA ILE A 659 -3.95 1.02 26.57
C ILE A 659 -3.39 -0.35 26.95
N THR A 660 -4.24 -1.27 27.35
CA THR A 660 -3.72 -2.52 27.90
C THR A 660 -3.58 -3.61 26.86
N ASN A 661 -3.86 -3.34 25.59
CA ASN A 661 -3.58 -4.36 24.57
C ASN A 661 -2.91 -3.80 23.33
N VAL A 662 -2.47 -2.56 23.32
CA VAL A 662 -1.67 -2.08 22.19
C VAL A 662 -0.33 -1.57 22.69
N TYR A 663 -0.32 -0.58 23.59
CA TYR A 663 0.93 -0.17 24.20
C TYR A 663 1.53 -1.26 25.08
N ASP A 664 0.81 -1.67 26.13
CA ASP A 664 1.41 -2.53 27.14
C ASP A 664 1.53 -3.99 26.72
N ASP A 665 0.88 -4.41 25.63
CA ASP A 665 0.95 -5.81 25.22
C ASP A 665 1.64 -5.99 23.87
N LYS A 666 1.13 -5.37 22.80
CA LYS A 666 1.64 -5.75 21.49
C LYS A 666 2.88 -4.96 21.09
N LEU A 667 2.89 -3.67 21.34
CA LEU A 667 4.00 -2.86 20.86
C LEU A 667 5.25 -3.06 21.70
N GLU A 668 5.12 -3.43 22.97
CA GLU A 668 6.31 -3.80 23.72
C GLU A 668 6.89 -5.12 23.22
N GLN A 669 6.04 -6.06 22.81
CA GLN A 669 6.53 -7.31 22.25
C GLN A 669 7.05 -7.16 20.83
N ILE A 670 6.69 -6.09 20.14
CA ILE A 670 7.31 -5.80 18.85
C ILE A 670 8.65 -5.12 19.05
N ARG A 671 8.70 -4.15 19.97
CA ARG A 671 9.93 -3.42 20.26
C ARG A 671 10.98 -4.34 20.88
N TYR A 672 10.56 -5.31 21.68
CA TYR A 672 11.50 -6.24 22.28
C TYR A 672 12.04 -7.22 21.25
N PHE A 673 11.31 -7.46 20.17
CA PHE A 673 11.86 -8.30 19.12
C PHE A 673 12.87 -7.52 18.28
N PHE A 674 12.43 -6.42 17.67
CA PHE A 674 13.25 -5.84 16.61
C PHE A 674 14.45 -5.05 17.10
N ASN A 675 14.60 -4.86 18.41
CA ASN A 675 15.80 -4.21 18.93
C ASN A 675 16.81 -5.20 19.49
N HIS A 676 16.47 -6.48 19.55
CA HIS A 676 17.40 -7.49 20.05
C HIS A 676 17.78 -8.48 18.97
N GLN A 677 17.68 -8.09 17.71
CA GLN A 677 18.13 -8.91 16.60
C GLN A 677 18.54 -7.99 15.46
N ASP A 678 19.50 -8.45 14.67
CA ASP A 678 20.05 -7.65 13.58
C ASP A 678 19.59 -8.06 12.20
N GLU A 679 19.13 -9.30 12.02
CA GLU A 679 18.94 -9.79 10.66
C GLU A 679 17.63 -9.32 10.03
N ARG A 680 16.56 -9.18 10.80
CA ARG A 680 15.28 -8.69 10.29
C ARG A 680 15.19 -7.20 10.56
N GLY A 681 14.63 -6.46 9.61
CA GLY A 681 14.62 -5.01 9.71
C GLY A 681 13.29 -4.42 9.29
N LYS A 682 13.38 -3.29 8.59
CA LYS A 682 12.20 -2.56 8.14
C LYS A 682 11.39 -3.35 7.12
N ASN A 683 12.06 -4.13 6.28
CA ASN A 683 11.40 -4.74 5.13
C ASN A 683 10.44 -5.83 5.58
N PHE A 684 10.84 -6.62 6.56
CA PHE A 684 9.97 -7.59 7.18
C PHE A 684 8.74 -6.92 7.77
N ILE A 685 8.92 -5.75 8.39
CA ILE A 685 7.80 -5.06 9.02
C ILE A 685 6.83 -4.54 7.97
N TYR A 686 7.35 -3.99 6.86
CA TYR A 686 6.49 -3.48 5.80
C TYR A 686 5.70 -4.61 5.15
N LYS A 687 6.35 -5.76 4.94
CA LYS A 687 5.65 -6.89 4.35
C LYS A 687 4.67 -7.53 5.33
N LEU A 688 4.85 -7.34 6.63
CA LEU A 688 3.81 -7.77 7.57
C LEU A 688 2.64 -6.80 7.60
N ILE A 689 2.92 -5.50 7.49
CA ILE A 689 1.87 -4.48 7.48
C ILE A 689 0.96 -4.68 6.28
N GLU A 690 1.53 -5.05 5.14
CA GLU A 690 0.71 -5.31 3.95
C GLU A 690 -0.22 -6.52 4.14
N LEU A 691 0.30 -7.59 4.75
CA LEU A 691 -0.53 -8.77 4.96
C LEU A 691 -1.58 -8.54 6.02
N LEU A 692 -1.31 -7.63 6.96
CA LEU A 692 -2.36 -7.23 7.91
C LEU A 692 -3.40 -6.36 7.26
N ARG A 693 -2.99 -5.57 6.27
CA ARG A 693 -3.91 -4.63 5.64
C ARG A 693 -4.78 -5.31 4.59
N ASN A 694 -4.33 -6.43 4.02
CA ASN A 694 -5.16 -7.13 3.03
C ASN A 694 -6.07 -8.17 3.68
N HIS A 695 -5.47 -9.21 4.27
CA HIS A 695 -6.14 -10.26 5.04
C HIS A 695 -7.27 -10.96 4.27
N ASP A 696 -6.88 -11.70 3.24
CA ASP A 696 -7.79 -12.69 2.69
C ASP A 696 -7.75 -13.94 3.56
N ARG A 697 -8.48 -14.97 3.15
CA ARG A 697 -8.21 -16.29 3.71
C ARG A 697 -6.89 -16.82 3.18
N MET A 698 -6.53 -16.42 1.97
CA MET A 698 -5.28 -16.87 1.37
C MET A 698 -4.06 -16.24 2.03
N ASN A 699 -4.19 -15.01 2.53
CA ASN A 699 -3.07 -14.36 3.18
C ASN A 699 -2.72 -14.96 4.51
N MET A 700 -3.62 -15.73 5.13
CA MET A 700 -3.22 -16.53 6.28
C MET A 700 -2.21 -17.59 5.89
N ALA A 701 -2.46 -18.30 4.79
CA ALA A 701 -1.52 -19.31 4.32
C ALA A 701 -0.25 -18.68 3.80
N ARG A 702 -0.38 -17.51 3.18
CA ARG A 702 0.77 -16.82 2.63
C ARG A 702 1.66 -16.27 3.73
N LEU A 703 1.05 -15.78 4.82
CA LEU A 703 1.78 -15.35 6.00
C LEU A 703 2.40 -16.53 6.74
N ALA A 704 1.71 -17.68 6.75
CA ALA A 704 2.25 -18.89 7.35
C ALA A 704 3.50 -19.35 6.61
N TYR A 705 3.44 -19.35 5.29
CA TYR A 705 4.59 -19.72 4.46
C TYR A 705 5.73 -18.73 4.64
N TYR A 706 5.41 -17.44 4.71
CA TYR A 706 6.43 -16.41 4.87
C TYR A 706 7.17 -16.54 6.20
N LEU A 707 6.43 -16.72 7.29
CA LEU A 707 7.06 -16.81 8.59
C LEU A 707 7.82 -18.11 8.78
N THR A 708 7.30 -19.24 8.26
CA THR A 708 8.06 -20.48 8.35
C THR A 708 9.28 -20.43 7.44
N ARG A 709 9.19 -19.70 6.34
CA ARG A 709 10.30 -19.58 5.42
C ARG A 709 11.40 -18.71 6.00
N LEU A 710 11.03 -17.77 6.87
CA LEU A 710 12.04 -16.95 7.54
C LEU A 710 12.49 -17.50 8.89
N GLU A 711 11.82 -18.53 9.42
CA GLU A 711 12.42 -19.35 10.49
C GLU A 711 13.81 -19.80 10.11
N GLU A 712 13.91 -20.53 9.00
CA GLU A 712 15.11 -21.25 8.64
C GLU A 712 16.25 -20.32 8.29
N LEU A 713 15.96 -19.11 7.83
CA LEU A 713 16.98 -18.19 7.37
C LEU A 713 17.73 -17.52 8.52
N THR A 714 17.29 -17.67 9.77
CA THR A 714 17.94 -17.06 10.92
C THR A 714 19.12 -17.91 11.42
N ARG A 715 19.97 -17.29 12.25
CA ARG A 715 21.32 -17.76 12.53
C ARG A 715 21.41 -18.99 13.44
N GLU A 716 20.29 -19.61 13.82
CA GLU A 716 20.15 -20.76 14.73
C GLU A 716 20.44 -20.38 16.19
N THR A 717 20.93 -19.17 16.42
CA THR A 717 21.03 -18.58 17.74
C THR A 717 19.88 -17.63 18.00
N ASP A 718 19.33 -17.05 16.93
CA ASP A 718 18.15 -16.22 16.98
C ASP A 718 16.95 -16.93 16.37
N ARG A 719 17.06 -18.22 16.09
CA ARG A 719 15.94 -18.94 15.53
C ARG A 719 14.88 -19.22 16.58
N ASP A 720 15.28 -19.32 17.85
CA ASP A 720 14.32 -19.52 18.92
C ASP A 720 13.52 -18.24 19.19
N LYS A 721 14.20 -17.09 19.18
CA LYS A 721 13.52 -15.83 19.43
C LYS A 721 12.64 -15.43 18.27
N PHE A 722 13.11 -15.68 17.04
CA PHE A 722 12.24 -15.50 15.88
C PHE A 722 11.09 -16.48 15.90
N LYS A 723 11.27 -17.67 16.46
CA LYS A 723 10.15 -18.61 16.54
C LYS A 723 9.10 -18.14 17.52
N THR A 724 9.53 -17.51 18.63
CA THR A 724 8.55 -16.95 19.56
C THR A 724 7.78 -15.81 18.93
N PHE A 725 8.48 -14.94 18.18
CA PHE A 725 7.77 -13.86 17.49
C PHE A 725 6.88 -14.39 16.38
N LYS A 726 7.30 -15.49 15.73
CA LYS A 726 6.49 -16.15 14.71
C LYS A 726 5.18 -16.65 15.30
N ASN A 727 5.26 -17.28 16.46
CA ASN A 727 4.06 -17.82 17.09
C ASN A 727 3.13 -16.72 17.56
N LEU A 728 3.68 -15.64 18.12
CA LEU A 728 2.82 -14.54 18.56
C LEU A 728 2.17 -13.83 17.37
N PHE A 729 2.93 -13.59 16.30
CA PHE A 729 2.35 -12.86 15.17
C PHE A 729 1.34 -13.72 14.41
N TYR A 730 1.61 -15.01 14.25
CA TYR A 730 0.64 -15.85 13.56
C TYR A 730 -0.60 -16.05 14.42
N SER A 731 -0.43 -16.07 15.74
CA SER A 731 -1.58 -16.27 16.62
C SER A 731 -2.47 -15.05 16.64
N TRP A 732 -1.89 -13.84 16.59
CA TRP A 732 -2.77 -12.69 16.49
C TRP A 732 -2.95 -12.24 15.05
N TYR A 733 -2.59 -13.08 14.09
CA TYR A 733 -3.06 -12.87 12.72
C TYR A 733 -4.27 -13.75 12.43
N THR A 734 -4.23 -15.01 12.86
CA THR A 734 -5.30 -15.96 12.59
C THR A 734 -6.38 -15.96 13.65
N ASN A 735 -6.37 -15.02 14.58
CA ASN A 735 -7.46 -14.89 15.52
C ASN A 735 -8.67 -14.33 14.79
N LYS A 736 -9.80 -15.02 14.88
CA LYS A 736 -10.98 -14.72 14.08
C LYS A 736 -11.66 -13.43 14.51
N ASN A 737 -11.45 -12.99 15.75
CA ASN A 737 -12.25 -11.92 16.34
C ASN A 737 -12.00 -10.53 15.77
N ASP A 738 -10.97 -10.36 14.93
CA ASP A 738 -10.57 -9.11 14.27
C ASP A 738 -10.22 -8.01 15.26
N LYS A 739 -9.88 -8.35 16.49
CA LYS A 739 -9.41 -7.34 17.42
C LYS A 739 -7.90 -7.24 17.35
N ASP A 740 -7.22 -8.37 17.58
CA ASP A 740 -5.78 -8.53 17.59
C ASP A 740 -5.14 -8.38 16.22
N ARG A 741 -5.92 -8.17 15.17
CA ARG A 741 -5.35 -7.99 13.84
C ARG A 741 -5.20 -6.52 13.52
N LYS A 742 -6.24 -5.73 13.72
CA LYS A 742 -6.09 -4.29 13.52
C LYS A 742 -5.32 -3.64 14.66
N GLU A 743 -5.37 -4.23 15.86
CA GLU A 743 -4.49 -3.75 16.92
C GLU A 743 -3.02 -4.00 16.61
N ALA A 744 -2.72 -5.17 16.03
CA ALA A 744 -1.34 -5.45 15.60
C ALA A 744 -0.92 -4.56 14.45
N GLU A 745 -1.87 -4.24 13.56
CA GLU A 745 -1.54 -3.35 12.45
C GLU A 745 -1.19 -1.97 12.95
N LEU A 746 -1.96 -1.46 13.91
CA LEU A 746 -1.65 -0.15 14.48
C LEU A 746 -0.36 -0.18 15.29
N ALA A 747 -0.08 -1.29 15.98
CA ALA A 747 1.16 -1.39 16.73
C ALA A 747 2.36 -1.39 15.80
N LEU A 748 2.24 -2.03 14.65
CA LEU A 748 3.31 -1.99 13.67
C LEU A 748 3.43 -0.62 13.01
N LEU A 749 2.31 0.10 12.83
CA LEU A 749 2.38 1.45 12.30
C LEU A 749 3.12 2.38 13.26
N LEU A 750 2.79 2.29 14.56
CA LEU A 750 3.46 3.14 15.54
C LEU A 750 4.92 2.78 15.69
N TYR A 751 5.23 1.48 15.65
CA TYR A 751 6.61 1.08 15.81
C TYR A 751 7.45 1.48 14.60
N ILE A 752 6.90 1.37 13.39
CA ILE A 752 7.68 1.77 12.23
C ILE A 752 7.65 3.28 12.04
N TYR A 753 6.75 3.98 12.74
CA TYR A 753 6.87 5.43 12.85
C TYR A 753 8.02 5.83 13.74
N GLU A 754 8.12 5.21 14.91
CA GLU A 754 9.07 5.69 15.91
C GLU A 754 10.50 5.24 15.65
N ILE A 755 10.78 4.51 14.58
CA ILE A 755 12.14 4.09 14.25
C ILE A 755 12.59 4.62 12.90
N ARG A 756 11.86 5.54 12.29
CA ARG A 756 12.26 6.07 11.00
C ARG A 756 13.34 7.14 11.18
N LYS A 757 14.38 7.08 10.36
CA LYS A 757 15.46 8.05 10.36
C LYS A 757 15.01 9.26 9.53
N ASP A 758 15.92 10.17 9.22
CA ASP A 758 15.60 11.30 8.36
C ASP A 758 15.54 10.80 6.90
N ILE B 3 -9.05 -37.48 -34.53
CA ILE B 3 -8.77 -36.06 -34.30
C ILE B 3 -8.71 -35.82 -32.80
N LEU B 4 -7.80 -34.96 -32.39
CA LEU B 4 -7.68 -34.56 -31.00
C LEU B 4 -7.40 -33.06 -30.94
N THR B 5 -8.27 -32.33 -30.24
CA THR B 5 -8.13 -30.91 -30.06
C THR B 5 -7.42 -30.65 -28.73
N ASP B 6 -7.36 -29.40 -28.30
CA ASP B 6 -6.63 -29.10 -27.07
C ASP B 6 -7.46 -29.34 -25.83
N GLU B 7 -8.75 -29.62 -25.97
CA GLU B 7 -9.60 -29.85 -24.82
C GLU B 7 -9.95 -31.31 -24.64
N ASN B 8 -9.46 -32.21 -25.50
CA ASN B 8 -9.81 -33.61 -25.37
C ASN B 8 -8.64 -34.58 -25.40
N TYR B 9 -7.41 -34.14 -25.70
CA TYR B 9 -6.36 -35.12 -25.96
C TYR B 9 -5.87 -35.84 -24.72
N VAL B 10 -6.26 -35.38 -23.53
CA VAL B 10 -5.85 -36.05 -22.30
C VAL B 10 -6.88 -37.09 -21.88
N ASP B 11 -8.17 -36.76 -22.00
CA ASP B 11 -9.21 -37.71 -21.70
C ASP B 11 -9.29 -38.81 -22.75
N ILE B 12 -8.96 -38.49 -24.00
CA ILE B 12 -8.82 -39.52 -25.04
C ILE B 12 -7.70 -40.48 -24.69
N ALA B 13 -6.58 -39.95 -24.17
CA ALA B 13 -5.45 -40.80 -23.80
C ALA B 13 -5.78 -41.67 -22.59
N GLU B 14 -6.49 -41.12 -21.61
CA GLU B 14 -6.92 -41.91 -20.45
C GLU B 14 -7.87 -43.03 -20.87
N LYS B 15 -8.87 -42.71 -21.70
CA LYS B 15 -9.81 -43.72 -22.16
C LYS B 15 -9.16 -44.70 -23.11
N ALA B 16 -8.04 -44.35 -23.75
CA ALA B 16 -7.35 -45.28 -24.62
C ALA B 16 -6.48 -46.25 -23.83
N ILE B 17 -5.84 -45.77 -22.76
CA ILE B 17 -5.08 -46.68 -21.90
C ILE B 17 -6.02 -47.61 -21.14
N LEU B 18 -7.21 -47.12 -20.79
CA LEU B 18 -8.21 -48.03 -20.22
C LEU B 18 -8.74 -49.02 -21.25
N LYS B 19 -8.76 -48.63 -22.52
CA LYS B 19 -9.18 -49.49 -23.62
C LYS B 19 -8.15 -50.57 -23.94
N LEU B 20 -6.94 -50.46 -23.40
CA LEU B 20 -5.82 -51.26 -23.82
C LEU B 20 -5.93 -52.68 -23.26
N GLU B 21 -5.35 -53.63 -23.99
CA GLU B 21 -5.46 -55.05 -23.65
C GLU B 21 -4.64 -55.35 -22.40
N ARG B 22 -5.21 -56.18 -21.52
CA ARG B 22 -4.58 -56.53 -20.27
C ARG B 22 -4.29 -58.03 -20.20
N ASN B 23 -3.48 -58.40 -19.21
CA ASN B 23 -3.09 -59.80 -18.98
C ASN B 23 -4.29 -60.54 -18.41
N THR B 24 -4.94 -61.35 -19.24
CA THR B 24 -5.98 -62.24 -18.74
C THR B 24 -5.38 -63.36 -17.89
N ARG B 25 -4.20 -63.83 -18.28
CA ARG B 25 -3.46 -64.81 -17.49
C ARG B 25 -2.66 -64.08 -16.42
N ASN B 26 -1.78 -64.80 -15.72
CA ASN B 26 -0.92 -64.30 -14.65
C ASN B 26 -1.77 -63.68 -13.53
N ARG B 27 -2.49 -64.56 -12.84
CA ARG B 27 -3.38 -64.17 -11.74
C ARG B 27 -2.65 -63.46 -10.60
N LYS B 28 -1.35 -63.69 -10.44
CA LYS B 28 -0.53 -62.81 -9.61
C LYS B 28 -0.40 -61.46 -10.33
N ASN B 29 -0.87 -60.40 -9.68
CA ASN B 29 -1.06 -59.05 -10.21
C ASN B 29 -1.87 -59.07 -11.51
N PRO B 30 -3.19 -59.29 -11.45
CA PRO B 30 -3.99 -59.26 -12.67
C PRO B 30 -4.26 -57.81 -13.07
N ASP B 31 -4.95 -57.67 -14.21
CA ASP B 31 -5.18 -56.37 -14.87
C ASP B 31 -3.89 -55.62 -15.15
N ALA B 32 -2.81 -56.35 -15.39
CA ALA B 32 -1.58 -55.76 -15.91
C ALA B 32 -1.62 -55.84 -17.43
N PHE B 33 -0.90 -54.94 -18.08
CA PHE B 33 -0.98 -54.83 -19.52
C PHE B 33 -0.05 -55.84 -20.19
N PHE B 34 -0.34 -56.15 -21.45
CA PHE B 34 0.65 -56.81 -22.31
C PHE B 34 1.52 -55.79 -23.01
N LEU B 35 2.05 -54.84 -22.27
CA LEU B 35 2.65 -53.66 -22.86
C LEU B 35 3.48 -53.04 -21.77
N THR B 36 4.78 -52.97 -21.97
CA THR B 36 5.69 -52.55 -20.93
C THR B 36 6.03 -51.08 -21.09
N THR B 37 6.66 -50.53 -20.05
CA THR B 37 7.01 -49.12 -20.05
C THR B 37 8.08 -48.81 -21.09
N SER B 38 8.93 -49.79 -21.40
CA SER B 38 10.03 -49.57 -22.33
C SER B 38 9.53 -49.38 -23.75
N LYS B 39 8.55 -50.18 -24.17
CA LYS B 39 8.00 -50.07 -25.52
C LYS B 39 7.25 -48.76 -25.72
N LEU B 40 6.53 -48.29 -24.70
CA LEU B 40 5.82 -47.03 -24.85
C LEU B 40 6.75 -45.85 -24.74
N ARG B 41 7.80 -45.94 -23.93
CA ARG B 41 8.71 -44.82 -23.89
C ARG B 41 9.67 -44.78 -25.06
N ASN B 42 9.79 -45.87 -25.81
CA ASN B 42 10.37 -45.77 -27.15
C ASN B 42 9.52 -44.86 -28.03
N LEU B 43 8.20 -45.00 -27.97
CA LEU B 43 7.31 -44.17 -28.78
C LEU B 43 7.35 -42.72 -28.30
N LEU B 44 7.49 -42.49 -27.00
CA LEU B 44 7.66 -41.13 -26.51
C LEU B 44 8.99 -40.54 -26.91
N SER B 45 10.04 -41.37 -26.96
CA SER B 45 11.35 -40.91 -27.40
C SER B 45 11.39 -40.63 -28.89
N LEU B 46 10.45 -41.18 -29.66
CA LEU B 46 10.34 -40.80 -31.06
C LEU B 46 9.98 -39.33 -31.20
N THR B 47 9.10 -38.83 -30.33
CA THR B 47 8.51 -37.52 -30.49
C THR B 47 9.11 -36.47 -29.56
N SER B 48 9.97 -36.86 -28.63
CA SER B 48 10.57 -35.90 -27.70
C SER B 48 11.45 -34.89 -28.42
N THR B 49 12.23 -35.35 -29.39
CA THR B 49 13.07 -34.42 -30.15
C THR B 49 12.27 -33.52 -31.08
N LEU B 50 11.15 -33.99 -31.62
CA LEU B 50 10.29 -33.10 -32.40
C LEU B 50 9.51 -32.16 -31.52
N PHE B 51 9.30 -32.48 -30.25
CA PHE B 51 8.72 -31.47 -29.37
C PHE B 51 9.75 -30.40 -29.03
N ASP B 52 10.99 -30.82 -28.77
CA ASP B 52 12.01 -29.87 -28.35
C ASP B 52 12.43 -28.96 -29.50
N GLU B 53 12.76 -29.53 -30.66
CA GLU B 53 13.15 -28.70 -31.80
C GLU B 53 11.98 -28.32 -32.69
N SER B 54 10.92 -27.81 -32.05
CA SER B 54 9.83 -27.14 -32.74
C SER B 54 9.39 -25.88 -32.05
N LYS B 55 9.76 -25.69 -30.79
CA LYS B 55 9.67 -24.39 -30.16
C LYS B 55 10.77 -23.48 -30.65
N VAL B 56 11.82 -24.04 -31.23
CA VAL B 56 12.95 -23.29 -31.75
C VAL B 56 12.84 -23.12 -33.26
N LYS B 57 12.62 -24.22 -33.98
CA LYS B 57 12.65 -24.17 -35.42
C LYS B 57 11.31 -23.74 -36.01
N GLU B 58 11.37 -23.27 -37.25
CA GLU B 58 10.17 -23.08 -38.05
C GLU B 58 9.61 -24.44 -38.44
N TYR B 59 8.31 -24.47 -38.72
CA TYR B 59 7.65 -25.75 -39.01
C TYR B 59 8.10 -26.35 -40.33
N ASP B 60 8.49 -25.52 -41.29
CA ASP B 60 8.83 -26.03 -42.61
C ASP B 60 10.18 -26.74 -42.64
N ALA B 61 11.01 -26.53 -41.62
CA ALA B 61 12.25 -27.28 -41.47
C ALA B 61 12.05 -28.64 -40.82
N LEU B 62 10.80 -29.01 -40.53
CA LEU B 62 10.50 -30.21 -39.78
C LEU B 62 9.61 -31.18 -40.53
N LEU B 63 9.29 -30.91 -41.80
CA LEU B 63 8.43 -31.82 -42.56
C LEU B 63 9.13 -33.13 -42.84
N ASP B 64 10.46 -33.10 -42.84
CA ASP B 64 11.30 -34.28 -43.05
C ASP B 64 11.11 -35.32 -41.93
N ARG B 65 11.32 -34.90 -40.68
CA ARG B 65 11.26 -35.87 -39.59
C ARG B 65 9.82 -36.17 -39.18
N ILE B 66 8.90 -35.23 -39.41
CA ILE B 66 7.48 -35.55 -39.19
C ILE B 66 6.99 -36.53 -40.24
N ALA B 67 7.49 -36.41 -41.47
CA ALA B 67 7.19 -37.41 -42.49
C ALA B 67 7.81 -38.75 -42.15
N TYR B 68 8.97 -38.75 -41.51
CA TYR B 68 9.57 -40.00 -41.09
C TYR B 68 8.88 -40.61 -39.88
N LEU B 69 8.15 -39.83 -39.08
CA LEU B 69 7.37 -40.41 -37.97
C LEU B 69 6.32 -41.39 -38.46
N ARG B 70 5.74 -41.14 -39.64
CA ARG B 70 4.85 -42.08 -40.31
C ARG B 70 5.51 -43.44 -40.48
N VAL B 71 6.77 -43.44 -40.89
CA VAL B 71 7.55 -44.67 -41.03
C VAL B 71 7.85 -45.27 -39.67
N GLN B 72 8.23 -44.45 -38.72
CA GLN B 72 8.80 -44.95 -37.49
C GLN B 72 7.75 -45.54 -36.55
N PHE B 73 6.56 -44.96 -36.49
CA PHE B 73 5.49 -45.55 -35.68
C PHE B 73 4.99 -46.86 -36.26
N VAL B 74 4.88 -46.97 -37.58
CA VAL B 74 4.41 -48.23 -38.14
C VAL B 74 5.51 -49.28 -38.07
N TYR B 75 6.78 -48.87 -38.04
CA TYR B 75 7.85 -49.83 -37.80
C TYR B 75 7.84 -50.34 -36.37
N GLN B 76 7.64 -49.44 -35.41
CA GLN B 76 7.55 -49.88 -34.01
C GLN B 76 6.29 -50.70 -33.76
N ALA B 77 5.24 -50.47 -34.53
CA ALA B 77 4.03 -51.29 -34.41
C ALA B 77 4.14 -52.59 -35.19
N GLY B 78 5.12 -52.71 -36.08
CA GLY B 78 5.35 -53.95 -36.79
C GLY B 78 5.76 -55.06 -35.87
N ARG B 79 6.93 -54.93 -35.26
CA ARG B 79 7.36 -55.88 -34.25
C ARG B 79 6.64 -55.60 -32.94
N GLU B 80 6.54 -56.65 -32.11
CA GLU B 80 5.88 -56.61 -30.79
C GLU B 80 4.42 -56.19 -30.94
N ILE B 81 3.62 -57.12 -31.45
CA ILE B 81 2.26 -56.90 -31.93
C ILE B 81 1.27 -56.40 -30.89
N ALA B 82 1.68 -56.32 -29.63
CA ALA B 82 0.85 -55.68 -28.61
C ALA B 82 1.14 -54.19 -28.46
N VAL B 83 2.19 -53.68 -29.10
CA VAL B 83 2.30 -52.24 -29.29
C VAL B 83 1.45 -51.80 -30.47
N LYS B 84 1.29 -52.69 -31.47
CA LYS B 84 0.35 -52.50 -32.56
C LYS B 84 -1.07 -52.26 -32.04
N ASP B 85 -1.43 -52.96 -30.96
CA ASP B 85 -2.72 -52.76 -30.32
C ASP B 85 -2.86 -51.36 -29.75
N LEU B 86 -1.77 -50.80 -29.21
CA LEU B 86 -1.84 -49.45 -28.67
C LEU B 86 -1.87 -48.42 -29.79
N ILE B 87 -1.18 -48.69 -30.89
CA ILE B 87 -1.23 -47.78 -32.04
C ILE B 87 -2.62 -47.77 -32.65
N GLU B 88 -3.31 -48.92 -32.62
CA GLU B 88 -4.67 -48.95 -33.16
C GLU B 88 -5.67 -48.31 -32.19
N LYS B 89 -5.59 -48.65 -30.91
CA LYS B 89 -6.52 -48.15 -29.89
C LYS B 89 -6.41 -46.64 -29.73
N ALA B 90 -5.28 -46.18 -29.25
CA ALA B 90 -4.97 -44.76 -29.24
C ALA B 90 -4.61 -44.39 -30.66
N GLN B 91 -5.52 -43.71 -31.36
CA GLN B 91 -5.38 -43.51 -32.80
C GLN B 91 -4.23 -42.54 -33.08
N ILE B 92 -3.06 -43.11 -33.30
CA ILE B 92 -1.82 -42.36 -33.49
C ILE B 92 -1.54 -42.16 -34.97
N LEU B 93 -1.72 -43.20 -35.77
CA LEU B 93 -1.52 -43.07 -37.21
C LEU B 93 -2.60 -42.20 -37.84
N GLU B 94 -3.80 -42.20 -37.25
CA GLU B 94 -4.82 -41.22 -37.63
C GLU B 94 -4.40 -39.81 -37.26
N ALA B 95 -3.82 -39.63 -36.07
CA ALA B 95 -3.47 -38.32 -35.57
C ALA B 95 -2.19 -37.76 -36.19
N LEU B 96 -1.34 -38.61 -36.76
CA LEU B 96 -0.13 -38.12 -37.42
C LEU B 96 -0.45 -37.44 -38.74
N LYS B 97 -1.54 -37.82 -39.39
CA LYS B 97 -1.90 -37.21 -40.67
C LYS B 97 -2.42 -35.80 -40.52
N GLU B 98 -2.89 -35.44 -39.32
CA GLU B 98 -3.48 -34.14 -39.08
C GLU B 98 -2.46 -33.09 -38.65
N ILE B 99 -1.19 -33.46 -38.49
CA ILE B 99 -0.17 -32.48 -38.11
C ILE B 99 0.10 -31.57 -39.30
N LYS B 100 -0.33 -30.31 -39.19
CA LYS B 100 -0.20 -29.33 -40.25
C LYS B 100 0.41 -28.02 -39.81
N ASP B 101 0.67 -27.83 -38.52
CA ASP B 101 1.20 -26.58 -38.00
C ASP B 101 2.03 -26.92 -36.77
N ARG B 102 2.65 -25.90 -36.16
CA ARG B 102 3.40 -26.09 -34.92
C ARG B 102 2.49 -26.52 -33.78
N GLU B 103 1.29 -25.93 -33.70
CA GLU B 103 0.40 -26.19 -32.57
C GLU B 103 -0.13 -27.61 -32.59
N THR B 104 -0.41 -28.14 -33.78
CA THR B 104 -0.90 -29.51 -33.89
C THR B 104 0.21 -30.52 -33.60
N LEU B 105 1.43 -30.21 -34.05
CA LEU B 105 2.60 -31.03 -33.75
C LEU B 105 2.84 -31.12 -32.25
N GLN B 106 2.84 -29.98 -31.57
CA GLN B 106 3.07 -29.97 -30.14
C GLN B 106 1.91 -30.59 -29.39
N ARG B 107 0.69 -30.49 -29.93
CA ARG B 107 -0.45 -31.18 -29.33
C ARG B 107 -0.32 -32.69 -29.44
N PHE B 108 0.24 -33.18 -30.55
CA PHE B 108 0.46 -34.63 -30.67
C PHE B 108 1.57 -35.10 -29.74
N CYS B 109 2.63 -34.29 -29.59
CA CYS B 109 3.70 -34.65 -28.67
C CYS B 109 3.19 -34.68 -27.24
N ARG B 110 2.34 -33.72 -26.88
CA ARG B 110 1.73 -33.76 -25.56
C ARG B 110 0.68 -34.84 -25.44
N TYR B 111 0.10 -35.32 -26.55
CA TYR B 111 -0.74 -36.51 -26.51
C TYR B 111 0.08 -37.75 -26.17
N MET B 112 1.30 -37.82 -26.71
CA MET B 112 2.18 -38.94 -26.35
C MET B 112 2.60 -38.88 -24.89
N GLU B 113 2.89 -37.67 -24.39
CA GLU B 113 3.17 -37.54 -22.96
C GLU B 113 1.94 -37.86 -22.11
N ALA B 114 0.74 -37.61 -22.64
CA ALA B 114 -0.48 -37.98 -21.91
C ALA B 114 -0.66 -39.48 -21.85
N LEU B 115 -0.32 -40.18 -22.95
CA LEU B 115 -0.35 -41.64 -22.96
C LEU B 115 0.62 -42.22 -21.94
N VAL B 116 1.83 -41.67 -21.88
CA VAL B 116 2.83 -42.20 -20.93
C VAL B 116 2.44 -41.86 -19.49
N ALA B 117 1.80 -40.72 -19.29
CA ALA B 117 1.30 -40.33 -17.97
C ALA B 117 0.22 -41.28 -17.48
N TYR B 118 -0.81 -41.51 -18.31
CA TYR B 118 -1.86 -42.43 -17.89
C TYR B 118 -1.45 -43.88 -17.94
N PHE B 119 -0.30 -44.20 -18.53
CA PHE B 119 0.18 -45.56 -18.40
C PHE B 119 0.94 -45.76 -17.09
N LYS B 120 1.74 -44.78 -16.67
CA LYS B 120 2.39 -44.88 -15.37
C LYS B 120 1.38 -44.83 -14.24
N PHE B 121 0.31 -44.05 -14.41
CA PHE B 121 -0.69 -43.92 -13.36
C PHE B 121 -1.51 -45.20 -13.22
N TYR B 122 -1.88 -45.81 -14.33
CA TYR B 122 -2.64 -47.05 -14.36
C TYR B 122 -1.64 -48.20 -14.50
N GLY B 123 -1.13 -48.67 -13.37
CA GLY B 123 -0.20 -49.79 -13.40
C GLY B 123 1.22 -49.39 -13.10
N ILE C 3 -14.25 -29.98 -6.05
CA ILE C 3 -14.78 -28.66 -6.37
C ILE C 3 -14.20 -27.65 -5.38
N LEU C 4 -14.04 -26.40 -5.82
CA LEU C 4 -13.43 -25.35 -5.02
C LEU C 4 -14.32 -24.14 -5.04
N THR C 5 -14.94 -23.81 -3.91
CA THR C 5 -15.56 -22.51 -3.79
C THR C 5 -14.51 -21.47 -3.43
N ASP C 6 -14.87 -20.20 -3.55
CA ASP C 6 -13.93 -19.14 -3.20
C ASP C 6 -13.84 -18.88 -1.71
N GLU C 7 -14.58 -19.61 -0.89
CA GLU C 7 -14.57 -19.39 0.55
C GLU C 7 -14.07 -20.59 1.35
N ASN C 8 -13.61 -21.65 0.69
CA ASN C 8 -13.21 -22.84 1.40
C ASN C 8 -11.89 -23.45 0.94
N TYR C 9 -11.34 -23.04 -0.20
CA TYR C 9 -10.27 -23.79 -0.84
C TYR C 9 -8.95 -23.74 -0.06
N VAL C 10 -8.70 -22.65 0.67
CA VAL C 10 -7.56 -22.63 1.57
C VAL C 10 -7.78 -23.54 2.77
N ASP C 11 -9.02 -23.63 3.25
CA ASP C 11 -9.32 -24.56 4.34
C ASP C 11 -9.26 -26.01 3.87
N ILE C 12 -9.70 -26.27 2.64
CA ILE C 12 -9.55 -27.60 2.04
C ILE C 12 -8.09 -27.95 1.88
N ALA C 13 -7.27 -26.98 1.49
CA ALA C 13 -5.84 -27.22 1.32
C ALA C 13 -5.14 -27.46 2.65
N GLU C 14 -5.52 -26.74 3.70
CA GLU C 14 -4.96 -26.99 5.03
C GLU C 14 -5.34 -28.36 5.55
N LYS C 15 -6.63 -28.72 5.45
CA LYS C 15 -7.09 -30.03 5.93
C LYS C 15 -6.49 -31.17 5.11
N ALA C 16 -6.19 -30.93 3.85
CA ALA C 16 -5.60 -31.96 3.03
C ALA C 16 -4.10 -32.12 3.29
N ILE C 17 -3.41 -31.04 3.62
CA ILE C 17 -2.01 -31.16 4.03
C ILE C 17 -1.91 -31.84 5.39
N LEU C 18 -2.85 -31.56 6.30
CA LEU C 18 -2.90 -32.36 7.52
C LEU C 18 -3.36 -33.79 7.28
N LYS C 19 -4.00 -34.07 6.15
CA LYS C 19 -4.49 -35.40 5.85
C LYS C 19 -3.42 -36.25 5.15
N LEU C 20 -2.28 -35.67 4.82
CA LEU C 20 -1.15 -36.42 4.28
C LEU C 20 -0.57 -37.33 5.35
N GLU C 21 -0.48 -38.62 5.06
CA GLU C 21 0.05 -39.55 6.03
C GLU C 21 1.56 -39.45 6.11
N ARG C 22 2.10 -39.62 7.31
CA ARG C 22 3.43 -39.18 7.66
C ARG C 22 4.36 -40.37 7.91
N ASN C 23 5.59 -40.06 8.26
CA ASN C 23 6.61 -41.08 8.55
C ASN C 23 6.42 -41.60 9.98
N THR C 24 5.92 -42.82 10.10
CA THR C 24 5.95 -43.50 11.37
C THR C 24 7.31 -44.13 11.65
N ARG C 25 8.13 -44.29 10.60
CA ARG C 25 9.50 -44.74 10.73
C ARG C 25 10.35 -43.57 11.27
N ASN C 26 11.64 -43.84 11.51
CA ASN C 26 12.52 -43.30 12.55
C ASN C 26 12.29 -41.86 13.01
N ARG C 27 12.30 -41.69 14.34
CA ARG C 27 11.91 -40.45 14.99
C ARG C 27 13.05 -39.43 15.04
N LYS C 28 14.00 -39.52 14.11
CA LYS C 28 14.88 -38.40 13.83
C LYS C 28 14.03 -37.34 13.13
N ASN C 29 13.48 -36.41 13.92
CA ASN C 29 12.44 -35.46 13.55
C ASN C 29 11.24 -36.17 12.94
N PRO C 30 10.40 -36.85 13.75
CA PRO C 30 9.27 -37.60 13.18
C PRO C 30 8.15 -36.69 12.71
N ASP C 31 7.06 -37.31 12.23
CA ASP C 31 5.97 -36.65 11.52
C ASP C 31 6.47 -35.85 10.32
N ALA C 32 7.53 -36.32 9.69
CA ALA C 32 7.87 -35.83 8.37
C ALA C 32 7.01 -36.55 7.35
N PHE C 33 7.01 -36.05 6.13
CA PHE C 33 6.18 -36.60 5.08
C PHE C 33 7.00 -37.51 4.19
N PHE C 34 6.33 -38.49 3.57
CA PHE C 34 6.96 -39.18 2.45
C PHE C 34 7.14 -38.24 1.28
N LEU C 35 6.20 -37.31 1.11
CA LEU C 35 6.30 -36.29 0.07
C LEU C 35 7.43 -35.33 0.38
N THR C 36 8.27 -35.07 -0.61
CA THR C 36 9.35 -34.11 -0.45
C THR C 36 8.98 -32.79 -1.09
N THR C 37 9.76 -31.76 -0.75
CA THR C 37 9.46 -30.40 -1.17
C THR C 37 9.62 -30.23 -2.67
N SER C 38 10.59 -30.92 -3.26
CA SER C 38 10.86 -30.76 -4.69
C SER C 38 9.77 -31.36 -5.55
N LYS C 39 9.17 -32.47 -5.11
CA LYS C 39 8.09 -33.09 -5.86
C LYS C 39 6.88 -32.20 -5.92
N LEU C 40 6.50 -31.61 -4.78
CA LEU C 40 5.36 -30.72 -4.73
C LEU C 40 5.67 -29.37 -5.38
N ARG C 41 6.93 -28.99 -5.35
CA ARG C 41 7.29 -27.67 -5.83
C ARG C 41 7.52 -27.65 -7.33
N ASN C 42 7.78 -28.80 -7.95
CA ASN C 42 7.71 -28.89 -9.41
C ASN C 42 6.28 -28.72 -9.92
N LEU C 43 5.29 -29.14 -9.13
CA LEU C 43 3.91 -28.97 -9.55
C LEU C 43 3.43 -27.55 -9.35
N LEU C 44 3.81 -26.92 -8.23
CA LEU C 44 3.56 -25.48 -8.10
C LEU C 44 4.36 -24.67 -9.13
N SER C 45 5.49 -25.19 -9.61
CA SER C 45 6.29 -24.45 -10.58
C SER C 45 5.56 -24.25 -11.90
N LEU C 46 4.61 -25.14 -12.22
CA LEU C 46 3.80 -24.96 -13.40
C LEU C 46 2.36 -24.56 -13.12
N THR C 47 1.90 -24.60 -11.88
CA THR C 47 0.65 -23.89 -11.63
C THR C 47 0.87 -22.38 -11.43
N SER C 48 2.06 -21.97 -11.02
CA SER C 48 2.29 -20.57 -10.76
C SER C 48 2.88 -19.81 -11.94
N THR C 49 3.12 -20.48 -13.06
CA THR C 49 3.40 -19.78 -14.31
C THR C 49 2.20 -19.75 -15.23
N LEU C 50 1.11 -20.40 -14.86
CA LEU C 50 -0.19 -20.09 -15.44
C LEU C 50 -0.97 -19.06 -14.65
N PHE C 51 -0.71 -18.93 -13.35
CA PHE C 51 -1.31 -17.83 -12.60
C PHE C 51 -0.75 -16.49 -13.04
N ASP C 52 0.50 -16.46 -13.47
CA ASP C 52 1.07 -15.24 -14.03
C ASP C 52 0.49 -14.93 -15.40
N GLU C 53 0.41 -15.93 -16.27
CA GLU C 53 -0.06 -15.69 -17.63
C GLU C 53 -1.55 -15.49 -17.72
N SER C 54 -2.33 -15.98 -16.76
CA SER C 54 -3.77 -15.78 -16.81
C SER C 54 -4.15 -14.33 -16.63
N LYS C 55 -3.37 -13.59 -15.85
CA LYS C 55 -3.65 -12.18 -15.65
C LYS C 55 -3.31 -11.36 -16.87
N VAL C 56 -2.46 -11.87 -17.76
CA VAL C 56 -2.06 -11.18 -18.97
C VAL C 56 -2.83 -11.69 -20.17
N LYS C 57 -2.81 -13.00 -20.39
CA LYS C 57 -3.44 -13.60 -21.55
C LYS C 57 -4.90 -13.95 -21.25
N GLU C 58 -5.54 -14.59 -22.20
CA GLU C 58 -6.95 -14.95 -22.12
C GLU C 58 -7.09 -16.45 -21.91
N TYR C 59 -8.24 -16.86 -21.37
CA TYR C 59 -8.45 -18.27 -21.06
C TYR C 59 -8.56 -19.12 -22.31
N ASP C 60 -8.94 -18.54 -23.44
CA ASP C 60 -8.95 -19.28 -24.68
C ASP C 60 -7.60 -19.23 -25.38
N ALA C 61 -6.60 -18.61 -24.77
CA ALA C 61 -5.24 -18.59 -25.30
C ALA C 61 -4.26 -19.34 -24.42
N LEU C 62 -4.71 -19.94 -23.33
CA LEU C 62 -3.85 -20.67 -22.42
C LEU C 62 -4.10 -22.17 -22.40
N LEU C 63 -5.17 -22.65 -23.03
CA LEU C 63 -5.74 -23.93 -22.63
C LEU C 63 -4.95 -25.15 -23.10
N ASP C 64 -3.89 -25.00 -23.89
CA ASP C 64 -2.99 -26.12 -24.12
C ASP C 64 -2.17 -26.39 -22.87
N ARG C 65 -1.73 -25.32 -22.19
CA ARG C 65 -1.07 -25.44 -20.90
C ARG C 65 -2.01 -26.00 -19.84
N ILE C 66 -3.25 -25.52 -19.83
CA ILE C 66 -4.21 -25.94 -18.81
C ILE C 66 -4.60 -27.40 -19.02
N ALA C 67 -4.58 -27.87 -20.28
CA ALA C 67 -4.80 -29.28 -20.52
C ALA C 67 -3.58 -30.10 -20.13
N TYR C 68 -2.39 -29.54 -20.26
CA TYR C 68 -1.19 -30.28 -19.89
C TYR C 68 -0.99 -30.37 -18.37
N LEU C 69 -1.66 -29.51 -17.59
CA LEU C 69 -1.60 -29.62 -16.14
C LEU C 69 -2.11 -30.98 -15.66
N ARG C 70 -3.18 -31.48 -16.27
CA ARG C 70 -3.69 -32.80 -15.93
C ARG C 70 -2.68 -33.90 -16.29
N VAL C 71 -1.98 -33.73 -17.41
CA VAL C 71 -0.96 -34.69 -17.85
C VAL C 71 0.17 -34.76 -16.83
N GLN C 72 0.66 -33.59 -16.41
CA GLN C 72 1.81 -33.58 -15.52
C GLN C 72 1.43 -34.01 -14.11
N PHE C 73 0.23 -33.66 -13.63
CA PHE C 73 -0.22 -34.15 -12.33
C PHE C 73 -0.48 -35.64 -12.33
N VAL C 74 -0.89 -36.21 -13.46
CA VAL C 74 -1.09 -37.65 -13.52
C VAL C 74 0.25 -38.36 -13.60
N TYR C 75 1.21 -37.79 -14.33
CA TYR C 75 2.52 -38.44 -14.47
C TYR C 75 3.30 -38.38 -13.18
N GLN C 76 3.34 -37.21 -12.54
CA GLN C 76 4.09 -37.07 -11.29
C GLN C 76 3.47 -37.86 -10.15
N ALA C 77 2.18 -38.14 -10.21
CA ALA C 77 1.51 -39.03 -9.29
C ALA C 77 1.46 -40.45 -9.78
N GLY C 78 2.33 -40.81 -10.71
CA GLY C 78 2.52 -42.15 -11.21
C GLY C 78 3.68 -42.79 -10.49
N ARG C 79 4.87 -42.63 -11.04
CA ARG C 79 6.11 -42.66 -10.27
C ARG C 79 5.99 -41.91 -8.95
N GLU C 80 6.54 -42.52 -7.91
CA GLU C 80 6.68 -41.94 -6.57
C GLU C 80 5.36 -41.58 -5.91
N ILE C 81 4.67 -42.63 -5.44
CA ILE C 81 3.31 -42.70 -4.90
C ILE C 81 2.99 -41.70 -3.78
N ALA C 82 4.00 -41.09 -3.17
CA ALA C 82 3.74 -40.04 -2.18
C ALA C 82 3.14 -38.78 -2.79
N VAL C 83 3.18 -38.63 -4.11
CA VAL C 83 2.43 -37.59 -4.80
C VAL C 83 1.05 -38.10 -5.20
N LYS C 84 0.91 -39.40 -5.47
CA LYS C 84 -0.41 -39.99 -5.66
C LYS C 84 -1.25 -39.86 -4.39
N ASP C 85 -0.59 -39.97 -3.23
CA ASP C 85 -1.22 -39.66 -1.96
C ASP C 85 -1.73 -38.23 -1.93
N LEU C 86 -0.96 -37.28 -2.45
CA LEU C 86 -1.41 -35.90 -2.38
C LEU C 86 -2.56 -35.61 -3.33
N ILE C 87 -2.52 -36.14 -4.55
CA ILE C 87 -3.64 -35.88 -5.45
C ILE C 87 -4.89 -36.66 -5.04
N GLU C 88 -4.76 -37.69 -4.20
CA GLU C 88 -5.94 -38.29 -3.62
C GLU C 88 -6.49 -37.47 -2.45
N LYS C 89 -5.61 -37.07 -1.52
CA LYS C 89 -6.06 -36.36 -0.34
C LYS C 89 -6.48 -34.93 -0.66
N ALA C 90 -5.90 -34.32 -1.68
CA ALA C 90 -6.09 -32.90 -1.92
C ALA C 90 -6.71 -32.64 -3.28
N GLN C 91 -7.81 -33.33 -3.58
CA GLN C 91 -8.15 -33.83 -4.91
C GLN C 91 -7.95 -32.84 -6.05
N ILE C 92 -6.97 -33.16 -6.88
CA ILE C 92 -6.48 -32.27 -7.91
C ILE C 92 -7.12 -32.57 -9.24
N LEU C 93 -7.21 -33.85 -9.58
CA LEU C 93 -7.75 -34.28 -10.87
C LEU C 93 -9.24 -34.01 -10.97
N GLU C 94 -9.92 -33.83 -9.85
CA GLU C 94 -11.31 -33.40 -9.86
C GLU C 94 -11.44 -31.90 -9.78
N ALA C 95 -10.46 -31.21 -9.22
CA ALA C 95 -10.39 -29.76 -9.31
C ALA C 95 -9.88 -29.29 -10.66
N LEU C 96 -9.21 -30.16 -11.43
CA LEU C 96 -8.73 -29.81 -12.75
C LEU C 96 -9.77 -29.99 -13.84
N LYS C 97 -10.73 -30.88 -13.67
CA LYS C 97 -11.77 -31.03 -14.68
C LYS C 97 -12.75 -29.87 -14.62
N GLU C 98 -12.87 -29.23 -13.46
CA GLU C 98 -13.76 -28.09 -13.28
C GLU C 98 -12.95 -26.80 -13.28
N ILE C 99 -12.49 -26.39 -14.46
CA ILE C 99 -11.57 -25.25 -14.57
C ILE C 99 -12.02 -24.30 -15.69
N LYS C 100 -13.31 -24.34 -16.02
CA LYS C 100 -13.84 -23.73 -17.25
C LYS C 100 -13.76 -22.21 -17.28
N ASP C 101 -13.51 -21.55 -16.16
CA ASP C 101 -13.48 -20.10 -16.12
C ASP C 101 -12.07 -19.67 -15.72
N ARG C 102 -11.70 -18.45 -16.11
CA ARG C 102 -10.37 -17.95 -15.75
C ARG C 102 -10.28 -17.67 -14.26
N GLU C 103 -11.38 -17.23 -13.64
CA GLU C 103 -11.40 -17.09 -12.20
C GLU C 103 -11.29 -18.45 -11.51
N THR C 104 -11.85 -19.49 -12.13
CA THR C 104 -11.71 -20.83 -11.60
C THR C 104 -10.30 -21.35 -11.78
N LEU C 105 -9.65 -20.98 -12.88
CA LEU C 105 -8.24 -21.29 -13.11
C LEU C 105 -7.36 -20.67 -12.05
N GLN C 106 -7.55 -19.38 -11.77
CA GLN C 106 -6.76 -18.71 -10.75
C GLN C 106 -7.09 -19.22 -9.36
N ARG C 107 -8.33 -19.64 -9.13
CA ARG C 107 -8.68 -20.24 -7.86
C ARG C 107 -7.95 -21.56 -7.65
N PHE C 108 -7.78 -22.34 -8.73
CA PHE C 108 -7.01 -23.57 -8.61
C PHE C 108 -5.53 -23.29 -8.40
N CYS C 109 -4.99 -22.26 -9.05
CA CYS C 109 -3.58 -21.93 -8.88
C CYS C 109 -3.28 -21.47 -7.45
N ARG C 110 -4.16 -20.67 -6.88
CA ARG C 110 -4.00 -20.27 -5.50
C ARG C 110 -4.33 -21.39 -4.51
N TYR C 111 -5.14 -22.37 -4.92
CA TYR C 111 -5.32 -23.57 -4.12
C TYR C 111 -4.03 -24.37 -4.03
N MET C 112 -3.33 -24.51 -5.15
CA MET C 112 -2.05 -25.20 -5.17
C MET C 112 -1.01 -24.45 -4.33
N GLU C 113 -1.06 -23.12 -4.38
CA GLU C 113 -0.17 -22.34 -3.51
C GLU C 113 -0.51 -22.52 -2.04
N ALA C 114 -1.79 -22.66 -1.70
CA ALA C 114 -2.15 -22.90 -0.31
C ALA C 114 -1.69 -24.28 0.15
N LEU C 115 -1.72 -25.27 -0.75
CA LEU C 115 -1.15 -26.58 -0.47
C LEU C 115 0.33 -26.49 -0.12
N VAL C 116 1.09 -25.74 -0.92
CA VAL C 116 2.53 -25.66 -0.65
C VAL C 116 2.82 -24.81 0.60
N ALA C 117 2.01 -23.78 0.84
CA ALA C 117 2.16 -22.96 2.04
C ALA C 117 1.97 -23.78 3.31
N TYR C 118 0.92 -24.59 3.36
CA TYR C 118 0.75 -25.41 4.55
C TYR C 118 1.64 -26.63 4.57
N PHE C 119 2.17 -27.07 3.43
CA PHE C 119 3.17 -28.13 3.49
C PHE C 119 4.48 -27.62 4.08
N LYS C 120 4.80 -26.35 3.82
CA LYS C 120 5.98 -25.75 4.42
C LYS C 120 5.74 -25.43 5.88
N PHE C 121 4.53 -24.98 6.22
CA PHE C 121 4.22 -24.57 7.59
C PHE C 121 4.26 -25.74 8.54
N TYR C 122 3.69 -26.88 8.14
CA TYR C 122 3.71 -28.09 8.95
C TYR C 122 4.93 -28.90 8.52
N GLY C 123 6.10 -28.45 8.96
CA GLY C 123 7.34 -29.08 8.54
C GLY C 123 8.01 -29.88 9.63
N THR D 2 36.09 15.14 -15.38
CA THR D 2 35.21 15.05 -16.54
C THR D 2 34.40 13.75 -16.48
N PHE D 3 33.71 13.44 -17.58
CA PHE D 3 32.86 12.26 -17.65
C PHE D 3 33.17 11.49 -18.93
N ALA D 4 33.34 10.17 -18.81
CA ALA D 4 33.63 9.34 -19.96
C ALA D 4 32.98 7.98 -19.79
N LYS D 5 32.87 7.25 -20.89
CA LYS D 5 32.36 5.90 -20.90
C LYS D 5 33.30 5.06 -21.75
N ILE D 6 33.78 3.95 -21.20
CA ILE D 6 34.73 3.09 -21.89
C ILE D 6 34.04 1.76 -22.18
N LYS D 7 34.13 1.30 -23.41
CA LYS D 7 33.43 0.09 -23.83
C LYS D 7 34.42 -1.05 -24.03
N PHE D 8 34.44 -1.97 -23.07
CA PHE D 8 35.18 -3.23 -23.20
C PHE D 8 34.38 -4.17 -24.07
N SER D 9 34.72 -4.19 -25.36
CA SER D 9 34.16 -5.17 -26.27
C SER D 9 35.09 -6.37 -26.28
N ALA D 10 34.50 -7.56 -26.31
CA ALA D 10 35.27 -8.80 -26.31
C ALA D 10 34.41 -9.87 -26.94
N GLN D 11 35.06 -10.95 -27.36
CA GLN D 11 34.30 -12.11 -27.80
C GLN D 11 34.44 -13.20 -26.77
N ILE D 12 33.39 -13.99 -26.62
CA ILE D 12 33.35 -15.09 -25.68
C ILE D 12 33.24 -16.35 -26.53
N ARG D 13 34.35 -17.05 -26.72
CA ARG D 13 34.31 -18.40 -27.24
C ARG D 13 34.04 -19.36 -26.10
N LEU D 14 33.52 -20.52 -26.45
CA LEU D 14 33.38 -21.60 -25.48
C LEU D 14 34.39 -22.69 -25.83
N GLU D 15 34.97 -23.31 -24.82
CA GLU D 15 35.71 -24.55 -25.03
C GLU D 15 34.85 -25.77 -24.77
N THR D 16 34.19 -25.82 -23.63
CA THR D 16 33.10 -26.75 -23.43
C THR D 16 31.80 -25.98 -23.50
N GLY D 17 30.70 -26.68 -23.71
CA GLY D 17 29.44 -26.00 -23.88
C GLY D 17 28.86 -25.58 -22.54
N LEU D 18 28.47 -24.32 -22.42
CA LEU D 18 28.02 -23.84 -21.13
C LEU D 18 26.51 -23.99 -21.00
N HIS D 19 26.06 -24.05 -19.76
CA HIS D 19 24.65 -24.25 -19.44
C HIS D 19 24.21 -23.21 -18.41
N ILE D 20 23.89 -22.01 -18.87
CA ILE D 20 23.36 -21.02 -17.94
C ILE D 20 21.87 -21.25 -17.87
N GLY D 21 21.39 -21.69 -16.72
CA GLY D 21 20.09 -22.31 -16.68
C GLY D 21 18.96 -21.30 -16.67
N GLY D 22 17.86 -21.71 -17.28
CA GLY D 22 16.56 -21.20 -16.91
C GLY D 22 15.77 -22.37 -16.39
N SER D 23 14.48 -22.16 -16.22
CA SER D 23 13.56 -23.25 -15.98
C SER D 23 12.39 -23.11 -16.93
N ASP D 24 12.05 -24.22 -17.59
CA ASP D 24 10.81 -24.30 -18.35
C ASP D 24 9.92 -25.24 -17.57
N ALA D 25 8.84 -24.70 -17.00
CA ALA D 25 7.95 -25.52 -16.20
C ALA D 25 7.14 -26.46 -17.09
N PHE D 26 6.77 -26.01 -18.27
CA PHE D 26 6.05 -26.84 -19.22
C PHE D 26 7.00 -27.47 -20.22
N ALA D 27 8.02 -28.13 -19.68
CA ALA D 27 8.84 -29.03 -20.46
C ALA D 27 8.17 -30.39 -20.51
N ALA D 28 8.55 -31.18 -21.50
CA ALA D 28 7.85 -32.42 -21.75
C ALA D 28 8.38 -33.55 -20.88
N ILE D 29 7.58 -34.61 -20.77
CA ILE D 29 8.04 -35.84 -20.14
C ILE D 29 9.01 -36.54 -21.06
N GLY D 30 10.20 -36.82 -20.56
CA GLY D 30 11.22 -37.43 -21.39
C GLY D 30 11.85 -36.49 -22.38
N ALA D 31 12.00 -35.22 -22.01
CA ALA D 31 12.64 -34.22 -22.84
C ALA D 31 13.50 -33.37 -21.91
N ILE D 32 13.88 -32.17 -22.38
CA ILE D 32 14.87 -31.33 -21.74
C ILE D 32 14.41 -30.89 -20.36
N ASN D 33 15.08 -31.38 -19.33
CA ASN D 33 14.70 -31.14 -17.94
C ASN D 33 15.37 -29.91 -17.37
N SER D 34 16.53 -29.54 -17.90
CA SER D 34 17.19 -28.29 -17.55
C SER D 34 17.48 -27.55 -18.84
N PRO D 35 16.64 -26.61 -19.24
CA PRO D 35 16.94 -25.82 -20.42
C PRO D 35 17.76 -24.60 -20.05
N VAL D 36 18.31 -23.96 -21.07
CA VAL D 36 19.16 -22.82 -20.87
C VAL D 36 18.32 -21.56 -21.00
N ILE D 37 18.89 -20.43 -20.55
CA ILE D 37 18.28 -19.15 -20.82
C ILE D 37 18.43 -18.84 -22.30
N LYS D 38 17.34 -18.40 -22.94
CA LYS D 38 17.34 -18.17 -24.37
C LYS D 38 16.69 -16.82 -24.64
N ASP D 39 16.95 -16.27 -25.81
CA ASP D 39 16.30 -15.04 -26.25
C ASP D 39 14.92 -15.39 -26.78
N PRO D 40 13.84 -14.72 -26.38
CA PRO D 40 12.51 -15.20 -26.74
C PRO D 40 12.14 -15.03 -28.20
N ILE D 41 12.74 -14.06 -28.88
CA ILE D 41 12.42 -13.84 -30.29
C ILE D 41 13.21 -14.81 -31.16
N THR D 42 14.52 -14.85 -30.98
CA THR D 42 15.40 -15.55 -31.90
C THR D 42 15.56 -17.02 -31.53
N ASN D 43 15.34 -17.35 -30.26
CA ASN D 43 15.64 -18.65 -29.64
C ASN D 43 17.08 -19.08 -29.83
N LEU D 44 17.95 -18.19 -29.67
CA LEU D 44 19.36 -18.46 -29.45
C LEU D 44 19.65 -18.43 -27.95
N PRO D 45 20.60 -19.21 -27.48
CA PRO D 45 21.04 -19.06 -26.08
C PRO D 45 21.81 -17.77 -25.89
N ILE D 46 21.75 -17.23 -24.68
CA ILE D 46 22.46 -16.00 -24.34
C ILE D 46 23.26 -16.22 -23.08
N ILE D 47 24.23 -15.34 -22.87
CA ILE D 47 24.92 -15.24 -21.59
C ILE D 47 24.39 -14.01 -20.87
N PRO D 48 23.58 -14.15 -19.83
CA PRO D 48 23.09 -12.99 -19.11
C PRO D 48 24.20 -12.31 -18.34
N GLY D 49 24.09 -10.98 -18.25
CA GLY D 49 25.13 -10.22 -17.57
C GLY D 49 25.13 -10.38 -16.08
N SER D 50 24.02 -10.86 -15.50
CA SER D 50 24.01 -11.13 -14.07
C SER D 50 24.92 -12.29 -13.73
N SER D 51 25.02 -13.28 -14.61
CA SER D 51 25.89 -14.42 -14.37
C SER D 51 27.36 -14.04 -14.52
N LEU D 52 27.68 -13.19 -15.49
CA LEU D 52 29.03 -12.67 -15.63
C LEU D 52 29.45 -11.81 -14.45
N LYS D 53 28.59 -10.87 -14.05
CA LYS D 53 28.85 -10.03 -12.89
C LYS D 53 28.88 -10.83 -11.60
N GLY D 54 28.23 -11.98 -11.56
CA GLY D 54 28.29 -12.78 -10.36
C GLY D 54 29.54 -13.61 -10.25
N LYS D 55 29.90 -14.31 -11.34
CA LYS D 55 31.12 -15.11 -11.31
C LYS D 55 32.35 -14.23 -11.18
N MET D 56 32.40 -13.12 -11.91
CA MET D 56 33.57 -12.27 -11.86
C MET D 56 33.74 -11.66 -10.47
N ARG D 57 32.64 -11.31 -9.82
CA ARG D 57 32.73 -10.73 -8.49
C ARG D 57 33.14 -11.75 -7.46
N THR D 58 32.55 -12.95 -7.49
CA THR D 58 32.92 -13.92 -6.46
C THR D 58 34.27 -14.56 -6.71
N LEU D 59 34.82 -14.46 -7.91
CA LEU D 59 36.17 -14.93 -8.13
C LEU D 59 37.21 -13.86 -7.84
N LEU D 60 36.89 -12.58 -8.07
CA LEU D 60 37.79 -11.53 -7.64
C LEU D 60 37.73 -11.29 -6.14
N ALA D 61 36.67 -11.74 -5.48
CA ALA D 61 36.60 -11.62 -4.03
C ALA D 61 37.55 -12.57 -3.32
N LYS D 62 38.05 -13.60 -4.00
CA LYS D 62 39.07 -14.45 -3.42
C LYS D 62 40.47 -13.95 -3.74
N VAL D 63 40.59 -12.80 -4.40
CA VAL D 63 41.87 -12.25 -4.83
C VAL D 63 42.07 -10.85 -4.26
N TYR D 64 41.08 -9.99 -4.39
CA TYR D 64 41.20 -8.60 -3.99
C TYR D 64 40.60 -8.29 -2.63
N ASN D 65 40.02 -9.27 -1.94
CA ASN D 65 39.59 -9.08 -0.58
C ASN D 65 40.60 -9.69 0.39
N GLU D 66 41.01 -8.90 1.36
CA GLU D 66 41.54 -9.42 2.61
C GLU D 66 40.40 -9.41 3.62
N LYS D 67 40.46 -10.34 4.59
CA LYS D 67 39.39 -10.59 5.56
C LYS D 67 38.10 -10.93 4.82
N VAL D 68 38.02 -12.15 4.29
CA VAL D 68 37.04 -12.64 3.33
C VAL D 68 35.60 -12.27 3.66
N ALA D 69 34.80 -12.05 2.61
CA ALA D 69 33.51 -11.41 2.74
C ALA D 69 32.47 -12.38 3.30
N GLU D 70 31.83 -11.98 4.39
CA GLU D 70 30.68 -12.73 4.88
C GLU D 70 29.45 -12.49 4.01
N LYS D 71 29.40 -11.33 3.35
CA LYS D 71 28.33 -10.92 2.46
C LYS D 71 28.97 -10.15 1.32
N PRO D 72 28.29 -10.02 0.17
CA PRO D 72 28.78 -9.10 -0.87
C PRO D 72 28.73 -7.63 -0.50
N SER D 73 28.18 -7.28 0.66
CA SER D 73 28.25 -5.95 1.24
C SER D 73 29.58 -5.67 1.91
N ASP D 74 30.55 -6.58 1.82
CA ASP D 74 31.81 -6.48 2.55
C ASP D 74 33.02 -6.51 1.65
N ASP D 75 32.86 -6.20 0.36
CA ASP D 75 33.99 -6.25 -0.55
C ASP D 75 34.90 -5.04 -0.33
N SER D 76 36.20 -5.25 -0.47
CA SER D 76 37.18 -4.30 0.04
C SER D 76 37.45 -3.18 -0.96
N ASP D 77 36.38 -2.44 -1.28
CA ASP D 77 36.28 -1.10 -1.88
C ASP D 77 37.35 -0.73 -2.91
N ILE D 78 37.80 -1.72 -3.66
CA ILE D 78 38.53 -1.62 -4.91
C ILE D 78 37.69 -2.52 -5.79
N LEU D 79 36.96 -3.40 -5.12
CA LEU D 79 35.98 -4.28 -5.69
C LEU D 79 34.57 -3.73 -5.57
N SER D 80 34.27 -3.03 -4.48
CA SER D 80 32.98 -2.36 -4.34
C SER D 80 32.85 -1.13 -5.20
N ARG D 81 33.96 -0.55 -5.66
CA ARG D 81 33.88 0.55 -6.61
C ARG D 81 33.27 0.07 -7.91
N LEU D 82 33.77 -1.04 -8.41
CA LEU D 82 33.36 -1.57 -9.69
C LEU D 82 32.00 -2.25 -9.63
N PHE D 83 31.70 -2.95 -8.55
CA PHE D 83 30.52 -3.79 -8.51
C PHE D 83 29.41 -3.25 -7.62
N GLY D 84 29.70 -2.28 -6.76
CA GLY D 84 28.68 -1.66 -5.94
C GLY D 84 28.39 -2.38 -4.64
N ASN D 85 28.46 -1.67 -3.53
CA ASN D 85 27.84 -2.10 -2.28
C ASN D 85 26.53 -1.38 -2.14
N SER D 86 25.47 -2.13 -1.85
CA SER D 86 24.22 -1.47 -1.51
C SER D 86 24.31 -0.79 -0.16
N LYS D 87 25.05 -1.38 0.77
CA LYS D 87 25.19 -0.84 2.12
C LYS D 87 26.47 -0.01 2.26
N ASP D 88 26.59 0.97 1.39
CA ASP D 88 27.70 1.91 1.44
C ASP D 88 27.30 3.16 0.68
N LYS D 89 27.46 4.33 1.31
CA LYS D 89 26.87 5.54 0.77
C LYS D 89 27.58 6.05 -0.47
N ARG D 90 28.84 5.69 -0.68
CA ARG D 90 29.60 6.27 -1.77
C ARG D 90 29.83 5.34 -2.94
N PHE D 91 29.55 4.04 -2.81
CA PHE D 91 29.80 3.12 -3.91
C PHE D 91 28.57 2.39 -4.42
N LYS D 92 27.37 2.70 -3.94
CA LYS D 92 26.21 2.11 -4.59
C LYS D 92 26.03 2.73 -5.96
N MET D 93 25.52 1.93 -6.90
CA MET D 93 25.64 2.18 -8.34
C MET D 93 27.11 2.35 -8.72
N GLY D 94 27.79 1.20 -8.72
CA GLY D 94 29.19 1.13 -9.07
C GLY D 94 29.50 1.44 -10.53
N ARG D 95 30.74 1.19 -10.91
CA ARG D 95 31.26 1.72 -12.17
C ARG D 95 30.85 0.87 -13.36
N LEU D 96 30.67 -0.44 -13.18
CA LEU D 96 30.53 -1.32 -14.33
C LEU D 96 29.08 -1.51 -14.73
N ILE D 97 28.87 -1.76 -16.02
CA ILE D 97 27.56 -2.05 -16.59
C ILE D 97 27.74 -3.25 -17.50
N PHE D 98 27.36 -4.43 -17.03
CA PHE D 98 27.50 -5.67 -17.79
C PHE D 98 26.29 -5.88 -18.68
N ARG D 99 26.49 -5.85 -19.99
CA ARG D 99 25.42 -6.12 -20.93
C ARG D 99 25.35 -7.61 -21.22
N ASP D 100 24.17 -8.10 -21.57
CA ASP D 100 24.00 -9.50 -21.89
C ASP D 100 24.64 -9.80 -23.24
N ALA D 101 25.52 -10.80 -23.27
CA ALA D 101 26.16 -11.23 -24.50
C ALA D 101 25.22 -12.18 -25.21
N PHE D 102 24.84 -11.86 -26.46
CA PHE D 102 23.72 -12.59 -27.05
C PHE D 102 24.16 -13.83 -27.84
N LEU D 103 24.76 -13.62 -29.02
CA LEU D 103 25.49 -14.59 -29.82
C LEU D 103 25.97 -13.83 -31.05
N SER D 104 27.10 -14.22 -31.63
CA SER D 104 27.56 -13.53 -32.82
C SER D 104 27.70 -14.46 -34.02
N ASN D 105 28.05 -15.72 -33.81
CA ASN D 105 28.45 -16.59 -34.92
C ASN D 105 27.37 -17.58 -35.31
N ALA D 106 26.11 -17.15 -35.34
CA ALA D 106 25.02 -18.06 -35.67
C ALA D 106 25.07 -18.48 -37.13
N ASP D 107 25.59 -17.61 -37.99
CA ASP D 107 25.82 -18.00 -39.37
C ASP D 107 27.04 -18.90 -39.51
N GLU D 108 28.04 -18.68 -38.65
CA GLU D 108 29.26 -19.46 -38.69
C GLU D 108 29.07 -20.85 -38.13
N LEU D 109 28.08 -21.05 -37.25
CA LEU D 109 27.75 -22.41 -36.84
C LEU D 109 27.04 -23.17 -37.94
N ASP D 110 26.31 -22.47 -38.80
CA ASP D 110 25.96 -23.06 -40.09
C ASP D 110 27.21 -23.13 -40.96
N SER D 111 27.19 -24.05 -41.92
CA SER D 111 28.31 -24.51 -42.75
C SER D 111 29.43 -25.21 -41.98
N LEU D 112 29.27 -25.36 -40.66
CA LEU D 112 30.02 -26.37 -39.91
C LEU D 112 29.16 -27.59 -39.65
N GLY D 113 27.84 -27.45 -39.75
CA GLY D 113 26.89 -28.53 -39.70
C GLY D 113 26.31 -28.59 -38.31
N VAL D 114 25.19 -27.91 -38.11
CA VAL D 114 24.58 -27.71 -36.81
C VAL D 114 23.07 -27.71 -37.00
N ARG D 115 22.38 -28.63 -36.35
CA ARG D 115 20.93 -28.64 -36.45
C ARG D 115 20.31 -27.59 -35.54
N SER D 116 20.79 -27.51 -34.31
CA SER D 116 20.27 -26.59 -33.33
C SER D 116 21.41 -25.99 -32.54
N TYR D 117 21.23 -24.75 -32.12
CA TYR D 117 22.27 -24.03 -31.42
C TYR D 117 22.40 -24.43 -29.96
N THR D 118 21.50 -25.26 -29.45
CA THR D 118 21.61 -25.82 -28.12
C THR D 118 21.55 -27.34 -28.23
N GLU D 119 22.66 -28.00 -27.92
CA GLU D 119 22.64 -29.45 -27.89
C GLU D 119 22.00 -29.94 -26.60
N VAL D 120 21.67 -31.22 -26.59
CA VAL D 120 21.05 -31.87 -25.44
C VAL D 120 21.96 -33.02 -25.03
N LYS D 121 22.29 -33.08 -23.74
CA LYS D 121 23.22 -34.06 -23.22
C LYS D 121 22.49 -34.90 -22.16
N PHE D 122 22.58 -36.22 -22.27
CA PHE D 122 21.95 -37.13 -21.31
C PHE D 122 22.97 -37.44 -20.23
N GLU D 123 22.53 -37.50 -18.96
CA GLU D 123 23.60 -37.38 -17.97
C GLU D 123 23.49 -38.24 -16.70
N ASN D 124 22.46 -39.06 -16.47
CA ASN D 124 22.62 -40.33 -15.74
C ASN D 124 23.19 -40.36 -14.32
N THR D 125 22.38 -40.14 -13.29
CA THR D 125 22.77 -39.96 -11.89
C THR D 125 23.57 -41.08 -11.20
N ILE D 126 23.93 -42.17 -11.90
CA ILE D 126 23.96 -43.57 -11.43
C ILE D 126 24.18 -43.81 -9.94
N ASP D 127 23.24 -44.55 -9.34
CA ASP D 127 23.34 -44.98 -7.95
C ASP D 127 24.51 -45.95 -7.80
N ARG D 128 25.44 -45.63 -6.91
CA ARG D 128 26.61 -46.48 -6.71
C ARG D 128 26.39 -47.53 -5.64
N ILE D 129 25.15 -47.83 -5.32
CA ILE D 129 24.73 -49.14 -4.87
C ILE D 129 23.70 -49.59 -5.89
N THR D 130 23.79 -50.84 -6.32
CA THR D 130 22.82 -51.54 -7.18
C THR D 130 22.67 -50.96 -8.59
N ALA D 131 23.47 -49.95 -8.96
CA ALA D 131 23.67 -49.49 -10.33
C ALA D 131 22.40 -48.98 -11.04
N GLU D 132 21.34 -48.72 -10.30
CA GLU D 132 20.12 -48.18 -10.90
C GLU D 132 20.32 -46.70 -11.25
N ALA D 133 19.63 -46.27 -12.30
CA ALA D 133 19.97 -45.01 -12.94
C ALA D 133 18.84 -44.00 -12.79
N ASN D 134 19.14 -42.77 -13.18
CA ASN D 134 18.20 -41.67 -13.12
C ASN D 134 18.66 -40.63 -14.14
N PRO D 135 18.25 -40.75 -15.39
CA PRO D 135 18.84 -39.93 -16.44
C PRO D 135 18.36 -38.49 -16.41
N ARG D 136 19.18 -37.63 -17.00
CA ARG D 136 18.90 -36.24 -17.27
C ARG D 136 18.83 -36.04 -18.77
N GLN D 137 18.31 -34.88 -19.18
CA GLN D 137 18.53 -34.34 -20.51
C GLN D 137 18.67 -32.85 -20.29
N ILE D 138 19.87 -32.30 -20.42
CA ILE D 138 20.02 -30.86 -20.18
C ILE D 138 20.55 -30.21 -21.45
N GLU D 139 20.03 -29.02 -21.75
CA GLU D 139 20.53 -28.24 -22.87
C GLU D 139 21.89 -27.67 -22.56
N ARG D 140 22.55 -27.23 -23.61
CA ARG D 140 23.95 -26.84 -23.51
C ARG D 140 24.26 -26.04 -24.76
N ALA D 141 24.67 -24.79 -24.60
CA ALA D 141 25.01 -23.97 -25.76
C ALA D 141 26.31 -24.45 -26.37
N ILE D 142 26.28 -24.79 -27.65
CA ILE D 142 27.24 -25.67 -28.28
C ILE D 142 28.64 -25.07 -28.39
N ARG D 143 29.61 -25.90 -28.78
CA ARG D 143 31.01 -25.75 -28.38
C ARG D 143 31.67 -24.50 -28.96
N ASN D 144 31.54 -24.26 -30.27
CA ASN D 144 32.28 -23.16 -30.86
C ASN D 144 31.44 -21.88 -30.97
N SER D 145 30.56 -21.66 -30.01
CA SER D 145 29.72 -20.47 -30.00
C SER D 145 30.56 -19.25 -29.66
N THR D 146 30.06 -18.07 -30.02
CA THR D 146 30.75 -16.84 -29.73
C THR D 146 29.75 -15.77 -29.36
N PHE D 147 30.03 -15.07 -28.26
CA PHE D 147 29.11 -14.15 -27.62
C PHE D 147 29.75 -12.78 -27.54
N ASP D 148 28.94 -11.74 -27.65
CA ASP D 148 29.46 -10.37 -27.72
C ASP D 148 29.50 -9.77 -26.32
N PHE D 149 30.64 -9.90 -25.65
CA PHE D 149 30.82 -9.33 -24.34
C PHE D 149 30.99 -7.81 -24.46
N GLU D 150 30.18 -7.07 -23.70
CA GLU D 150 29.97 -5.64 -23.91
C GLU D 150 30.02 -4.89 -22.60
N LEU D 151 31.10 -5.04 -21.84
CA LEU D 151 31.21 -4.34 -20.57
C LEU D 151 31.36 -2.85 -20.80
N ILE D 152 30.84 -2.03 -19.89
CA ILE D 152 30.97 -0.58 -19.96
C ILE D 152 31.42 -0.03 -18.62
N TYR D 153 32.54 0.68 -18.60
CA TYR D 153 33.10 1.35 -17.45
C TYR D 153 32.75 2.83 -17.52
N GLU D 154 32.64 3.46 -16.36
CA GLU D 154 31.99 4.77 -16.24
C GLU D 154 32.89 5.71 -15.44
N ILE D 155 33.42 6.74 -16.10
CA ILE D 155 34.45 7.60 -15.53
C ILE D 155 33.82 8.93 -15.11
N THR D 156 33.99 9.27 -13.83
CA THR D 156 33.64 10.57 -13.26
C THR D 156 34.91 11.22 -12.77
N ASP D 157 34.77 12.31 -12.00
CA ASP D 157 35.93 12.99 -11.46
C ASP D 157 36.61 12.17 -10.37
N GLU D 158 35.85 11.33 -9.69
CA GLU D 158 36.41 10.47 -8.65
C GLU D 158 37.18 9.30 -9.27
N ASN D 159 36.85 8.97 -10.52
CA ASN D 159 37.47 7.83 -11.21
C ASN D 159 38.93 8.09 -11.54
N GLU D 160 39.27 9.35 -11.83
CA GLU D 160 40.36 9.73 -12.73
C GLU D 160 41.74 9.24 -12.34
N ASN D 161 42.06 9.22 -11.05
CA ASN D 161 43.39 8.82 -10.59
C ASN D 161 43.47 7.32 -10.33
N GLN D 162 42.38 6.57 -10.56
CA GLN D 162 42.34 5.17 -10.19
C GLN D 162 41.64 4.33 -11.24
N VAL D 163 41.72 4.74 -12.51
CA VAL D 163 41.13 3.97 -13.59
C VAL D 163 41.97 2.73 -13.88
N GLU D 164 43.29 2.87 -13.91
CA GLU D 164 44.17 1.75 -14.25
C GLU D 164 44.13 0.68 -13.18
N GLU D 165 44.06 1.09 -11.90
CA GLU D 165 43.83 0.16 -10.81
C GLU D 165 42.50 -0.56 -10.96
N ASP D 166 41.54 0.10 -11.62
CA ASP D 166 40.32 -0.58 -12.03
C ASP D 166 40.55 -1.51 -13.21
N PHE D 167 41.29 -1.07 -14.24
CA PHE D 167 41.44 -1.90 -15.43
C PHE D 167 42.38 -3.06 -15.21
N LYS D 168 43.27 -2.98 -14.23
CA LYS D 168 44.05 -4.14 -13.84
C LYS D 168 43.22 -5.17 -13.09
N VAL D 169 42.01 -4.83 -12.68
CA VAL D 169 41.09 -5.77 -12.05
C VAL D 169 40.25 -6.48 -13.08
N ILE D 170 39.64 -5.70 -13.98
CA ILE D 170 38.73 -6.23 -14.99
C ILE D 170 39.47 -7.18 -15.92
N ARG D 171 40.65 -6.79 -16.37
CA ARG D 171 41.52 -7.65 -17.17
C ARG D 171 41.94 -8.89 -16.39
N ASP D 172 42.06 -8.78 -15.07
CA ASP D 172 42.35 -9.93 -14.22
C ASP D 172 41.07 -10.63 -13.78
N GLY D 173 39.91 -10.03 -14.01
CA GLY D 173 38.68 -10.75 -13.77
C GLY D 173 38.50 -11.83 -14.83
N LEU D 174 38.64 -11.40 -16.09
CA LEU D 174 38.46 -12.29 -17.23
C LEU D 174 39.45 -13.44 -17.23
N LYS D 175 40.72 -13.15 -16.90
CA LYS D 175 41.72 -14.20 -16.79
C LYS D 175 41.43 -15.12 -15.62
N LEU D 176 40.79 -14.60 -14.57
CA LEU D 176 40.34 -15.49 -13.50
C LEU D 176 39.16 -16.34 -13.93
N LEU D 177 38.39 -15.85 -14.89
CA LEU D 177 37.16 -16.54 -15.29
C LEU D 177 37.41 -17.53 -16.41
N GLU D 178 38.47 -17.35 -17.20
CA GLU D 178 38.88 -18.38 -18.15
C GLU D 178 39.44 -19.60 -17.45
N LEU D 179 39.98 -19.43 -16.25
CA LEU D 179 40.51 -20.52 -15.45
C LEU D 179 39.43 -21.19 -14.63
N ASP D 180 38.20 -20.70 -14.72
CA ASP D 180 37.04 -21.23 -14.02
C ASP D 180 35.95 -21.42 -15.06
N TYR D 181 34.73 -21.67 -14.62
CA TYR D 181 33.64 -21.95 -15.52
C TYR D 181 32.57 -20.87 -15.43
N LEU D 182 32.04 -20.46 -16.57
CA LEU D 182 31.12 -19.33 -16.66
C LEU D 182 29.73 -19.86 -16.42
N GLY D 183 29.45 -20.29 -15.19
CA GLY D 183 28.12 -20.67 -14.84
C GLY D 183 27.72 -22.03 -15.35
N GLY D 184 26.92 -22.74 -14.59
CA GLY D 184 26.40 -23.96 -15.13
C GLY D 184 26.54 -25.16 -14.26
N SER D 185 27.01 -26.25 -14.81
CA SER D 185 27.40 -27.39 -14.02
C SER D 185 28.85 -27.66 -14.37
N GLY D 186 29.73 -26.80 -13.87
CA GLY D 186 31.06 -26.70 -14.44
C GLY D 186 32.06 -27.57 -13.74
N SER D 187 31.59 -28.33 -12.75
CA SER D 187 32.43 -29.34 -12.12
C SER D 187 32.62 -30.54 -13.03
N ARG D 188 31.88 -30.61 -14.13
CA ARG D 188 32.06 -31.63 -15.14
C ARG D 188 32.13 -30.99 -16.52
N GLY D 189 33.24 -30.39 -16.88
CA GLY D 189 33.25 -29.66 -18.15
C GLY D 189 32.42 -28.40 -18.03
N TYR D 190 31.50 -28.19 -18.98
CA TYR D 190 30.44 -27.19 -18.93
C TYR D 190 30.84 -25.75 -18.63
N GLY D 191 31.53 -25.06 -19.54
CA GLY D 191 31.63 -23.63 -19.48
C GLY D 191 33.03 -23.13 -19.27
N LYS D 192 34.03 -23.99 -19.47
CA LYS D 192 35.37 -23.50 -19.69
C LYS D 192 35.36 -22.61 -20.93
N VAL D 193 35.69 -21.35 -20.72
CA VAL D 193 35.29 -20.28 -21.59
C VAL D 193 36.54 -19.52 -21.99
N ALA D 194 36.46 -18.67 -23.01
CA ALA D 194 37.62 -17.94 -23.49
C ALA D 194 37.24 -16.54 -23.94
N PHE D 195 37.84 -15.54 -23.32
CA PHE D 195 37.66 -14.16 -23.73
C PHE D 195 38.73 -13.80 -24.75
N GLU D 196 38.31 -13.52 -25.97
CA GLU D 196 39.20 -13.24 -27.07
C GLU D 196 39.00 -11.81 -27.55
N ASN D 197 40.06 -11.31 -28.22
CA ASN D 197 40.29 -10.00 -28.83
C ASN D 197 39.62 -8.84 -28.09
N LEU D 198 40.00 -8.71 -26.81
CA LEU D 198 39.55 -7.62 -25.96
C LEU D 198 39.95 -6.27 -26.54
N LYS D 199 39.08 -5.28 -26.32
CA LYS D 199 39.24 -3.99 -26.99
C LYS D 199 38.46 -2.97 -26.18
N ALA D 200 39.16 -2.01 -25.59
CA ALA D 200 38.51 -0.94 -24.87
C ALA D 200 38.50 0.31 -25.73
N THR D 201 37.32 0.75 -26.14
CA THR D 201 37.17 1.97 -26.91
C THR D 201 36.32 2.95 -26.13
N THR D 202 36.63 4.23 -26.25
CA THR D 202 35.86 5.24 -25.57
C THR D 202 34.66 5.61 -26.44
N VAL D 203 33.51 5.78 -25.80
CA VAL D 203 32.27 6.06 -26.51
C VAL D 203 31.63 7.37 -26.12
N PHE D 204 32.12 8.03 -25.06
CA PHE D 204 31.63 9.35 -24.70
C PHE D 204 32.68 10.00 -23.81
N GLY D 205 33.19 11.16 -24.22
CA GLY D 205 33.88 12.02 -23.30
C GLY D 205 35.38 12.18 -23.45
N ASN D 206 35.96 11.72 -24.55
CA ASN D 206 37.34 12.01 -24.97
C ASN D 206 38.37 11.57 -23.92
N TYR D 207 38.46 10.26 -23.74
CA TYR D 207 39.41 9.67 -22.81
C TYR D 207 40.39 8.83 -23.59
N ASP D 208 41.68 8.95 -23.26
CA ASP D 208 42.72 8.22 -23.95
C ASP D 208 42.65 6.73 -23.63
N VAL D 209 42.47 5.92 -24.67
CA VAL D 209 42.29 4.49 -24.49
C VAL D 209 43.43 3.74 -25.15
N LYS D 210 44.61 4.34 -25.16
CA LYS D 210 45.77 3.70 -25.79
C LYS D 210 46.68 3.02 -24.79
N THR D 211 46.96 3.68 -23.67
CA THR D 211 47.86 3.10 -22.66
C THR D 211 47.20 1.99 -21.87
N LEU D 212 45.90 1.80 -22.02
CA LEU D 212 45.15 0.73 -21.37
C LEU D 212 44.71 -0.34 -22.34
N ASN D 213 44.91 -0.14 -23.63
CA ASN D 213 44.57 -1.12 -24.64
C ASN D 213 45.76 -1.99 -25.01
N GLU D 214 46.97 -1.55 -24.66
CA GLU D 214 48.13 -2.42 -24.70
C GLU D 214 48.24 -3.27 -23.43
N LEU D 215 47.55 -2.89 -22.37
CA LEU D 215 47.53 -3.67 -21.14
C LEU D 215 46.55 -4.83 -21.22
N LEU D 216 45.58 -4.77 -22.13
CA LEU D 216 44.58 -5.82 -22.27
C LEU D 216 45.07 -6.99 -23.11
N THR D 217 46.21 -6.85 -23.78
CA THR D 217 46.75 -7.90 -24.63
C THR D 217 48.13 -8.36 -24.15
N ALA D 218 48.47 -8.08 -22.91
CA ALA D 218 49.74 -8.49 -22.35
C ALA D 218 49.75 -10.00 -22.06
N MET E 1 3.84 35.82 -33.57
CA MET E 1 3.59 34.39 -33.41
C MET E 1 4.82 33.68 -32.88
N THR E 2 5.21 34.00 -31.66
CA THR E 2 6.31 33.32 -30.99
C THR E 2 5.74 32.52 -29.81
N PHE E 3 5.20 31.35 -30.16
CA PHE E 3 4.92 30.26 -29.21
C PHE E 3 4.72 29.02 -30.07
N ALA E 4 5.59 28.04 -29.92
CA ALA E 4 5.49 26.82 -30.71
C ALA E 4 5.67 25.63 -29.79
N LYS E 5 5.45 24.45 -30.33
CA LYS E 5 5.61 23.24 -29.52
C LYS E 5 5.91 22.08 -30.45
N ILE E 6 7.10 21.50 -30.32
CA ILE E 6 7.55 20.47 -31.24
C ILE E 6 7.50 19.12 -30.53
N LYS E 7 7.59 18.05 -31.33
CA LYS E 7 7.46 16.69 -30.83
C LYS E 7 8.63 15.86 -31.29
N PHE E 8 9.61 15.65 -30.41
CA PHE E 8 10.65 14.65 -30.61
C PHE E 8 9.98 13.29 -30.56
N SER E 9 9.97 12.58 -31.67
CA SER E 9 9.40 11.25 -31.69
C SER E 9 10.44 10.24 -32.11
N ALA E 10 10.42 9.08 -31.46
CA ALA E 10 11.38 8.04 -31.77
C ALA E 10 10.79 6.70 -31.37
N GLN E 11 11.52 5.65 -31.73
CA GLN E 11 11.16 4.29 -31.32
C GLN E 11 12.23 3.81 -30.35
N ILE E 12 11.83 3.53 -29.12
CA ILE E 12 12.66 2.83 -28.16
C ILE E 12 12.70 1.37 -28.59
N ARG E 13 13.84 0.92 -29.09
CA ARG E 13 14.09 -0.50 -29.24
C ARG E 13 14.80 -0.98 -28.00
N LEU E 14 14.50 -2.19 -27.59
CA LEU E 14 15.22 -2.75 -26.47
C LEU E 14 16.25 -3.74 -26.97
N GLU E 15 17.31 -3.89 -26.20
CA GLU E 15 18.18 -5.05 -26.19
C GLU E 15 18.45 -5.25 -24.73
N THR E 16 18.58 -6.50 -24.29
CA THR E 16 18.58 -6.89 -22.88
C THR E 16 17.36 -6.28 -22.19
N GLY E 17 16.19 -6.80 -22.56
CA GLY E 17 14.88 -6.26 -22.21
C GLY E 17 14.67 -5.77 -20.79
N LEU E 18 13.95 -4.67 -20.62
CA LEU E 18 14.14 -3.88 -19.42
C LEU E 18 13.11 -4.22 -18.35
N HIS E 19 13.54 -4.09 -17.11
CA HIS E 19 12.70 -4.32 -15.95
C HIS E 19 12.52 -2.97 -15.24
N ILE E 20 11.56 -2.19 -15.71
CA ILE E 20 11.09 -1.05 -14.94
C ILE E 20 10.10 -1.60 -13.93
N GLY E 21 10.45 -1.52 -12.65
CA GLY E 21 9.74 -2.29 -11.66
C GLY E 21 8.37 -1.75 -11.35
N GLY E 22 7.48 -2.65 -10.99
CA GLY E 22 6.14 -2.24 -10.68
C GLY E 22 5.90 -2.29 -9.19
N SER E 23 4.84 -3.01 -8.80
CA SER E 23 4.48 -3.07 -7.40
C SER E 23 5.49 -3.89 -6.61
N ASP E 24 5.78 -3.43 -5.40
CA ASP E 24 6.58 -4.21 -4.46
C ASP E 24 5.69 -5.06 -3.56
N ALA E 25 4.52 -5.46 -4.06
CA ALA E 25 3.56 -6.19 -3.28
C ALA E 25 4.02 -7.62 -3.06
N PHE E 26 3.24 -8.36 -2.27
CA PHE E 26 3.64 -9.67 -1.84
C PHE E 26 3.46 -10.63 -3.00
N ALA E 27 4.56 -11.20 -3.50
CA ALA E 27 4.48 -12.19 -4.57
C ALA E 27 3.78 -13.43 -4.06
N ALA E 28 3.13 -14.17 -4.98
CA ALA E 28 2.07 -15.10 -4.61
C ALA E 28 2.55 -16.24 -3.73
N ILE E 29 3.20 -17.28 -4.28
CA ILE E 29 4.27 -18.02 -3.62
C ILE E 29 5.37 -18.27 -4.63
N GLY E 30 5.04 -18.89 -5.75
CA GLY E 30 6.04 -19.17 -6.77
C GLY E 30 5.95 -18.27 -7.97
N ALA E 31 5.20 -17.18 -7.90
CA ALA E 31 4.97 -16.31 -9.02
C ALA E 31 6.15 -15.35 -9.16
N ILE E 32 5.96 -14.30 -9.95
CA ILE E 32 7.03 -13.35 -10.23
C ILE E 32 7.34 -12.56 -8.97
N ASN E 33 8.60 -12.53 -8.58
CA ASN E 33 8.98 -11.79 -7.39
C ASN E 33 8.92 -10.29 -7.64
N SER E 34 9.50 -9.84 -8.75
CA SER E 34 9.46 -8.44 -9.10
C SER E 34 8.87 -8.31 -10.49
N PRO E 35 7.71 -7.70 -10.64
CA PRO E 35 7.09 -7.55 -11.96
C PRO E 35 7.44 -6.21 -12.60
N VAL E 36 7.07 -6.09 -13.86
CA VAL E 36 7.23 -4.85 -14.60
C VAL E 36 5.95 -4.03 -14.47
N ILE E 37 6.04 -2.77 -14.82
CA ILE E 37 4.88 -1.90 -14.80
C ILE E 37 4.06 -2.14 -16.06
N LYS E 38 2.74 -2.18 -15.90
CA LYS E 38 1.85 -2.72 -16.91
C LYS E 38 0.79 -1.69 -17.24
N ASP E 39 0.39 -1.66 -18.48
CA ASP E 39 -0.80 -0.95 -18.90
C ASP E 39 -2.01 -1.72 -18.37
N PRO E 40 -2.96 -1.09 -17.67
CA PRO E 40 -4.07 -1.88 -17.10
C PRO E 40 -5.09 -2.37 -18.11
N ILE E 41 -5.19 -1.77 -19.30
CA ILE E 41 -6.24 -2.15 -20.23
C ILE E 41 -5.79 -3.21 -21.23
N THR E 42 -4.50 -3.29 -21.55
CA THR E 42 -3.98 -4.30 -22.45
C THR E 42 -2.99 -5.27 -21.83
N ASN E 43 -2.52 -4.99 -20.61
CA ASN E 43 -1.57 -5.83 -19.86
C ASN E 43 -0.28 -6.06 -20.64
N LEU E 44 0.21 -5.01 -21.26
CA LEU E 44 1.46 -4.97 -21.97
C LEU E 44 2.43 -4.08 -21.21
N PRO E 45 3.74 -4.26 -21.38
CA PRO E 45 4.69 -3.35 -20.75
C PRO E 45 4.59 -1.94 -21.29
N ILE E 46 4.91 -0.99 -20.41
CA ILE E 46 5.04 0.41 -20.75
C ILE E 46 6.42 0.87 -20.29
N ILE E 47 6.81 2.05 -20.75
CA ILE E 47 7.93 2.76 -20.15
C ILE E 47 7.39 4.11 -19.72
N PRO E 48 7.36 4.41 -18.43
CA PRO E 48 6.80 5.70 -18.01
C PRO E 48 7.75 6.85 -18.30
N GLY E 49 7.16 8.01 -18.52
CA GLY E 49 7.96 9.20 -18.74
C GLY E 49 8.67 9.69 -17.51
N SER E 50 8.21 9.27 -16.33
CA SER E 50 8.93 9.58 -15.11
C SER E 50 10.29 8.88 -15.09
N SER E 51 10.32 7.64 -15.56
CA SER E 51 11.54 6.85 -15.53
C SER E 51 12.54 7.35 -16.56
N LEU E 52 12.06 7.63 -17.77
CA LEU E 52 12.86 8.27 -18.81
C LEU E 52 13.37 9.64 -18.36
N LYS E 53 12.48 10.47 -17.81
CA LYS E 53 12.85 11.82 -17.40
C LYS E 53 13.88 11.81 -16.29
N GLY E 54 13.66 10.96 -15.28
CA GLY E 54 14.60 10.91 -14.17
C GLY E 54 15.93 10.33 -14.55
N LYS E 55 15.93 9.27 -15.36
CA LYS E 55 17.18 8.66 -15.78
C LYS E 55 17.97 9.60 -16.68
N MET E 56 17.30 10.27 -17.61
CA MET E 56 17.94 11.23 -18.49
C MET E 56 18.43 12.45 -17.72
N ARG E 57 17.73 12.83 -16.64
CA ARG E 57 18.18 13.97 -15.85
C ARG E 57 19.42 13.64 -15.04
N THR E 58 19.49 12.44 -14.46
CA THR E 58 20.69 12.10 -13.72
C THR E 58 21.85 11.81 -14.64
N LEU E 59 21.60 11.38 -15.87
CA LEU E 59 22.70 11.21 -16.81
C LEU E 59 23.22 12.56 -17.30
N LEU E 60 22.32 13.47 -17.67
CA LEU E 60 22.74 14.80 -18.09
C LEU E 60 23.29 15.64 -16.95
N ALA E 61 22.98 15.29 -15.71
CA ALA E 61 23.54 15.99 -14.57
C ALA E 61 25.02 15.74 -14.40
N LYS E 62 25.53 14.66 -14.98
CA LYS E 62 26.94 14.35 -14.95
C LYS E 62 27.71 15.09 -16.03
N VAL E 63 27.05 15.51 -17.10
CA VAL E 63 27.71 16.23 -18.17
C VAL E 63 27.58 17.74 -17.97
N TYR E 64 26.39 18.24 -17.67
CA TYR E 64 26.14 19.67 -17.58
C TYR E 64 25.81 20.04 -16.15
N ASN E 65 26.82 20.18 -15.30
CA ASN E 65 26.59 20.87 -14.03
C ASN E 65 27.69 21.82 -13.59
N GLU E 66 28.97 21.56 -13.94
CA GLU E 66 30.19 22.24 -13.52
C GLU E 66 30.51 22.08 -12.02
N LYS E 67 29.64 21.43 -11.26
CA LYS E 67 29.80 21.13 -9.84
C LYS E 67 28.74 20.12 -9.44
N VAL E 68 29.10 19.23 -8.52
CA VAL E 68 28.21 18.14 -8.13
C VAL E 68 27.05 18.71 -7.33
N ALA E 69 25.84 18.34 -7.73
CA ALA E 69 24.61 18.84 -7.12
C ALA E 69 24.04 17.81 -6.17
N GLU E 70 23.67 18.26 -4.97
CA GLU E 70 23.13 17.38 -3.95
C GLU E 70 21.65 17.10 -4.15
N LYS E 71 20.94 17.97 -4.85
CA LYS E 71 19.51 17.87 -5.12
C LYS E 71 19.30 18.13 -6.60
N PRO E 72 18.12 17.78 -7.12
CA PRO E 72 17.74 18.33 -8.44
C PRO E 72 17.54 19.83 -8.42
N SER E 73 17.24 20.41 -7.26
CA SER E 73 17.09 21.86 -7.15
C SER E 73 18.39 22.60 -7.41
N ASP E 74 19.52 21.96 -7.13
CA ASP E 74 20.83 22.58 -7.28
C ASP E 74 21.45 22.30 -8.63
N ASP E 75 20.65 21.95 -9.63
CA ASP E 75 21.17 21.74 -10.96
C ASP E 75 21.47 23.06 -11.64
N SER E 76 22.23 22.97 -12.73
CA SER E 76 22.55 24.13 -13.54
C SER E 76 21.32 24.61 -14.28
N ASP E 77 21.39 25.85 -14.75
CA ASP E 77 20.27 26.46 -15.44
C ASP E 77 20.07 25.95 -16.85
N ILE E 78 21.00 25.16 -17.39
CA ILE E 78 20.78 24.54 -18.69
C ILE E 78 20.01 23.23 -18.54
N LEU E 79 19.96 22.65 -17.35
CA LEU E 79 19.08 21.53 -17.06
C LEU E 79 17.83 21.96 -16.34
N SER E 80 17.89 23.02 -15.55
CA SER E 80 16.74 23.44 -14.77
C SER E 80 15.68 24.06 -15.66
N ARG E 81 16.05 24.60 -16.81
CA ARG E 81 15.00 25.07 -17.69
C ARG E 81 14.33 23.92 -18.42
N LEU E 82 15.07 22.87 -18.76
CA LEU E 82 14.47 21.76 -19.50
C LEU E 82 13.61 20.90 -18.59
N PHE E 83 14.22 20.32 -17.57
CA PHE E 83 13.53 19.35 -16.73
C PHE E 83 12.75 20.00 -15.61
N GLY E 84 12.82 21.31 -15.47
CA GLY E 84 12.09 21.98 -14.43
C GLY E 84 12.90 22.10 -13.15
N ASN E 85 12.50 23.06 -12.33
CA ASN E 85 13.18 23.29 -11.06
C ASN E 85 12.15 23.90 -10.13
N SER E 86 12.00 23.30 -8.95
CA SER E 86 10.95 23.74 -8.04
C SER E 86 11.30 25.04 -7.35
N LYS E 87 12.59 25.31 -7.16
CA LYS E 87 12.96 26.42 -6.29
C LYS E 87 13.24 27.70 -7.08
N ASP E 88 13.92 27.59 -8.21
CA ASP E 88 14.12 28.75 -9.09
C ASP E 88 12.79 29.11 -9.72
N LYS E 89 12.40 30.38 -9.63
CA LYS E 89 11.09 30.84 -10.07
C LYS E 89 10.96 30.89 -11.59
N ARG E 90 12.04 31.08 -12.33
CA ARG E 90 11.96 31.09 -13.78
C ARG E 90 11.74 29.68 -14.32
N PHE E 91 12.15 28.68 -13.55
CA PHE E 91 12.36 27.33 -14.04
C PHE E 91 11.35 26.36 -13.47
N LYS E 92 10.33 26.87 -12.81
CA LYS E 92 9.11 26.11 -12.63
C LYS E 92 8.41 26.00 -13.98
N MET E 93 7.66 24.89 -14.17
CA MET E 93 6.78 24.61 -15.30
C MET E 93 7.50 24.29 -16.61
N GLY E 94 8.82 24.42 -16.67
CA GLY E 94 9.51 24.16 -17.92
C GLY E 94 10.05 22.76 -17.98
N ARG E 95 10.43 22.32 -19.18
CA ARG E 95 10.06 22.88 -20.47
C ARG E 95 9.68 21.67 -21.31
N LEU E 96 10.18 20.51 -20.89
CA LEU E 96 9.99 19.24 -21.58
C LEU E 96 8.84 18.45 -20.99
N ILE E 97 8.15 17.70 -21.84
CA ILE E 97 7.03 16.86 -21.44
C ILE E 97 7.35 15.46 -21.96
N PHE E 98 7.69 14.58 -21.03
CA PHE E 98 8.02 13.19 -21.31
C PHE E 98 6.77 12.34 -21.23
N ARG E 99 6.14 12.09 -22.36
CA ARG E 99 4.97 11.22 -22.39
C ARG E 99 5.43 9.78 -22.18
N ASP E 100 4.51 8.95 -21.68
CA ASP E 100 4.82 7.54 -21.47
C ASP E 100 5.01 6.85 -22.81
N ALA E 101 5.65 5.69 -22.76
CA ALA E 101 5.96 4.93 -23.95
C ALA E 101 5.17 3.63 -23.92
N PHE E 102 4.48 3.33 -25.02
CA PHE E 102 3.60 2.18 -25.14
C PHE E 102 4.11 1.32 -26.29
N LEU E 103 3.74 0.04 -26.29
CA LEU E 103 4.18 -0.90 -27.33
C LEU E 103 3.71 -0.51 -28.72
N SER E 104 4.67 -0.43 -29.64
CA SER E 104 4.37 -0.12 -31.02
C SER E 104 4.44 -1.34 -31.93
N ASN E 105 5.06 -2.44 -31.50
CA ASN E 105 5.14 -3.59 -32.38
C ASN E 105 4.62 -4.86 -31.74
N ALA E 106 3.45 -4.80 -31.13
CA ALA E 106 2.85 -6.01 -30.57
C ALA E 106 2.52 -7.02 -31.66
N ASP E 107 2.01 -6.54 -32.80
CA ASP E 107 1.69 -7.46 -33.89
C ASP E 107 2.94 -7.92 -34.63
N GLU E 108 4.00 -7.11 -34.63
CA GLU E 108 5.24 -7.54 -35.26
C GLU E 108 5.92 -8.60 -34.42
N LEU E 109 5.82 -8.49 -33.10
CA LEU E 109 6.29 -9.56 -32.23
C LEU E 109 5.42 -10.80 -32.33
N ASP E 110 4.12 -10.60 -32.61
CA ASP E 110 3.25 -11.74 -32.87
C ASP E 110 3.67 -12.47 -34.15
N SER E 111 4.06 -11.72 -35.18
CA SER E 111 4.55 -12.33 -36.41
C SER E 111 5.92 -12.96 -36.20
N LEU E 112 6.68 -12.47 -35.21
CA LEU E 112 7.94 -13.13 -34.86
C LEU E 112 7.71 -14.38 -34.00
N GLY E 113 6.47 -14.68 -33.64
CA GLY E 113 6.13 -15.93 -33.02
C GLY E 113 6.38 -16.03 -31.53
N VAL E 114 6.52 -14.91 -30.84
CA VAL E 114 6.76 -14.96 -29.41
C VAL E 114 5.43 -15.14 -28.68
N ARG E 115 5.47 -15.87 -27.56
CA ARG E 115 4.26 -16.18 -26.81
C ARG E 115 3.79 -14.98 -25.99
N SER E 116 4.62 -14.50 -25.09
CA SER E 116 4.33 -13.35 -24.26
C SER E 116 5.10 -12.14 -24.75
N TYR E 117 4.97 -11.05 -24.02
CA TYR E 117 5.74 -9.85 -24.25
C TYR E 117 6.69 -9.57 -23.11
N THR E 118 6.52 -10.27 -21.99
CA THR E 118 7.47 -10.27 -20.89
C THR E 118 8.06 -11.66 -20.80
N GLU E 119 9.37 -11.74 -20.90
CA GLU E 119 10.05 -12.95 -20.48
C GLU E 119 10.23 -12.91 -18.98
N VAL E 120 10.47 -14.07 -18.41
CA VAL E 120 10.76 -14.19 -16.99
C VAL E 120 12.17 -14.72 -16.83
N LYS E 121 12.98 -13.97 -16.12
CA LYS E 121 14.40 -14.17 -15.93
C LYS E 121 14.58 -14.84 -14.59
N PHE E 122 14.99 -16.11 -14.58
CA PHE E 122 15.24 -16.85 -13.37
C PHE E 122 16.68 -16.64 -12.94
N GLU E 123 16.86 -16.11 -11.74
CA GLU E 123 18.17 -15.73 -11.24
C GLU E 123 18.36 -16.33 -9.87
N ASN E 124 19.55 -16.22 -9.31
CA ASN E 124 19.77 -16.52 -7.91
C ASN E 124 20.96 -15.74 -7.37
N THR E 125 21.15 -15.80 -6.06
CA THR E 125 22.33 -15.25 -5.41
C THR E 125 23.01 -16.34 -4.61
N ILE E 126 24.34 -16.39 -4.70
CA ILE E 126 25.13 -17.33 -3.92
C ILE E 126 25.70 -16.58 -2.73
N ASP E 127 25.45 -17.11 -1.54
CA ASP E 127 26.03 -16.60 -0.30
C ASP E 127 27.52 -16.86 -0.40
N ARG E 128 28.32 -15.88 0.01
CA ARG E 128 29.78 -15.96 -0.12
C ARG E 128 30.35 -17.08 0.72
N ILE E 129 30.03 -17.06 2.01
CA ILE E 129 30.27 -18.19 2.89
C ILE E 129 29.04 -19.07 2.77
N THR E 130 29.21 -20.38 2.94
CA THR E 130 28.24 -21.48 2.93
C THR E 130 27.67 -21.79 1.54
N ALA E 131 27.87 -20.92 0.55
CA ALA E 131 27.49 -21.12 -0.86
C ALA E 131 26.03 -21.54 -1.06
N GLU E 132 25.11 -20.92 -0.33
CA GLU E 132 23.71 -21.20 -0.56
C GLU E 132 23.14 -20.30 -1.64
N ALA E 133 22.25 -20.88 -2.43
CA ALA E 133 21.61 -20.17 -3.51
C ALA E 133 20.21 -19.76 -3.10
N ASN E 134 19.85 -18.52 -3.40
CA ASN E 134 18.52 -17.99 -3.17
C ASN E 134 17.97 -17.51 -4.50
N PRO E 135 16.91 -18.13 -5.03
CA PRO E 135 16.44 -17.79 -6.37
C PRO E 135 15.56 -16.54 -6.42
N ARG E 136 15.35 -16.09 -7.64
CA ARG E 136 14.63 -14.88 -8.03
C ARG E 136 13.91 -15.17 -9.33
N GLN E 137 12.77 -14.53 -9.53
CA GLN E 137 12.09 -14.54 -10.82
C GLN E 137 11.77 -13.09 -11.15
N ILE E 138 12.30 -12.58 -12.24
CA ILE E 138 12.12 -11.18 -12.59
C ILE E 138 11.42 -11.10 -13.94
N GLU E 139 10.24 -10.50 -13.98
CA GLU E 139 9.67 -10.15 -15.27
C GLU E 139 10.49 -9.06 -15.90
N ARG E 140 10.79 -9.21 -17.17
CA ARG E 140 11.32 -8.12 -17.95
C ARG E 140 10.69 -8.20 -19.33
N ALA E 141 10.70 -7.09 -20.04
CA ALA E 141 10.18 -7.10 -21.40
C ALA E 141 11.10 -7.92 -22.31
N ILE E 142 10.55 -8.40 -23.41
CA ILE E 142 11.36 -9.22 -24.30
C ILE E 142 12.26 -8.32 -25.13
N ARG E 143 13.20 -8.93 -25.86
CA ARG E 143 14.36 -8.19 -26.35
C ARG E 143 14.00 -7.21 -27.45
N ASN E 144 13.48 -7.67 -28.59
CA ASN E 144 13.30 -6.78 -29.73
C ASN E 144 11.99 -6.00 -29.69
N SER E 145 11.45 -5.77 -28.50
CA SER E 145 10.26 -4.97 -28.26
C SER E 145 10.52 -3.49 -28.58
N THR E 146 9.45 -2.74 -28.86
CA THR E 146 9.59 -1.36 -29.33
C THR E 146 8.48 -0.49 -28.75
N PHE E 147 8.85 0.71 -28.33
CA PHE E 147 8.00 1.61 -27.58
C PHE E 147 7.97 2.98 -28.25
N ASP E 148 6.78 3.55 -28.44
CA ASP E 148 6.67 4.87 -29.04
C ASP E 148 7.05 5.93 -28.02
N PHE E 149 8.14 6.65 -28.29
CA PHE E 149 8.66 7.67 -27.40
C PHE E 149 8.34 9.04 -28.00
N GLU E 150 7.69 9.89 -27.22
CA GLU E 150 7.43 11.25 -27.66
C GLU E 150 7.72 12.23 -26.53
N LEU E 151 8.33 13.35 -26.90
CA LEU E 151 9.13 14.17 -26.01
C LEU E 151 8.84 15.64 -26.30
N ILE E 152 7.60 16.05 -26.05
CA ILE E 152 7.10 17.39 -26.37
C ILE E 152 7.98 18.49 -25.79
N TYR E 153 8.44 19.40 -26.64
CA TYR E 153 9.27 20.52 -26.24
C TYR E 153 8.52 21.83 -26.49
N GLU E 154 8.48 22.69 -25.49
CA GLU E 154 7.78 23.96 -25.56
C GLU E 154 8.74 25.09 -25.95
N ILE E 155 8.27 25.98 -26.82
CA ILE E 155 9.07 27.11 -27.28
C ILE E 155 8.29 28.38 -26.99
N THR E 156 8.75 29.14 -26.00
CA THR E 156 8.14 30.40 -25.61
C THR E 156 8.95 31.54 -26.21
N ASP E 157 8.40 32.76 -26.13
CA ASP E 157 9.04 33.94 -26.74
C ASP E 157 10.35 34.33 -26.06
N GLU E 158 10.65 33.80 -24.89
CA GLU E 158 11.78 34.27 -24.11
C GLU E 158 13.13 33.75 -24.58
N ASN E 159 13.16 32.65 -25.35
CA ASN E 159 14.43 31.93 -25.48
C ASN E 159 15.39 32.54 -26.50
N GLU E 160 15.04 32.41 -27.79
CA GLU E 160 15.68 32.99 -28.97
C GLU E 160 17.11 32.51 -29.26
N ASN E 161 17.75 31.82 -28.31
CA ASN E 161 18.99 31.10 -28.57
C ASN E 161 18.95 29.76 -27.86
N GLN E 162 18.12 29.70 -26.82
CA GLN E 162 18.09 28.53 -25.95
C GLN E 162 17.43 27.36 -26.65
N VAL E 163 16.68 27.61 -27.72
CA VAL E 163 16.01 26.51 -28.44
C VAL E 163 17.03 25.61 -29.11
N GLU E 164 17.91 26.20 -29.92
CA GLU E 164 18.95 25.39 -30.55
C GLU E 164 20.04 25.01 -29.54
N GLU E 165 20.14 25.74 -28.43
CA GLU E 165 21.05 25.29 -27.38
C GLU E 165 20.52 24.05 -26.67
N ASP E 166 19.20 23.93 -26.53
CA ASP E 166 18.62 22.83 -25.76
C ASP E 166 18.42 21.60 -26.62
N PHE E 167 18.31 21.79 -27.94
CA PHE E 167 18.23 20.65 -28.84
C PHE E 167 19.47 19.79 -28.77
N LYS E 168 20.64 20.42 -28.68
CA LYS E 168 21.91 19.73 -28.47
C LYS E 168 21.89 18.93 -27.17
N VAL E 169 21.30 19.49 -26.12
CA VAL E 169 21.27 18.84 -24.82
C VAL E 169 20.33 17.63 -24.85
N ILE E 170 19.20 17.76 -25.54
CA ILE E 170 18.26 16.64 -25.64
C ILE E 170 18.86 15.52 -26.47
N ARG E 171 19.53 15.86 -27.58
CA ARG E 171 20.17 14.83 -28.39
C ARG E 171 21.31 14.14 -27.65
N ASP E 172 22.07 14.89 -26.87
CA ASP E 172 23.11 14.30 -26.03
C ASP E 172 22.54 13.44 -24.91
N GLY E 173 21.41 13.83 -24.31
CA GLY E 173 20.78 13.00 -23.31
C GLY E 173 20.12 11.76 -23.85
N LEU E 174 19.73 11.77 -25.12
CA LEU E 174 19.29 10.54 -25.76
C LEU E 174 20.48 9.66 -26.16
N LYS E 175 21.63 10.26 -26.43
CA LYS E 175 22.83 9.48 -26.71
C LYS E 175 23.40 8.85 -25.44
N LEU E 176 23.18 9.46 -24.29
CA LEU E 176 23.67 8.86 -23.05
C LEU E 176 22.78 7.76 -22.50
N LEU E 177 21.51 7.70 -22.89
CA LEU E 177 20.69 6.56 -22.52
C LEU E 177 21.06 5.31 -23.29
N GLU E 178 21.67 5.46 -24.46
CA GLU E 178 22.08 4.30 -25.22
C GLU E 178 23.36 3.70 -24.69
N LEU E 179 24.20 4.50 -24.02
CA LEU E 179 25.42 4.01 -23.41
C LEU E 179 25.25 3.59 -21.97
N ASP E 180 24.32 4.21 -21.26
CA ASP E 180 23.94 3.76 -19.94
C ASP E 180 22.72 2.84 -20.10
N TYR E 181 22.01 2.55 -19.03
CA TYR E 181 20.83 1.71 -19.09
C TYR E 181 19.57 2.51 -18.83
N LEU E 182 18.44 1.82 -18.72
CA LEU E 182 17.15 2.47 -18.48
C LEU E 182 16.31 1.58 -17.56
N GLY E 183 15.88 2.15 -16.44
CA GLY E 183 15.06 1.43 -15.49
C GLY E 183 15.88 0.33 -14.85
N GLY E 184 15.48 -0.89 -15.18
CA GLY E 184 16.30 -2.08 -15.08
C GLY E 184 16.94 -2.46 -13.77
N SER E 185 17.84 -3.41 -13.88
CA SER E 185 18.89 -3.72 -12.94
C SER E 185 20.12 -3.70 -13.84
N GLY E 186 20.64 -2.50 -14.06
CA GLY E 186 21.35 -2.24 -15.30
C GLY E 186 22.77 -2.74 -15.30
N SER E 187 23.35 -2.93 -14.13
CA SER E 187 24.70 -3.48 -14.07
C SER E 187 24.70 -4.97 -14.37
N ARG E 188 23.54 -5.59 -14.44
CA ARG E 188 23.37 -7.01 -14.65
C ARG E 188 22.63 -7.33 -15.96
N GLY E 189 22.78 -6.48 -16.97
CA GLY E 189 21.96 -6.56 -18.17
C GLY E 189 20.90 -5.48 -18.18
N TYR E 190 19.70 -5.85 -18.59
CA TYR E 190 18.45 -5.17 -18.28
C TYR E 190 18.31 -3.76 -18.86
N GLY E 191 19.26 -3.29 -19.63
CA GLY E 191 19.16 -1.92 -20.08
C GLY E 191 19.10 -1.79 -21.57
N LYS E 192 20.17 -1.20 -22.11
CA LYS E 192 20.55 -1.11 -23.52
C LYS E 192 19.36 -0.72 -24.40
N VAL E 193 18.91 0.49 -24.23
CA VAL E 193 17.87 1.06 -25.08
C VAL E 193 18.52 1.68 -26.30
N ALA E 194 18.00 1.38 -27.49
CA ALA E 194 18.32 2.11 -28.69
C ALA E 194 17.18 3.05 -29.05
N PHE E 195 17.51 4.19 -29.64
CA PHE E 195 16.53 5.15 -30.13
C PHE E 195 16.66 5.22 -31.64
N GLU E 196 15.62 4.82 -32.35
CA GLU E 196 15.67 4.91 -33.81
C GLU E 196 14.60 5.86 -34.31
N ASN E 197 14.84 6.38 -35.52
CA ASN E 197 13.96 7.30 -36.24
C ASN E 197 13.70 8.58 -35.46
N LEU E 198 14.79 9.25 -35.07
CA LEU E 198 14.70 10.52 -34.35
C LEU E 198 14.24 11.61 -35.30
N LYS E 199 13.04 12.16 -35.08
CA LYS E 199 12.59 13.28 -35.90
C LYS E 199 11.64 14.14 -35.08
N ALA E 200 11.75 15.45 -35.26
CA ALA E 200 10.91 16.40 -34.55
C ALA E 200 10.04 17.18 -35.53
N THR E 201 8.83 17.50 -35.11
CA THR E 201 7.90 18.25 -35.93
C THR E 201 7.02 19.10 -35.02
N THR E 202 6.71 20.31 -35.49
CA THR E 202 5.98 21.27 -34.67
C THR E 202 4.52 20.89 -34.64
N VAL E 203 4.06 20.33 -33.52
CA VAL E 203 2.65 20.00 -33.42
C VAL E 203 1.82 21.22 -33.04
N PHE E 204 2.44 22.29 -32.55
CA PHE E 204 1.79 23.60 -32.49
C PHE E 204 2.70 24.57 -33.21
N GLY E 205 2.19 25.18 -34.27
CA GLY E 205 2.99 25.55 -35.41
C GLY E 205 3.87 26.77 -35.29
N ASN E 206 4.36 27.19 -36.46
CA ASN E 206 5.19 28.36 -36.70
C ASN E 206 6.55 28.27 -36.01
N TYR E 207 7.26 27.20 -36.34
CA TYR E 207 8.69 27.08 -36.11
C TYR E 207 9.24 26.10 -37.14
N ASP E 208 10.50 26.29 -37.51
CA ASP E 208 11.11 25.48 -38.56
C ASP E 208 12.00 24.42 -37.91
N VAL E 209 11.60 23.17 -38.04
CA VAL E 209 12.39 22.05 -37.54
C VAL E 209 13.19 21.39 -38.66
N LYS E 210 13.45 22.12 -39.75
CA LYS E 210 14.30 21.61 -40.82
C LYS E 210 15.72 21.41 -40.35
N THR E 211 16.28 22.42 -39.68
CA THR E 211 17.66 22.35 -39.23
C THR E 211 17.86 21.34 -38.12
N LEU E 212 16.83 21.09 -37.32
CA LEU E 212 16.96 20.10 -36.24
C LEU E 212 16.81 18.69 -36.77
N ASN E 213 15.91 18.47 -37.74
CA ASN E 213 15.81 17.14 -38.32
C ASN E 213 17.02 16.84 -39.19
N GLU E 214 17.69 17.87 -39.70
CA GLU E 214 19.04 17.66 -40.24
C GLU E 214 20.03 17.37 -39.13
N LEU E 215 19.87 18.03 -37.98
CA LEU E 215 20.80 17.85 -36.87
C LEU E 215 20.66 16.48 -36.22
N LEU E 216 19.47 15.90 -36.27
CA LEU E 216 19.27 14.50 -35.86
C LEU E 216 19.57 13.66 -37.09
N THR E 217 20.78 13.10 -37.13
CA THR E 217 21.35 12.44 -38.31
C THR E 217 20.55 11.26 -38.83
N THR F 2 -31.79 37.72 -28.48
CA THR F 2 -30.70 37.03 -29.15
C THR F 2 -29.86 36.23 -28.16
N PHE F 3 -30.47 35.92 -27.02
CA PHE F 3 -29.79 35.23 -25.94
C PHE F 3 -29.76 33.74 -26.22
N ALA F 4 -28.57 33.17 -26.39
CA ALA F 4 -28.44 31.76 -26.67
C ALA F 4 -27.32 31.15 -25.84
N LYS F 5 -27.47 29.87 -25.52
CA LYS F 5 -26.45 29.08 -24.83
C LYS F 5 -26.16 27.85 -25.67
N ILE F 6 -24.92 27.73 -26.13
CA ILE F 6 -24.61 26.93 -27.30
C ILE F 6 -23.72 25.73 -26.96
N LYS F 7 -24.01 25.10 -25.80
CA LYS F 7 -23.17 24.16 -25.05
C LYS F 7 -22.34 23.18 -25.87
N PHE F 8 -21.03 23.24 -25.66
CA PHE F 8 -20.08 22.27 -26.17
C PHE F 8 -20.12 20.99 -25.35
N SER F 9 -20.00 19.86 -26.03
CA SER F 9 -20.05 18.57 -25.36
C SER F 9 -19.04 17.67 -26.06
N ALA F 10 -18.09 17.16 -25.31
CA ALA F 10 -17.05 16.32 -25.84
C ALA F 10 -16.79 15.13 -24.92
N GLN F 11 -15.87 14.28 -25.35
CA GLN F 11 -15.46 13.09 -24.61
C GLN F 11 -13.97 13.17 -24.35
N ILE F 12 -13.59 13.23 -23.07
CA ILE F 12 -12.19 13.31 -22.67
C ILE F 12 -11.68 11.88 -22.55
N ARG F 13 -10.91 11.44 -23.54
CA ARG F 13 -10.31 10.12 -23.49
C ARG F 13 -8.88 10.27 -23.00
N LEU F 14 -8.58 9.71 -21.85
CA LEU F 14 -7.21 9.74 -21.37
C LEU F 14 -6.36 8.82 -22.22
N GLU F 15 -5.41 9.40 -22.94
CA GLU F 15 -4.46 8.59 -23.70
C GLU F 15 -3.24 8.25 -22.83
N THR F 16 -3.18 8.81 -21.63
CA THR F 16 -2.27 8.41 -20.56
C THR F 16 -3.05 8.70 -19.29
N GLY F 17 -2.89 7.85 -18.27
CA GLY F 17 -3.72 8.00 -17.08
C GLY F 17 -3.37 9.25 -16.29
N LEU F 18 -4.37 9.90 -15.73
CA LEU F 18 -4.18 11.22 -15.15
C LEU F 18 -4.36 11.16 -13.63
N HIS F 19 -3.75 12.15 -12.98
CA HIS F 19 -3.78 12.28 -11.53
C HIS F 19 -4.10 13.73 -11.20
N ILE F 20 -5.38 14.08 -11.09
CA ILE F 20 -5.76 15.42 -10.63
C ILE F 20 -5.94 15.31 -9.13
N GLY F 21 -4.82 15.34 -8.41
CA GLY F 21 -4.74 15.73 -7.02
C GLY F 21 -5.68 15.17 -5.99
N GLY F 22 -5.84 15.87 -4.88
CA GLY F 22 -6.83 15.47 -3.91
C GLY F 22 -6.95 16.47 -2.80
N SER F 23 -7.14 15.97 -1.59
CA SER F 23 -7.02 16.78 -0.39
C SER F 23 -6.11 16.01 0.54
N ASP F 24 -5.15 16.70 1.13
CA ASP F 24 -4.13 16.04 1.95
C ASP F 24 -4.76 15.48 3.21
N ALA F 25 -4.80 14.16 3.31
CA ALA F 25 -5.38 13.48 4.46
C ALA F 25 -4.35 12.54 5.05
N PHE F 26 -4.75 11.69 5.99
CA PHE F 26 -3.81 10.77 6.60
C PHE F 26 -3.58 9.60 5.66
N ALA F 27 -2.33 9.37 5.29
CA ALA F 27 -1.93 8.21 4.51
C ALA F 27 -1.11 7.29 5.41
N ALA F 28 -1.37 5.99 5.32
CA ALA F 28 -0.68 5.02 6.16
C ALA F 28 0.67 4.69 5.55
N ILE F 29 1.31 3.60 6.01
CA ILE F 29 2.67 3.30 5.60
C ILE F 29 2.72 2.82 4.15
N GLY F 30 2.04 1.72 3.85
CA GLY F 30 2.01 1.21 2.50
C GLY F 30 0.89 1.73 1.64
N ALA F 31 0.10 2.69 2.13
CA ALA F 31 -1.06 3.16 1.39
C ALA F 31 -0.64 4.19 0.36
N ILE F 32 -1.64 4.79 -0.29
CA ILE F 32 -1.41 5.65 -1.44
C ILE F 32 -0.94 7.00 -0.96
N ASN F 33 0.16 7.49 -1.51
CA ASN F 33 0.71 8.76 -1.07
C ASN F 33 0.01 9.94 -1.72
N SER F 34 -0.75 9.69 -2.79
CA SER F 34 -1.49 10.74 -3.49
C SER F 34 -2.67 10.09 -4.19
N PRO F 35 -3.83 10.03 -3.55
CA PRO F 35 -5.02 9.54 -4.23
C PRO F 35 -5.60 10.60 -5.16
N VAL F 36 -6.40 10.14 -6.13
CA VAL F 36 -7.02 11.02 -7.12
C VAL F 36 -8.18 11.73 -6.45
N ILE F 37 -8.57 12.89 -6.98
CA ILE F 37 -9.85 13.47 -6.58
C ILE F 37 -10.95 12.58 -7.12
N LYS F 38 -12.00 12.40 -6.34
CA LYS F 38 -13.05 11.44 -6.66
C LYS F 38 -14.41 11.97 -6.24
N ASP F 39 -15.43 11.30 -6.74
CA ASP F 39 -16.80 11.51 -6.31
C ASP F 39 -16.97 10.92 -4.91
N PRO F 40 -17.53 11.64 -3.94
CA PRO F 40 -17.74 11.01 -2.63
C PRO F 40 -18.86 9.99 -2.59
N ILE F 41 -19.81 10.03 -3.53
CA ILE F 41 -20.97 9.15 -3.43
C ILE F 41 -20.82 7.95 -4.36
N THR F 42 -19.96 8.06 -5.38
CA THR F 42 -19.81 7.00 -6.36
C THR F 42 -18.41 6.39 -6.35
N ASN F 43 -17.44 7.13 -5.80
CA ASN F 43 -16.05 6.70 -5.61
C ASN F 43 -15.37 6.44 -6.95
N LEU F 44 -15.69 7.26 -7.94
CA LEU F 44 -15.10 7.18 -9.27
C LEU F 44 -14.22 8.39 -9.52
N PRO F 45 -13.25 8.28 -10.42
CA PRO F 45 -12.42 9.45 -10.73
C PRO F 45 -13.20 10.52 -11.47
N ILE F 46 -13.03 11.76 -11.02
CA ILE F 46 -13.63 12.90 -11.70
C ILE F 46 -12.53 13.76 -12.25
N ILE F 47 -12.92 14.63 -13.19
CA ILE F 47 -12.08 15.74 -13.59
C ILE F 47 -12.84 17.01 -13.22
N PRO F 48 -12.36 17.80 -12.26
CA PRO F 48 -13.08 19.02 -11.89
C PRO F 48 -13.03 20.05 -13.00
N GLY F 49 -14.06 20.90 -13.04
CA GLY F 49 -14.11 21.92 -14.07
C GLY F 49 -13.16 23.06 -13.83
N SER F 50 -12.75 23.25 -12.57
CA SER F 50 -11.71 24.22 -12.29
C SER F 50 -10.38 23.78 -12.86
N SER F 51 -10.13 22.48 -12.92
CA SER F 51 -8.88 21.96 -13.44
C SER F 51 -8.89 21.83 -14.96
N LEU F 52 -10.01 22.10 -15.63
CA LEU F 52 -9.92 22.41 -17.04
C LEU F 52 -9.92 23.89 -17.32
N LYS F 53 -10.66 24.66 -16.52
CA LYS F 53 -10.70 26.11 -16.70
C LYS F 53 -9.34 26.72 -16.52
N GLY F 54 -8.67 26.38 -15.42
CA GLY F 54 -7.35 26.93 -15.18
C GLY F 54 -6.32 26.42 -16.16
N LYS F 55 -6.43 25.16 -16.57
CA LYS F 55 -5.44 24.59 -17.47
C LYS F 55 -5.57 25.18 -18.86
N MET F 56 -6.80 25.23 -19.38
CA MET F 56 -7.07 25.84 -20.67
C MET F 56 -6.76 27.32 -20.66
N ARG F 57 -7.02 27.99 -19.53
CA ARG F 57 -6.77 29.41 -19.43
C ARG F 57 -5.28 29.72 -19.43
N THR F 58 -4.48 28.93 -18.71
CA THR F 58 -3.05 29.12 -18.71
C THR F 58 -2.42 28.71 -20.03
N LEU F 59 -3.06 27.80 -20.77
CA LEU F 59 -2.56 27.50 -22.10
C LEU F 59 -2.86 28.61 -23.09
N LEU F 60 -4.06 29.18 -23.02
CA LEU F 60 -4.43 30.28 -23.91
C LEU F 60 -3.76 31.59 -23.53
N ALA F 61 -3.30 31.75 -22.29
CA ALA F 61 -2.51 32.91 -21.94
C ALA F 61 -1.11 32.86 -22.54
N LYS F 62 -0.65 31.70 -22.96
CA LYS F 62 0.63 31.59 -23.64
C LYS F 62 0.53 32.03 -25.09
N VAL F 63 -0.66 31.94 -25.68
CA VAL F 63 -0.87 32.26 -27.09
C VAL F 63 -1.40 33.67 -27.28
N TYR F 64 -2.44 34.03 -26.55
CA TYR F 64 -3.07 35.34 -26.66
C TYR F 64 -2.53 36.22 -25.54
N ASN F 65 -1.45 36.94 -25.85
CA ASN F 65 -0.73 37.82 -24.94
C ASN F 65 -0.27 37.13 -23.67
N ASP F 77 -10.02 41.54 -22.42
CA ASP F 77 -9.57 41.29 -23.78
C ASP F 77 -10.13 39.99 -24.33
N ILE F 78 -9.37 39.32 -25.20
CA ILE F 78 -9.79 38.05 -25.77
C ILE F 78 -9.84 36.95 -24.72
N LEU F 79 -8.97 37.04 -23.71
CA LEU F 79 -8.88 36.00 -22.71
C LEU F 79 -9.77 36.28 -21.51
N SER F 80 -9.94 37.56 -21.16
CA SER F 80 -10.70 37.92 -19.99
C SER F 80 -12.20 37.74 -20.19
N ARG F 81 -12.68 37.84 -21.43
CA ARG F 81 -14.10 37.69 -21.66
C ARG F 81 -14.54 36.24 -21.79
N LEU F 82 -13.62 35.29 -21.72
CA LEU F 82 -14.00 33.90 -21.67
C LEU F 82 -13.82 33.29 -20.29
N PHE F 83 -12.94 33.84 -19.47
CA PHE F 83 -12.68 33.24 -18.18
C PHE F 83 -12.85 34.22 -17.04
N GLY F 84 -13.37 35.41 -17.30
CA GLY F 84 -13.71 36.32 -16.25
C GLY F 84 -12.50 37.09 -15.72
N ASN F 85 -12.81 38.16 -15.01
CA ASN F 85 -11.83 38.99 -14.34
C ASN F 85 -12.59 39.80 -13.30
N SER F 86 -12.07 39.87 -12.08
CA SER F 86 -12.76 40.62 -11.04
C SER F 86 -12.63 42.12 -11.20
N LYS F 87 -11.66 42.57 -12.00
CA LYS F 87 -11.61 43.93 -12.48
C LYS F 87 -12.32 43.97 -13.84
N ASP F 88 -12.17 45.07 -14.58
CA ASP F 88 -12.64 45.22 -15.96
C ASP F 88 -14.13 44.99 -16.09
N LYS F 89 -14.95 45.97 -15.64
CA LYS F 89 -16.37 45.83 -15.33
C LYS F 89 -17.23 45.12 -16.37
N ARG F 90 -16.83 45.06 -17.63
CA ARG F 90 -17.67 44.38 -18.60
C ARG F 90 -17.41 42.88 -18.67
N PHE F 91 -16.28 42.41 -18.16
CA PHE F 91 -15.86 41.03 -18.34
C PHE F 91 -15.91 40.22 -17.04
N LYS F 92 -16.62 40.72 -16.04
CA LYS F 92 -16.71 40.07 -14.76
C LYS F 92 -17.63 38.86 -14.88
N MET F 93 -17.07 37.65 -14.69
CA MET F 93 -17.76 36.38 -14.97
C MET F 93 -18.18 36.34 -16.44
N GLY F 94 -17.22 36.13 -17.31
CA GLY F 94 -17.52 36.15 -18.72
C GLY F 94 -17.69 34.82 -19.43
N ARG F 95 -18.91 34.52 -19.85
CA ARG F 95 -19.26 33.78 -21.05
C ARG F 95 -18.91 32.29 -21.07
N LEU F 96 -18.30 31.72 -20.05
CA LEU F 96 -18.05 30.28 -20.05
C LEU F 96 -18.35 29.68 -18.69
N ILE F 97 -19.07 28.58 -18.69
CA ILE F 97 -19.34 27.80 -17.49
C ILE F 97 -18.78 26.41 -17.76
N PHE F 98 -17.77 26.01 -17.00
CA PHE F 98 -17.26 24.67 -17.07
C PHE F 98 -18.12 23.73 -16.22
N ARG F 99 -17.77 22.46 -16.24
CA ARG F 99 -18.51 21.47 -15.46
C ARG F 99 -17.57 20.34 -15.12
N ASP F 100 -17.80 19.71 -13.97
CA ASP F 100 -17.10 18.48 -13.61
C ASP F 100 -17.36 17.41 -14.65
N ALA F 101 -16.33 16.62 -14.93
CA ALA F 101 -16.40 15.57 -15.94
C ALA F 101 -16.40 14.22 -15.24
N PHE F 102 -17.42 13.41 -15.51
CA PHE F 102 -17.55 12.09 -14.91
C PHE F 102 -17.30 11.02 -15.95
N LEU F 103 -16.91 9.84 -15.48
CA LEU F 103 -16.65 8.68 -16.33
C LEU F 103 -17.82 8.27 -17.20
N SER F 104 -17.69 8.44 -18.51
CA SER F 104 -18.75 8.02 -19.40
C SER F 104 -18.69 6.52 -19.68
N ASN F 105 -17.50 5.99 -19.92
CA ASN F 105 -17.35 4.57 -20.21
C ASN F 105 -17.02 3.74 -18.96
N ALA F 106 -17.88 3.82 -17.96
CA ALA F 106 -17.69 2.95 -16.80
C ALA F 106 -18.01 1.50 -17.13
N ASP F 107 -18.93 1.28 -18.09
CA ASP F 107 -19.29 -0.08 -18.48
C ASP F 107 -18.37 -0.62 -19.55
N GLU F 108 -17.79 0.26 -20.38
CA GLU F 108 -16.85 -0.20 -21.39
C GLU F 108 -15.52 -0.57 -20.76
N LEU F 109 -15.26 -0.10 -19.54
CA LEU F 109 -14.10 -0.58 -18.81
C LEU F 109 -14.43 -1.82 -17.99
N ASP F 110 -15.71 -2.10 -17.78
CA ASP F 110 -16.08 -3.39 -17.19
C ASP F 110 -16.11 -4.47 -18.25
N SER F 111 -16.29 -4.08 -19.52
CA SER F 111 -16.38 -5.08 -20.59
C SER F 111 -15.02 -5.68 -20.89
N LEU F 112 -14.08 -4.87 -21.37
CA LEU F 112 -12.68 -5.29 -21.48
C LEU F 112 -12.16 -5.28 -20.04
N GLY F 113 -11.66 -6.43 -19.60
CA GLY F 113 -11.43 -6.72 -18.19
C GLY F 113 -10.50 -5.79 -17.44
N VAL F 114 -11.11 -4.97 -16.57
CA VAL F 114 -10.41 -4.01 -15.74
C VAL F 114 -11.03 -4.09 -14.35
N ARG F 115 -10.20 -4.33 -13.33
CA ARG F 115 -10.70 -4.51 -11.98
C ARG F 115 -11.11 -3.18 -11.36
N SER F 116 -10.18 -2.23 -11.32
CA SER F 116 -10.41 -0.94 -10.71
C SER F 116 -10.25 0.17 -11.73
N TYR F 117 -11.04 1.23 -11.58
CA TYR F 117 -10.97 2.36 -12.48
C TYR F 117 -9.73 3.22 -12.27
N THR F 118 -8.96 2.96 -11.22
CA THR F 118 -7.70 3.61 -10.94
C THR F 118 -6.58 2.59 -10.93
N GLU F 119 -5.42 2.99 -11.44
CA GLU F 119 -4.19 2.25 -11.24
C GLU F 119 -3.35 2.94 -10.18
N VAL F 120 -2.42 2.19 -9.61
CA VAL F 120 -1.51 2.72 -8.61
C VAL F 120 -0.11 2.53 -9.15
N LYS F 121 0.60 3.63 -9.36
CA LYS F 121 1.92 3.62 -9.95
C LYS F 121 2.94 3.80 -8.84
N PHE F 122 3.87 2.86 -8.74
CA PHE F 122 4.91 2.95 -7.73
C PHE F 122 6.11 3.62 -8.37
N GLU F 123 6.86 4.34 -7.55
CA GLU F 123 7.68 5.40 -8.12
C GLU F 123 8.69 5.81 -7.07
N ASN F 124 9.85 6.33 -7.48
CA ASN F 124 10.84 6.69 -6.48
C ASN F 124 11.67 7.90 -6.90
N THR F 125 12.59 8.26 -6.00
CA THR F 125 13.30 9.54 -5.93
C THR F 125 14.76 9.26 -5.57
N ILE F 126 15.49 8.58 -6.45
CA ILE F 126 16.91 8.35 -6.23
C ILE F 126 17.64 9.67 -6.04
N ASP F 127 18.16 9.85 -4.83
CA ASP F 127 18.63 11.14 -4.34
C ASP F 127 20.13 11.19 -4.50
N ARG F 128 20.59 12.11 -5.36
CA ARG F 128 21.97 12.18 -5.84
C ARG F 128 22.95 12.28 -4.70
N ILE F 129 24.13 11.68 -4.89
CA ILE F 129 24.85 10.82 -3.93
C ILE F 129 24.76 11.36 -2.52
N THR F 130 24.25 10.59 -1.54
CA THR F 130 24.11 9.10 -1.41
C THR F 130 23.47 8.06 -2.35
N ALA F 131 22.66 8.44 -3.34
CA ALA F 131 21.99 7.53 -4.29
C ALA F 131 21.07 6.54 -3.59
N GLU F 132 20.46 6.98 -2.49
CA GLU F 132 19.41 6.23 -1.82
C GLU F 132 18.07 6.57 -2.41
N ALA F 133 17.28 5.55 -2.73
CA ALA F 133 15.97 5.77 -3.31
C ALA F 133 14.96 6.18 -2.25
N ASN F 134 13.80 6.62 -2.70
CA ASN F 134 12.76 7.12 -1.81
C ASN F 134 11.44 6.89 -2.53
N PRO F 135 10.71 5.84 -2.20
CA PRO F 135 9.56 5.45 -3.01
C PRO F 135 8.35 6.32 -2.72
N ARG F 136 7.26 5.96 -3.40
CA ARG F 136 6.11 6.80 -3.65
C ARG F 136 5.06 5.93 -4.31
N GLN F 137 3.81 6.06 -3.88
CA GLN F 137 2.70 5.42 -4.58
C GLN F 137 1.73 6.52 -4.94
N ILE F 138 1.51 6.75 -6.22
CA ILE F 138 0.53 7.74 -6.63
C ILE F 138 -0.56 7.04 -7.43
N GLU F 139 -1.78 7.50 -7.24
CA GLU F 139 -2.93 6.88 -7.86
C GLU F 139 -3.27 7.67 -9.11
N ARG F 140 -3.48 6.96 -10.20
CA ARG F 140 -3.86 7.52 -11.48
C ARG F 140 -5.20 6.95 -11.89
N ALA F 141 -5.90 7.66 -12.78
CA ALA F 141 -6.94 7.00 -13.55
C ALA F 141 -6.28 6.17 -14.65
N ILE F 142 -7.05 5.40 -15.41
CA ILE F 142 -6.46 4.50 -16.39
C ILE F 142 -6.67 5.05 -17.79
N ARG F 143 -5.86 4.59 -18.74
CA ARG F 143 -5.71 5.28 -20.02
C ARG F 143 -6.66 4.78 -21.10
N ASN F 144 -7.85 4.33 -20.75
CA ASN F 144 -8.95 4.41 -21.70
C ASN F 144 -10.19 4.97 -21.04
N SER F 145 -10.03 5.64 -19.91
CA SER F 145 -11.14 6.33 -19.28
C SER F 145 -11.59 7.47 -20.17
N THR F 146 -12.90 7.66 -20.26
CA THR F 146 -13.50 8.70 -21.07
C THR F 146 -14.50 9.45 -20.21
N PHE F 147 -14.37 10.76 -20.20
CA PHE F 147 -15.10 11.64 -19.29
C PHE F 147 -16.07 12.51 -20.08
N ASP F 148 -17.24 12.74 -19.51
CA ASP F 148 -18.32 13.45 -20.19
C ASP F 148 -18.11 14.93 -19.96
N PHE F 149 -17.51 15.60 -20.94
CA PHE F 149 -17.11 16.99 -20.79
C PHE F 149 -18.14 17.92 -21.40
N GLU F 150 -18.52 18.97 -20.66
CA GLU F 150 -19.42 20.00 -21.13
C GLU F 150 -18.79 21.36 -20.90
N LEU F 151 -19.24 22.33 -21.67
CA LEU F 151 -18.69 23.69 -21.61
C LEU F 151 -19.74 24.62 -22.18
N ILE F 152 -20.38 25.43 -21.35
CA ILE F 152 -21.47 26.28 -21.80
C ILE F 152 -20.91 27.65 -22.14
N TYR F 153 -21.00 28.03 -23.40
CA TYR F 153 -20.76 29.38 -23.85
C TYR F 153 -22.10 30.08 -24.05
N GLU F 154 -22.11 31.40 -23.90
CA GLU F 154 -23.35 32.17 -23.88
C GLU F 154 -23.33 33.29 -24.90
N ILE F 155 -24.47 33.48 -25.56
CA ILE F 155 -24.64 34.54 -26.55
C ILE F 155 -25.48 35.64 -25.91
N THR F 156 -25.06 36.89 -26.09
CA THR F 156 -25.82 38.03 -25.60
C THR F 156 -25.71 39.17 -26.62
N ASP F 157 -26.11 40.37 -26.22
CA ASP F 157 -26.03 41.53 -27.12
C ASP F 157 -24.59 41.91 -27.41
N GLU F 158 -23.71 41.83 -26.40
CA GLU F 158 -22.31 42.18 -26.61
C GLU F 158 -21.55 41.09 -27.35
N ASN F 159 -22.10 39.87 -27.37
CA ASN F 159 -21.42 38.75 -28.02
C ASN F 159 -21.37 38.89 -29.52
N GLU F 160 -22.47 39.38 -30.14
CA GLU F 160 -22.81 39.04 -31.52
C GLU F 160 -21.81 39.51 -32.56
N ASN F 161 -20.89 40.42 -32.19
CA ASN F 161 -19.81 40.77 -33.10
C ASN F 161 -18.60 39.86 -32.91
N GLN F 162 -18.51 39.19 -31.75
CA GLN F 162 -17.31 38.45 -31.35
C GLN F 162 -17.61 37.00 -31.02
N VAL F 163 -18.65 36.42 -31.61
CA VAL F 163 -18.97 35.04 -31.32
C VAL F 163 -18.06 34.10 -32.08
N GLU F 164 -17.80 34.42 -33.35
CA GLU F 164 -16.95 33.57 -34.19
C GLU F 164 -15.52 33.54 -33.70
N GLU F 165 -15.05 34.68 -33.17
CA GLU F 165 -13.69 34.76 -32.63
C GLU F 165 -13.56 33.95 -31.34
N ASP F 166 -14.64 33.79 -30.59
CA ASP F 166 -14.60 33.00 -29.37
C ASP F 166 -14.69 31.51 -29.61
N PHE F 167 -14.79 31.04 -30.85
CA PHE F 167 -14.65 29.62 -31.11
C PHE F 167 -13.28 29.25 -31.63
N LYS F 168 -12.59 30.18 -32.27
CA LYS F 168 -11.19 30.01 -32.61
C LYS F 168 -10.28 30.18 -31.42
N VAL F 169 -10.84 30.42 -30.23
CA VAL F 169 -10.11 30.38 -28.99
C VAL F 169 -10.47 29.14 -28.16
N ILE F 170 -11.73 28.73 -28.16
CA ILE F 170 -12.11 27.51 -27.47
C ILE F 170 -11.55 26.29 -28.19
N ARG F 171 -11.72 26.23 -29.52
CA ARG F 171 -11.18 25.12 -30.30
C ARG F 171 -9.65 25.09 -30.24
N ASP F 172 -9.02 26.26 -30.26
CA ASP F 172 -7.58 26.35 -30.13
C ASP F 172 -7.11 25.96 -28.73
N GLY F 173 -7.89 26.27 -27.70
CA GLY F 173 -7.53 25.87 -26.35
C GLY F 173 -7.76 24.42 -26.07
N LEU F 174 -8.62 23.77 -26.84
CA LEU F 174 -8.70 22.32 -26.75
C LEU F 174 -7.58 21.66 -27.53
N LYS F 175 -7.20 22.24 -28.67
CA LYS F 175 -6.06 21.72 -29.44
C LYS F 175 -4.76 21.87 -28.67
N LEU F 176 -4.62 22.94 -27.89
CA LEU F 176 -3.45 23.08 -27.01
C LEU F 176 -3.49 22.10 -25.85
N LEU F 177 -4.68 21.79 -25.35
CA LEU F 177 -4.79 20.89 -24.21
C LEU F 177 -4.58 19.45 -24.65
N GLU F 178 -4.77 19.16 -25.94
CA GLU F 178 -4.34 17.89 -26.52
C GLU F 178 -2.85 17.67 -26.31
N LEU F 179 -2.03 18.57 -26.82
CA LEU F 179 -0.59 18.44 -26.80
C LEU F 179 0.07 19.00 -25.55
N ASP F 180 -0.71 19.28 -24.51
CA ASP F 180 -0.18 19.47 -23.18
C ASP F 180 -0.76 18.38 -22.30
N TYR F 181 -0.27 18.29 -21.07
CA TYR F 181 -0.87 17.40 -20.12
C TYR F 181 -2.11 18.06 -19.51
N LEU F 182 -2.85 17.31 -18.72
CA LEU F 182 -4.05 17.84 -18.11
C LEU F 182 -4.08 17.41 -16.66
N GLY F 183 -3.96 18.38 -15.76
CA GLY F 183 -4.30 18.13 -14.38
C GLY F 183 -3.37 17.23 -13.61
N GLY F 184 -2.20 17.71 -13.26
CA GLY F 184 -1.44 16.96 -12.29
C GLY F 184 -0.02 16.69 -12.64
N SER F 185 0.42 15.46 -12.43
CA SER F 185 1.84 15.18 -12.31
C SER F 185 2.51 14.99 -13.66
N GLY F 186 1.99 15.62 -14.71
CA GLY F 186 2.59 15.64 -16.02
C GLY F 186 3.94 16.33 -16.02
N SER F 187 4.45 16.51 -17.24
CA SER F 187 5.85 16.76 -17.64
C SER F 187 6.72 15.55 -17.44
N ARG F 188 6.20 14.47 -16.88
CA ARG F 188 6.81 13.16 -16.87
C ARG F 188 5.75 12.10 -17.10
N GLY F 189 4.84 12.35 -18.05
CA GLY F 189 3.74 11.44 -18.35
C GLY F 189 2.39 12.05 -18.05
N TYR F 190 1.47 11.21 -17.58
CA TYR F 190 0.41 11.60 -16.67
C TYR F 190 -0.72 12.49 -17.16
N GLY F 191 -0.71 12.96 -18.39
CA GLY F 191 -1.74 13.91 -18.68
C GLY F 191 -2.31 13.88 -20.08
N LYS F 192 -1.86 12.94 -20.90
CA LYS F 192 -2.24 12.96 -22.30
C LYS F 192 -3.71 12.63 -22.45
N VAL F 193 -4.36 13.39 -23.32
CA VAL F 193 -5.80 13.48 -23.35
C VAL F 193 -6.21 13.78 -24.79
N ALA F 194 -7.30 13.14 -25.23
CA ALA F 194 -7.87 13.40 -26.54
C ALA F 194 -9.31 13.86 -26.36
N PHE F 195 -9.71 14.83 -27.17
CA PHE F 195 -11.09 15.30 -27.21
C PHE F 195 -11.78 14.62 -28.38
N GLU F 196 -12.71 13.74 -28.07
CA GLU F 196 -13.55 13.08 -29.04
C GLU F 196 -14.86 13.83 -29.18
N ASN F 197 -15.36 13.90 -30.42
CA ASN F 197 -16.72 14.32 -30.74
C ASN F 197 -17.01 15.75 -30.30
N LEU F 198 -16.26 16.70 -30.85
CA LEU F 198 -16.56 18.10 -30.61
C LEU F 198 -17.83 18.48 -31.35
N LYS F 199 -18.89 18.77 -30.61
CA LYS F 199 -20.11 19.26 -31.22
C LYS F 199 -20.71 20.32 -30.31
N ALA F 200 -21.38 21.27 -30.91
CA ALA F 200 -22.04 22.35 -30.20
C ALA F 200 -23.54 22.27 -30.46
N THR F 201 -24.33 22.52 -29.42
CA THR F 201 -25.77 22.45 -29.57
C THR F 201 -26.43 23.48 -28.65
N THR F 202 -27.43 24.17 -29.19
CA THR F 202 -28.15 25.15 -28.39
C THR F 202 -29.10 24.46 -27.43
N VAL F 203 -28.88 24.70 -26.14
CA VAL F 203 -29.76 24.17 -25.10
C VAL F 203 -30.68 25.23 -24.53
N PHE F 204 -30.54 26.49 -24.94
CA PHE F 204 -31.49 27.52 -24.58
C PHE F 204 -31.42 28.61 -25.64
N GLY F 205 -32.55 28.97 -26.21
CA GLY F 205 -32.59 30.04 -27.17
C GLY F 205 -32.47 29.55 -28.60
N ASN F 206 -32.08 30.47 -29.47
CA ASN F 206 -32.06 30.22 -30.91
C ASN F 206 -30.72 30.66 -31.46
N TYR F 207 -29.96 29.71 -32.00
CA TYR F 207 -28.70 30.01 -32.65
C TYR F 207 -28.38 28.84 -33.57
N ASP F 208 -27.83 29.12 -34.75
CA ASP F 208 -27.49 28.04 -35.67
C ASP F 208 -26.16 27.42 -35.27
N VAL F 209 -26.20 26.11 -34.98
CA VAL F 209 -25.00 25.39 -34.60
C VAL F 209 -24.31 24.74 -35.77
N LYS F 210 -24.93 24.76 -36.97
CA LYS F 210 -24.34 24.08 -38.11
C LYS F 210 -23.13 24.82 -38.64
N THR F 211 -23.06 26.14 -38.42
CA THR F 211 -21.96 26.91 -38.96
C THR F 211 -20.66 26.72 -38.19
N LEU F 212 -20.71 26.36 -36.91
CA LEU F 212 -19.46 26.14 -36.18
C LEU F 212 -19.10 24.67 -36.04
N ASN F 213 -20.07 23.77 -36.19
CA ASN F 213 -19.74 22.35 -36.24
C ASN F 213 -18.99 22.01 -37.51
N GLU F 214 -19.16 22.80 -38.57
CA GLU F 214 -18.29 22.70 -39.73
C GLU F 214 -16.87 23.15 -39.39
N LEU F 215 -16.75 24.22 -38.60
CA LEU F 215 -15.44 24.71 -38.19
C LEU F 215 -14.82 23.79 -37.14
N LEU F 216 -15.64 23.12 -36.33
CA LEU F 216 -15.15 22.03 -35.52
C LEU F 216 -14.95 20.79 -36.39
N THR F 217 -14.29 19.79 -35.82
CA THR F 217 -13.96 18.50 -36.45
C THR F 217 -13.26 18.61 -37.80
N THR G 2 -47.61 28.77 -3.83
CA THR G 2 -48.82 29.08 -4.55
C THR G 2 -49.00 28.10 -5.69
N TYR G 3 -48.33 28.36 -6.80
CA TYR G 3 -48.30 27.46 -7.95
C TYR G 3 -47.07 26.55 -7.89
N LYS G 4 -46.74 25.93 -9.01
CA LYS G 4 -46.03 24.66 -9.08
C LYS G 4 -44.63 24.70 -8.48
N LEU G 5 -44.15 23.52 -8.08
CA LEU G 5 -42.80 23.35 -7.57
C LEU G 5 -41.80 23.49 -8.71
N TYR G 6 -40.53 23.65 -8.35
CA TYR G 6 -39.45 23.91 -9.28
C TYR G 6 -38.23 23.07 -8.96
N ILE G 7 -38.41 21.74 -8.90
CA ILE G 7 -37.41 20.71 -8.62
C ILE G 7 -36.09 20.92 -9.37
N MET G 8 -34.97 20.89 -8.64
CA MET G 8 -33.65 21.29 -9.14
C MET G 8 -32.61 20.25 -8.75
N THR G 9 -32.19 19.42 -9.70
CA THR G 9 -31.22 18.37 -9.44
C THR G 9 -29.81 18.88 -9.72
N PHE G 10 -28.97 18.95 -8.68
CA PHE G 10 -27.75 19.76 -8.72
C PHE G 10 -26.47 19.02 -9.07
N GLN G 11 -26.10 17.98 -8.30
CA GLN G 11 -24.84 17.23 -8.42
C GLN G 11 -23.59 18.11 -8.36
N ASN G 12 -23.10 18.38 -7.13
CA ASN G 12 -21.97 19.26 -6.79
C ASN G 12 -22.28 20.73 -6.97
N ALA G 13 -23.12 21.27 -6.09
CA ALA G 13 -23.28 22.71 -6.00
C ALA G 13 -22.46 23.26 -4.84
N HIS G 14 -22.41 24.58 -4.73
CA HIS G 14 -21.71 25.26 -3.64
C HIS G 14 -22.56 26.43 -3.16
N PHE G 15 -23.05 26.34 -1.93
CA PHE G 15 -23.92 27.36 -1.38
C PHE G 15 -23.21 27.94 -0.15
N GLY G 16 -22.35 28.92 -0.38
CA GLY G 16 -21.46 29.37 0.68
C GLY G 16 -22.20 30.16 1.74
N SER G 17 -21.87 29.88 2.99
CA SER G 17 -22.44 30.55 4.15
C SER G 17 -21.33 31.34 4.82
N GLY G 18 -21.13 32.56 4.35
CA GLY G 18 -20.10 33.41 4.94
C GLY G 18 -18.72 33.24 4.38
N THR G 19 -18.23 32.02 4.30
CA THR G 19 -16.89 31.75 3.83
C THR G 19 -16.93 30.80 2.65
N LEU G 20 -15.86 30.84 1.84
CA LEU G 20 -15.68 29.90 0.74
C LEU G 20 -15.49 28.48 1.22
N ASP G 21 -15.05 28.29 2.45
CA ASP G 21 -14.70 26.99 2.99
C ASP G 21 -15.89 26.23 3.55
N SER G 22 -17.11 26.72 3.35
CA SER G 22 -18.26 26.16 4.06
C SER G 22 -19.52 26.34 3.22
N SER G 23 -20.09 25.23 2.75
CA SER G 23 -21.34 25.24 2.02
C SER G 23 -22.47 24.73 2.91
N LYS G 24 -23.69 25.23 2.68
CA LYS G 24 -24.76 25.06 3.65
C LYS G 24 -25.98 24.28 3.16
N LEU G 25 -25.84 23.52 2.06
CA LEU G 25 -26.79 22.50 1.59
C LEU G 25 -28.10 23.06 1.02
N THR G 26 -28.35 24.35 1.19
CA THR G 26 -29.58 24.94 0.72
C THR G 26 -29.34 26.42 0.51
N PHE G 27 -30.14 27.02 -0.35
CA PHE G 27 -29.98 28.43 -0.65
C PHE G 27 -31.27 29.16 -0.34
N SER G 28 -31.16 30.34 0.24
CA SER G 28 -32.34 31.11 0.60
C SER G 28 -32.93 31.77 -0.64
N ALA G 29 -34.05 32.47 -0.45
CA ALA G 29 -34.71 33.14 -1.55
C ALA G 29 -33.93 34.34 -2.06
N ASP G 30 -33.05 34.88 -1.22
CA ASP G 30 -32.04 35.85 -1.64
C ASP G 30 -31.30 35.38 -2.88
N ARG G 31 -30.79 34.16 -2.85
CA ARG G 31 -29.88 33.70 -3.89
C ARG G 31 -30.62 33.34 -5.16
N ILE G 32 -31.79 32.71 -5.03
CA ILE G 32 -32.56 32.38 -6.23
C ILE G 32 -33.15 33.64 -6.85
N PHE G 33 -33.45 34.66 -6.05
CA PHE G 33 -33.99 35.88 -6.62
C PHE G 33 -32.91 36.71 -7.28
N SER G 34 -31.70 36.73 -6.70
CA SER G 34 -30.58 37.38 -7.35
C SER G 34 -30.18 36.66 -8.62
N ALA G 35 -30.31 35.33 -8.63
CA ALA G 35 -30.03 34.56 -9.82
C ALA G 35 -31.01 34.88 -10.93
N LEU G 36 -32.29 34.99 -10.60
CA LEU G 36 -33.30 35.32 -11.60
C LEU G 36 -33.14 36.75 -12.07
N VAL G 37 -32.72 37.66 -11.20
CA VAL G 37 -32.50 39.05 -11.61
C VAL G 37 -31.31 39.15 -12.54
N LEU G 38 -30.23 38.43 -12.25
CA LEU G 38 -29.07 38.47 -13.14
C LEU G 38 -29.34 37.75 -14.46
N GLU G 39 -30.14 36.68 -14.45
CA GLU G 39 -30.49 36.06 -15.73
C GLU G 39 -31.53 36.84 -16.51
N ALA G 40 -32.28 37.72 -15.86
CA ALA G 40 -33.12 38.65 -16.59
C ALA G 40 -32.33 39.83 -17.12
N LEU G 41 -31.25 40.21 -16.44
CA LEU G 41 -30.40 41.29 -16.92
C LEU G 41 -29.50 40.80 -18.05
N LYS G 42 -29.14 39.52 -18.04
CA LYS G 42 -28.38 38.95 -19.14
C LYS G 42 -29.22 38.88 -20.40
N MET G 43 -30.50 38.59 -20.26
CA MET G 43 -31.43 38.73 -21.36
C MET G 43 -31.89 40.18 -21.44
N GLY G 44 -32.91 40.42 -22.24
CA GLY G 44 -33.38 41.78 -22.33
C GLY G 44 -34.53 42.15 -21.43
N LYS G 45 -34.73 41.41 -20.34
CA LYS G 45 -36.00 41.44 -19.62
C LYS G 45 -35.85 41.63 -18.11
N LEU G 46 -35.01 42.57 -17.68
CA LEU G 46 -34.91 42.89 -16.26
C LEU G 46 -36.16 43.60 -15.75
N ASP G 47 -36.63 44.59 -16.52
CA ASP G 47 -37.70 45.46 -16.03
C ASP G 47 -39.04 44.73 -15.97
N ALA G 48 -39.26 43.76 -16.87
CA ALA G 48 -40.46 42.95 -16.78
C ALA G 48 -40.45 42.06 -15.55
N PHE G 49 -39.29 41.50 -15.21
CA PHE G 49 -39.20 40.67 -14.02
C PHE G 49 -39.29 41.50 -12.75
N LEU G 50 -38.81 42.74 -12.77
CA LEU G 50 -38.98 43.60 -11.60
C LEU G 50 -40.41 44.06 -11.46
N ALA G 51 -41.11 44.28 -12.58
CA ALA G 51 -42.53 44.60 -12.54
C ALA G 51 -43.35 43.42 -12.03
N GLU G 52 -42.93 42.20 -12.33
CA GLU G 52 -43.61 41.03 -11.78
C GLU G 52 -43.27 40.86 -10.30
N ALA G 53 -42.02 41.13 -9.91
CA ALA G 53 -41.58 40.85 -8.55
C ALA G 53 -42.12 41.87 -7.57
N ASN G 54 -42.24 43.13 -7.97
CA ASN G 54 -42.83 44.13 -7.09
C ASN G 54 -44.34 43.94 -6.94
N GLN G 55 -44.97 43.22 -7.86
CA GLN G 55 -46.36 42.86 -7.72
C GLN G 55 -46.53 41.86 -6.58
N ASP G 56 -47.71 41.89 -5.96
CA ASP G 56 -47.93 41.16 -4.71
C ASP G 56 -47.99 39.65 -4.91
N LYS G 57 -48.51 39.19 -6.06
CA LYS G 57 -48.74 37.76 -6.24
C LYS G 57 -47.46 36.96 -6.46
N PHE G 58 -46.34 37.62 -6.72
CA PHE G 58 -45.07 36.94 -6.97
C PHE G 58 -44.56 36.30 -5.69
N THR G 59 -44.29 35.00 -5.73
CA THR G 59 -43.79 34.28 -4.59
C THR G 59 -42.47 33.61 -4.91
N LEU G 60 -41.60 33.56 -3.92
CA LEU G 60 -40.45 32.66 -3.92
C LEU G 60 -40.24 32.17 -2.51
N THR G 61 -39.84 30.91 -2.39
CA THR G 61 -39.53 30.36 -1.09
C THR G 61 -38.12 29.78 -1.15
N ASP G 62 -37.60 29.40 0.01
CA ASP G 62 -36.27 28.84 0.03
C ASP G 62 -36.27 27.41 -0.49
N ALA G 63 -35.08 26.88 -0.70
CA ALA G 63 -34.93 25.55 -1.25
C ALA G 63 -34.87 24.52 -0.12
N PHE G 64 -35.59 23.42 -0.30
CA PHE G 64 -35.65 22.37 0.71
C PHE G 64 -35.48 21.04 0.00
N PRO G 65 -34.97 20.00 0.66
CA PRO G 65 -34.68 18.77 -0.07
C PRO G 65 -35.93 18.06 -0.57
N PHE G 66 -35.75 17.30 -1.66
CA PHE G 66 -36.83 16.67 -2.42
C PHE G 66 -36.41 15.25 -2.85
N GLN G 67 -36.15 14.34 -1.91
CA GLN G 67 -35.66 13.03 -2.33
C GLN G 67 -36.74 12.23 -3.08
N PHE G 68 -37.93 12.11 -2.52
CA PHE G 68 -39.06 11.55 -3.26
C PHE G 68 -40.29 12.42 -3.06
N GLY G 69 -40.37 13.05 -1.89
CA GLY G 69 -41.41 13.99 -1.57
C GLY G 69 -40.82 15.30 -1.10
N PRO G 70 -41.65 16.32 -0.96
CA PRO G 70 -41.17 17.62 -0.49
C PRO G 70 -40.78 17.57 0.98
N PHE G 71 -39.72 18.31 1.32
CA PHE G 71 -39.36 18.53 2.71
C PHE G 71 -39.63 19.98 3.09
N LEU G 72 -39.65 20.24 4.39
CA LEU G 72 -40.00 21.53 4.93
C LEU G 72 -39.07 21.82 6.10
N PRO G 73 -38.79 23.09 6.38
CA PRO G 73 -37.94 23.39 7.53
C PRO G 73 -38.64 23.04 8.83
N LYS G 74 -37.84 22.76 9.83
CA LYS G 74 -38.37 22.37 11.13
C LYS G 74 -39.01 23.59 11.78
N PRO G 75 -40.28 23.50 12.21
CA PRO G 75 -40.90 24.62 12.89
C PRO G 75 -40.27 24.86 14.25
N ILE G 76 -39.77 26.08 14.49
CA ILE G 76 -38.91 26.33 15.63
C ILE G 76 -39.70 26.36 16.93
N GLY G 77 -39.40 25.40 17.80
CA GLY G 77 -39.79 25.51 19.19
C GLY G 77 -41.02 24.73 19.62
N TYR G 78 -41.74 24.08 18.71
CA TYR G 78 -42.99 23.49 19.17
C TYR G 78 -42.78 22.14 19.86
N PRO G 79 -41.97 21.20 19.32
CA PRO G 79 -41.69 20.13 20.27
C PRO G 79 -40.29 20.24 20.87
N LEU G 103 -33.74 18.79 14.72
CA LEU G 103 -33.73 18.50 13.30
C LEU G 103 -33.54 19.76 12.49
N GLN G 104 -33.51 19.62 11.16
CA GLN G 104 -33.61 20.78 10.28
C GLN G 104 -34.56 20.61 9.12
N PHE G 105 -34.93 19.39 8.72
CA PHE G 105 -35.92 19.21 7.67
C PHE G 105 -36.84 18.04 7.99
N LEU G 106 -38.10 18.18 7.57
CA LEU G 106 -39.15 17.22 7.83
C LEU G 106 -39.78 16.84 6.51
N ALA G 107 -40.20 15.59 6.38
CA ALA G 107 -40.98 15.21 5.22
C ALA G 107 -42.35 15.89 5.28
N LEU G 108 -42.92 16.13 4.09
CA LEU G 108 -44.20 16.81 4.01
C LEU G 108 -45.32 15.99 4.63
N GLU G 109 -45.18 14.67 4.66
CA GLU G 109 -46.13 13.84 5.37
C GLU G 109 -45.90 13.90 6.88
N ASN G 110 -44.66 14.15 7.30
CA ASN G 110 -44.26 14.04 8.69
C ASN G 110 -44.28 15.35 9.44
N VAL G 111 -44.89 16.40 8.90
CA VAL G 111 -44.91 17.68 9.60
C VAL G 111 -45.87 17.64 10.76
N ASP G 112 -47.12 17.24 10.50
CA ASP G 112 -48.10 17.14 11.58
C ASP G 112 -47.77 15.99 12.51
N ASP G 113 -47.09 14.96 12.01
CA ASP G 113 -46.62 13.89 12.87
C ASP G 113 -45.48 14.35 13.77
N TYR G 114 -44.66 15.28 13.28
CA TYR G 114 -43.58 15.83 14.11
C TYR G 114 -44.13 16.79 15.14
N LEU G 115 -45.13 17.59 14.76
CA LEU G 115 -45.58 18.66 15.62
C LEU G 115 -46.37 18.15 16.82
N ASN G 116 -47.01 16.99 16.69
CA ASN G 116 -47.64 16.37 17.84
C ASN G 116 -46.66 15.61 18.73
N GLY G 117 -45.41 15.47 18.30
CA GLY G 117 -44.42 14.78 19.10
C GLY G 117 -43.97 13.47 18.53
N GLU G 118 -42.82 13.48 17.86
CA GLU G 118 -42.19 12.28 17.30
C GLU G 118 -40.71 12.64 17.13
N LEU G 119 -39.93 11.71 16.59
CA LEU G 119 -38.49 11.91 16.40
C LEU G 119 -38.12 11.39 15.01
N PHE G 120 -37.22 12.11 14.35
CA PHE G 120 -36.76 11.74 13.01
C PHE G 120 -35.25 11.87 12.92
N GLU G 121 -34.67 11.81 11.73
CA GLU G 121 -33.27 11.43 11.60
C GLU G 121 -32.31 12.47 11.04
N ASN G 122 -32.80 13.55 10.41
CA ASN G 122 -31.99 14.46 9.56
C ASN G 122 -31.25 13.65 8.48
N GLU G 123 -32.04 13.15 7.53
CA GLU G 123 -31.54 12.22 6.52
C GLU G 123 -30.43 12.84 5.68
N GLU G 124 -29.44 12.02 5.33
CA GLU G 124 -28.28 12.47 4.58
C GLU G 124 -28.72 12.78 3.15
N HIS G 125 -28.95 14.07 2.88
CA HIS G 125 -29.32 14.50 1.54
C HIS G 125 -28.11 14.79 0.68
N ALA G 126 -26.98 15.11 1.30
CA ALA G 126 -25.77 15.42 0.55
C ALA G 126 -24.56 15.20 1.43
N VAL G 127 -23.41 15.07 0.77
CA VAL G 127 -22.11 15.07 1.42
C VAL G 127 -21.51 16.45 1.25
N ILE G 128 -21.28 17.15 2.34
CA ILE G 128 -20.61 18.43 2.31
C ILE G 128 -19.12 18.16 2.52
N ASP G 129 -18.35 18.22 1.45
CA ASP G 129 -16.93 17.87 1.50
C ASP G 129 -16.10 19.01 0.92
N THR G 130 -14.91 19.22 1.46
CA THR G 130 -14.05 20.28 0.95
C THR G 130 -13.02 19.73 -0.02
N VAL G 131 -12.67 20.55 -1.01
CA VAL G 131 -11.62 20.21 -1.95
C VAL G 131 -10.56 21.31 -1.94
N THR G 132 -9.30 20.89 -1.89
CA THR G 132 -8.19 21.82 -1.90
C THR G 132 -7.87 22.19 -3.34
N LYS G 133 -7.78 23.48 -3.61
CA LYS G 133 -7.43 23.99 -4.91
C LYS G 133 -6.26 24.95 -4.74
N ASN G 134 -5.57 25.25 -5.84
CA ASN G 134 -4.50 26.24 -5.79
C ASN G 134 -4.48 27.07 -7.06
N GLN G 135 -3.65 28.11 -7.03
CA GLN G 135 -3.21 28.77 -8.25
C GLN G 135 -1.70 28.64 -8.31
N PRO G 136 -1.16 27.97 -9.32
CA PRO G 136 0.19 27.42 -9.18
C PRO G 136 1.31 28.44 -9.28
N HIS G 137 1.18 29.42 -10.16
CA HIS G 137 2.23 30.42 -10.29
C HIS G 137 2.34 31.35 -9.09
N LYS G 138 1.26 31.56 -8.36
CA LYS G 138 1.24 32.64 -7.38
C LYS G 138 1.98 32.29 -6.11
N ASP G 139 1.97 31.01 -5.72
CA ASP G 139 2.68 30.46 -4.56
C ASP G 139 2.22 31.09 -3.24
N ASP G 140 1.03 31.68 -3.21
CA ASP G 140 0.38 32.06 -1.98
C ASP G 140 -1.11 31.79 -2.00
N ASN G 141 -1.63 31.28 -3.11
CA ASN G 141 -3.05 30.99 -3.29
C ASN G 141 -3.25 29.50 -3.11
N LEU G 142 -3.61 29.08 -1.91
CA LEU G 142 -3.90 27.67 -1.65
C LEU G 142 -5.18 27.66 -0.84
N TYR G 143 -6.29 27.45 -1.53
CA TYR G 143 -7.60 27.64 -0.95
C TYR G 143 -8.35 26.32 -0.88
N GLN G 144 -9.46 26.34 -0.20
CA GLN G 144 -10.37 25.21 -0.18
C GLN G 144 -11.78 25.68 -0.52
N VAL G 145 -12.51 24.82 -1.21
CA VAL G 145 -13.89 25.11 -1.59
C VAL G 145 -14.74 23.96 -1.07
N ALA G 146 -15.74 24.28 -0.27
CA ALA G 146 -16.64 23.25 0.24
C ALA G 146 -17.80 23.08 -0.71
N THR G 147 -18.08 21.84 -1.05
CA THR G 147 -19.03 21.45 -2.07
C THR G 147 -20.09 20.58 -1.43
N THR G 148 -21.35 20.87 -1.70
CA THR G 148 -22.44 20.00 -1.27
C THR G 148 -22.79 19.07 -2.42
N ARG G 149 -22.17 17.90 -2.44
CA ARG G 149 -22.49 16.90 -3.45
C ARG G 149 -23.75 16.15 -3.03
N PHE G 150 -24.81 16.33 -3.80
CA PHE G 150 -26.08 15.72 -3.48
C PHE G 150 -26.06 14.22 -3.77
N SER G 151 -27.11 13.54 -3.35
CA SER G 151 -27.03 12.09 -3.16
C SER G 151 -27.93 11.29 -4.10
N ASN G 152 -27.91 11.63 -5.39
CA ASN G 152 -28.47 10.91 -6.53
C ASN G 152 -30.00 10.95 -6.60
N ASP G 153 -30.68 11.51 -5.61
CA ASP G 153 -32.13 11.65 -5.68
C ASP G 153 -32.63 12.99 -5.16
N THR G 154 -31.79 13.78 -4.52
CA THR G 154 -32.26 14.96 -3.79
C THR G 154 -32.25 16.18 -4.70
N SER G 155 -33.35 16.93 -4.69
CA SER G 155 -33.46 18.17 -5.43
C SER G 155 -34.02 19.21 -4.48
N LEU G 156 -34.26 20.43 -4.98
CA LEU G 156 -34.44 21.51 -4.02
C LEU G 156 -35.73 22.33 -4.11
N TYR G 157 -36.36 22.49 -5.28
CA TYR G 157 -37.73 22.98 -5.45
C TYR G 157 -38.08 24.35 -4.80
N VAL G 158 -37.78 25.46 -5.45
CA VAL G 158 -38.46 26.67 -4.98
C VAL G 158 -39.94 26.61 -5.38
N ILE G 159 -40.80 27.12 -4.50
CA ILE G 159 -42.22 27.28 -4.79
C ILE G 159 -42.43 28.70 -5.31
N ALA G 160 -43.09 28.83 -6.45
CA ALA G 160 -43.22 30.14 -7.04
C ALA G 160 -44.53 30.26 -7.82
N ASN G 161 -44.90 31.51 -8.09
CA ASN G 161 -46.00 31.84 -9.00
C ASN G 161 -45.53 31.54 -10.42
N GLU G 162 -46.17 30.57 -11.07
CA GLU G 162 -45.72 30.12 -12.37
C GLU G 162 -46.03 31.16 -13.44
N SER G 163 -45.07 31.36 -14.34
CA SER G 163 -45.23 32.31 -15.43
C SER G 163 -44.31 31.89 -16.56
N ASP G 164 -44.64 32.36 -17.77
CA ASP G 164 -43.78 32.08 -18.92
C ASP G 164 -42.44 32.78 -18.77
N LEU G 165 -42.46 33.99 -18.22
CA LEU G 165 -41.24 34.73 -17.91
C LEU G 165 -40.38 33.97 -16.92
N LEU G 166 -41.01 33.43 -15.87
CA LEU G 166 -40.27 32.76 -14.82
C LEU G 166 -39.70 31.44 -15.29
N ASN G 167 -40.48 30.65 -16.04
CA ASN G 167 -39.95 29.40 -16.57
C ASN G 167 -38.87 29.64 -17.61
N GLU G 168 -38.97 30.73 -18.37
CA GLU G 168 -37.91 31.11 -19.30
C GLU G 168 -36.62 31.42 -18.55
N LEU G 169 -36.70 32.24 -17.50
CA LEU G 169 -35.52 32.58 -16.72
C LEU G 169 -34.97 31.37 -15.95
N MET G 170 -35.85 30.45 -15.53
CA MET G 170 -35.39 29.33 -14.72
C MET G 170 -34.75 28.24 -15.59
N SER G 171 -35.31 27.98 -16.77
CA SER G 171 -34.63 27.13 -17.72
C SER G 171 -33.41 27.80 -18.33
N SER G 172 -33.27 29.11 -18.21
CA SER G 172 -31.98 29.73 -18.50
C SER G 172 -31.00 29.50 -17.37
N LEU G 173 -31.47 29.55 -16.13
CA LEU G 173 -30.61 29.31 -14.97
C LEU G 173 -30.03 27.91 -14.95
N GLN G 174 -30.79 26.92 -15.42
CA GLN G 174 -30.30 25.55 -15.32
C GLN G 174 -29.07 25.29 -16.19
N TYR G 175 -28.80 26.14 -17.18
CA TYR G 175 -27.56 26.07 -17.95
C TYR G 175 -26.59 27.16 -17.56
N SER G 176 -26.88 27.90 -16.49
CA SER G 176 -26.00 28.95 -16.00
C SER G 176 -25.55 28.72 -14.58
N GLY G 177 -26.02 27.66 -13.92
CA GLY G 177 -25.59 27.34 -12.59
C GLY G 177 -26.31 28.15 -11.55
N LEU G 178 -25.98 27.86 -10.30
CA LEU G 178 -26.61 28.51 -9.16
C LEU G 178 -25.69 28.37 -7.95
N GLY G 179 -25.45 29.48 -7.29
CA GLY G 179 -24.61 29.43 -6.11
C GLY G 179 -23.25 30.08 -6.32
N GLY G 180 -22.25 29.45 -5.75
CA GLY G 180 -20.92 30.00 -5.78
C GLY G 180 -19.94 29.16 -6.57
N LYS G 181 -18.91 29.84 -7.07
CA LYS G 181 -17.83 29.26 -7.88
C LYS G 181 -18.35 28.54 -9.12
N ARG G 182 -19.51 28.95 -9.61
CA ARG G 182 -19.92 28.50 -10.92
C ARG G 182 -19.10 29.23 -11.96
N SER G 183 -18.99 28.61 -13.13
CA SER G 183 -17.93 28.62 -14.15
C SER G 183 -16.78 27.70 -13.74
N SER G 184 -16.84 27.09 -12.58
CA SER G 184 -15.93 26.01 -12.24
C SER G 184 -16.71 24.76 -11.94
N GLY G 185 -17.94 24.68 -12.45
CA GLY G 185 -18.71 23.47 -12.34
C GLY G 185 -19.83 23.52 -11.33
N PHE G 186 -19.64 24.28 -10.26
CA PHE G 186 -20.48 24.16 -9.08
C PHE G 186 -21.83 24.81 -9.30
N GLY G 187 -22.88 24.02 -9.38
CA GLY G 187 -24.20 24.58 -9.22
C GLY G 187 -25.13 24.42 -10.41
N ARG G 188 -24.67 23.74 -11.44
CA ARG G 188 -25.44 23.60 -12.66
C ARG G 188 -26.48 22.50 -12.47
N PHE G 189 -27.75 22.84 -12.69
CA PHE G 189 -28.84 21.93 -12.37
C PHE G 189 -29.75 21.66 -13.56
N GLU G 190 -30.89 21.01 -13.31
CA GLU G 190 -31.88 20.78 -14.36
C GLU G 190 -33.27 20.76 -13.75
N LEU G 191 -34.26 21.21 -14.52
CA LEU G 191 -35.60 21.49 -14.00
C LEU G 191 -36.55 20.32 -14.08
N ASP G 192 -37.52 20.34 -13.16
CA ASP G 192 -38.77 19.56 -13.21
C ASP G 192 -39.81 20.45 -12.53
N ILE G 193 -40.81 20.90 -13.29
CA ILE G 193 -41.83 21.80 -12.74
C ILE G 193 -43.07 20.94 -12.45
N GLN G 194 -43.18 20.50 -11.21
CA GLN G 194 -44.26 19.60 -10.82
C GLN G 194 -45.31 20.32 -10.01
N ASN G 195 -46.54 19.81 -10.09
CA ASN G 195 -47.64 20.31 -9.30
C ASN G 195 -47.44 20.00 -7.82
N ILE G 196 -48.08 20.80 -6.99
CA ILE G 196 -47.99 20.69 -5.54
C ILE G 196 -48.87 19.53 -5.08
N PRO G 197 -48.44 18.70 -4.13
CA PRO G 197 -49.37 17.77 -3.49
C PRO G 197 -50.47 18.51 -2.75
N LEU G 198 -51.69 17.98 -2.84
CA LEU G 198 -52.87 18.72 -2.41
C LEU G 198 -52.97 18.88 -0.90
N GLU G 199 -52.23 18.10 -0.14
CA GLU G 199 -52.15 18.35 1.30
C GLU G 199 -51.08 19.36 1.66
N LEU G 200 -50.27 19.80 0.71
CA LEU G 200 -49.36 20.93 0.92
C LEU G 200 -50.06 22.23 0.57
N SER G 201 -50.71 22.28 -0.60
CA SER G 201 -51.24 23.54 -1.15
C SER G 201 -52.42 24.07 -0.35
N ASP G 202 -53.03 23.25 0.50
CA ASP G 202 -54.02 23.74 1.44
C ASP G 202 -53.40 24.72 2.43
N ARG G 203 -52.14 24.53 2.77
CA ARG G 203 -51.52 25.22 3.88
C ARG G 203 -50.66 26.41 3.47
N LEU G 204 -50.56 26.71 2.19
CA LEU G 204 -49.78 27.85 1.73
C LEU G 204 -50.67 29.09 1.70
N THR G 205 -50.42 30.03 2.61
CA THR G 205 -51.19 31.26 2.66
C THR G 205 -50.24 32.45 2.68
N LYS G 206 -50.84 33.64 2.72
CA LYS G 206 -50.14 34.86 3.09
C LYS G 206 -50.93 35.73 4.04
N ASN G 207 -52.16 35.34 4.41
CA ASN G 207 -53.01 36.23 5.19
C ASN G 207 -53.70 35.51 6.35
N HIS G 208 -53.29 34.29 6.68
CA HIS G 208 -53.88 33.56 7.78
C HIS G 208 -53.46 34.19 9.11
N SER G 209 -54.23 33.92 10.15
CA SER G 209 -54.10 34.66 11.40
C SER G 209 -53.67 33.82 12.59
N ASP G 210 -53.48 32.52 12.44
CA ASP G 210 -53.24 31.63 13.59
C ASP G 210 -52.08 30.69 13.27
N LYS G 211 -50.96 30.85 14.00
CA LYS G 211 -49.92 29.83 14.19
C LYS G 211 -49.27 29.41 12.87
N VAL G 212 -48.55 30.34 12.25
CA VAL G 212 -48.06 30.09 10.91
C VAL G 212 -46.53 30.10 10.90
N MET G 213 -45.95 29.39 9.93
CA MET G 213 -44.50 29.24 9.81
C MET G 213 -44.01 29.87 8.52
N SER G 214 -42.94 30.64 8.60
CA SER G 214 -42.29 31.15 7.40
C SER G 214 -41.37 30.10 6.83
N LEU G 215 -41.57 29.75 5.57
CA LEU G 215 -40.66 28.85 4.86
C LEU G 215 -39.83 29.60 3.83
N THR G 216 -39.51 30.86 4.13
CA THR G 216 -38.52 31.62 3.38
C THR G 216 -37.94 32.70 4.27
N THR G 217 -36.69 33.06 4.00
CA THR G 217 -35.99 34.05 4.81
C THR G 217 -36.58 35.43 4.52
N ALA G 218 -37.45 35.89 5.41
CA ALA G 218 -38.21 37.11 5.24
C ALA G 218 -37.75 38.17 6.22
N LEU G 219 -38.36 39.35 6.12
CA LEU G 219 -38.13 40.45 7.05
C LEU G 219 -39.36 41.36 7.03
N PRO G 220 -40.07 41.48 8.15
CA PRO G 220 -41.30 42.28 8.16
C PRO G 220 -41.04 43.77 8.00
N VAL G 221 -42.01 44.44 7.38
CA VAL G 221 -42.06 45.88 7.40
C VAL G 221 -42.40 46.32 8.82
N ASP G 222 -41.97 47.53 9.20
CA ASP G 222 -41.89 47.99 10.58
C ASP G 222 -43.22 47.97 11.35
N ALA G 223 -44.35 47.93 10.65
CA ALA G 223 -45.63 47.81 11.34
C ALA G 223 -45.83 46.41 11.91
N ASP G 224 -45.18 45.40 11.34
CA ASP G 224 -45.35 44.03 11.78
C ASP G 224 -44.14 43.48 12.53
N LEU G 225 -43.04 44.24 12.61
CA LEU G 225 -41.88 43.80 13.41
C LEU G 225 -42.23 43.64 14.87
N GLU G 226 -43.10 44.48 15.41
CA GLU G 226 -43.49 44.37 16.81
C GLU G 226 -44.22 43.05 17.07
N GLU G 227 -45.24 42.77 16.26
CA GLU G 227 -46.05 41.58 16.45
C GLU G 227 -45.27 40.31 16.10
N ALA G 228 -44.28 40.41 15.21
CA ALA G 228 -43.47 39.24 14.91
C ALA G 228 -42.44 38.98 16.00
N MET G 229 -41.83 40.04 16.55
CA MET G 229 -40.82 39.86 17.59
C MET G 229 -41.44 39.44 18.92
N GLU G 230 -42.69 39.80 19.18
CA GLU G 230 -43.29 39.42 20.47
C GLU G 230 -43.60 37.93 20.53
N ASP G 231 -44.52 37.46 19.68
CA ASP G 231 -45.02 36.10 19.78
C ASP G 231 -44.35 35.15 18.81
N GLY G 232 -43.16 35.47 18.34
CA GLY G 232 -42.51 34.71 17.28
C GLY G 232 -41.32 33.92 17.79
N HIS G 233 -41.19 32.69 17.30
CA HIS G 233 -40.05 31.84 17.55
C HIS G 233 -39.24 31.76 16.26
N TYR G 234 -37.99 32.22 16.30
CA TYR G 234 -37.30 32.53 15.06
C TYR G 234 -35.79 32.35 15.20
N LEU G 235 -35.11 32.64 14.09
CA LEU G 235 -33.66 32.56 13.99
C LEU G 235 -33.20 33.74 13.16
N LEU G 236 -32.02 34.26 13.45
CA LEU G 236 -31.45 35.36 12.68
C LEU G 236 -30.38 34.84 11.74
N THR G 237 -30.43 35.29 10.50
CA THR G 237 -29.37 35.06 9.53
C THR G 237 -28.83 36.40 9.08
N LYS G 238 -27.52 36.46 8.93
CA LYS G 238 -26.87 37.68 8.46
C LYS G 238 -26.61 37.56 6.96
N SER G 239 -27.43 38.22 6.17
CA SER G 239 -27.27 38.24 4.72
C SER G 239 -26.35 39.42 4.40
N SER G 240 -25.10 39.10 4.07
CA SER G 240 -24.11 40.09 3.68
C SER G 240 -23.33 39.56 2.50
N GLY G 241 -22.31 40.31 2.10
CA GLY G 241 -21.45 39.86 1.04
C GLY G 241 -21.28 40.94 -0.01
N PHE G 242 -20.64 40.55 -1.10
CA PHE G 242 -20.35 41.50 -2.16
C PHE G 242 -21.50 41.56 -3.15
N ALA G 243 -21.64 42.73 -3.76
CA ALA G 243 -22.68 42.98 -4.75
C ALA G 243 -22.10 42.74 -6.13
N PHE G 244 -22.61 41.72 -6.82
CA PHE G 244 -22.16 41.44 -8.18
C PHE G 244 -22.69 42.51 -9.13
N SER G 245 -21.81 43.04 -9.97
CA SER G 245 -22.18 44.14 -10.85
C SER G 245 -21.32 44.12 -12.10
N HIS G 246 -21.93 44.44 -13.22
CA HIS G 246 -21.23 44.62 -14.49
C HIS G 246 -20.92 46.08 -14.76
N ALA G 247 -21.04 46.94 -13.75
CA ALA G 247 -20.93 48.37 -14.00
C ALA G 247 -20.20 49.14 -12.93
N THR G 248 -19.24 48.55 -12.24
CA THR G 248 -18.62 49.23 -11.11
C THR G 248 -17.09 49.21 -11.16
N ASN G 249 -16.48 48.17 -11.75
CA ASN G 249 -15.05 47.93 -11.99
C ASN G 249 -14.29 47.61 -10.70
N GLU G 250 -14.95 47.69 -9.55
CA GLU G 250 -14.45 47.13 -8.32
C GLU G 250 -15.67 46.70 -7.51
N ASN G 251 -15.43 45.87 -6.50
CA ASN G 251 -16.50 45.14 -5.85
C ASN G 251 -16.75 45.73 -4.48
N TYR G 252 -17.99 46.14 -4.23
CA TYR G 252 -18.36 46.77 -2.97
C TYR G 252 -19.29 45.86 -2.19
N ARG G 253 -19.09 45.82 -0.88
CA ARG G 253 -19.85 44.92 -0.02
C ARG G 253 -21.23 45.52 0.27
N LYS G 254 -22.24 44.65 0.31
CA LYS G 254 -23.62 45.05 0.54
C LYS G 254 -23.82 45.49 1.99
N GLN G 255 -25.04 45.97 2.28
CA GLN G 255 -25.31 46.64 3.54
C GLN G 255 -25.66 45.72 4.69
N ASP G 256 -25.37 44.43 4.59
CA ASP G 256 -25.11 43.58 5.77
C ASP G 256 -26.36 43.45 6.65
N LEU G 257 -27.46 42.97 6.09
CA LEU G 257 -28.68 43.01 6.88
C LEU G 257 -28.90 41.68 7.59
N TYR G 258 -29.88 41.68 8.47
CA TYR G 258 -30.24 40.52 9.29
C TYR G 258 -31.70 40.22 9.07
N LYS G 259 -32.04 38.94 8.97
CA LYS G 259 -33.40 38.59 8.62
C LYS G 259 -33.80 37.27 9.25
N PHE G 260 -35.12 37.09 9.35
CA PHE G 260 -35.70 35.92 9.99
C PHE G 260 -35.53 34.71 9.09
N ALA G 261 -34.96 33.64 9.62
CA ALA G 261 -34.66 32.45 8.83
C ALA G 261 -35.92 31.67 8.49
N SER G 262 -35.72 30.61 7.72
CA SER G 262 -36.81 29.69 7.41
C SER G 262 -37.14 28.84 8.62
N GLY G 263 -38.35 28.32 8.65
CA GLY G 263 -38.83 27.61 9.82
C GLY G 263 -39.24 28.49 10.98
N SER G 264 -39.07 29.80 10.86
CA SER G 264 -39.48 30.73 11.91
C SER G 264 -41.00 30.80 11.96
N THR G 265 -41.53 30.56 13.14
CA THR G 265 -42.97 30.54 13.34
C THR G 265 -43.41 31.79 14.06
N PHE G 266 -44.63 32.22 13.79
CA PHE G 266 -45.10 33.53 14.22
C PHE G 266 -46.51 33.41 14.76
N SER G 267 -47.00 34.52 15.31
CA SER G 267 -48.40 34.59 15.73
C SER G 267 -49.32 34.54 14.52
N LYS G 268 -48.96 35.25 13.46
CA LYS G 268 -49.74 35.28 12.24
C LYS G 268 -48.82 35.69 11.10
N THR G 269 -49.39 35.80 9.90
CA THR G 269 -48.61 36.20 8.75
C THR G 269 -48.28 37.69 8.82
N PHE G 270 -47.16 38.05 8.20
CA PHE G 270 -46.79 39.44 8.04
C PHE G 270 -46.55 39.72 6.57
N GLU G 271 -46.35 41.00 6.26
CA GLU G 271 -46.04 41.46 4.93
C GLU G 271 -44.58 41.89 4.91
N GLY G 272 -43.78 41.24 4.07
CA GLY G 272 -42.37 41.51 3.99
C GLY G 272 -42.03 42.48 2.88
N GLN G 273 -40.73 42.63 2.63
CA GLN G 273 -40.26 43.64 1.70
C GLN G 273 -39.10 43.12 0.87
N ILE G 274 -38.87 43.79 -0.25
CA ILE G 274 -37.68 43.58 -1.07
C ILE G 274 -36.68 44.65 -0.65
N VAL G 275 -35.69 44.26 0.13
CA VAL G 275 -34.80 45.22 0.77
C VAL G 275 -33.78 45.68 -0.25
N ASP G 276 -33.60 46.99 -0.35
CA ASP G 276 -32.51 47.56 -1.13
C ASP G 276 -31.30 47.64 -0.22
N VAL G 277 -30.27 46.83 -0.52
CA VAL G 277 -29.07 46.77 0.30
C VAL G 277 -27.90 47.28 -0.52
N ARG G 278 -28.16 48.30 -1.35
CA ARG G 278 -27.16 48.84 -2.25
C ARG G 278 -25.98 49.42 -1.47
N PRO G 279 -24.78 49.39 -2.04
CA PRO G 279 -23.66 50.11 -1.45
C PRO G 279 -23.89 51.62 -1.48
N LEU G 280 -23.05 52.33 -0.73
CA LEU G 280 -23.19 53.78 -0.68
C LEU G 280 -22.71 54.39 -1.99
N ASP G 281 -23.56 55.23 -2.59
CA ASP G 281 -23.33 55.91 -3.86
C ASP G 281 -23.07 54.90 -4.98
N PHE G 282 -24.12 54.14 -5.28
CA PHE G 282 -24.01 52.98 -6.16
C PHE G 282 -25.02 53.12 -7.30
N PRO G 283 -24.64 52.72 -8.53
CA PRO G 283 -25.49 52.99 -9.71
C PRO G 283 -26.85 52.33 -9.73
N HIS G 284 -26.91 51.00 -9.63
CA HIS G 284 -28.18 50.30 -9.67
C HIS G 284 -28.58 49.86 -8.28
N ALA G 285 -29.74 49.23 -8.19
CA ALA G 285 -30.29 48.80 -6.92
C ALA G 285 -29.84 47.38 -6.64
N VAL G 286 -29.26 47.13 -5.47
CA VAL G 286 -29.01 45.77 -5.05
C VAL G 286 -30.17 45.35 -4.16
N LEU G 287 -31.00 44.45 -4.67
CA LEU G 287 -32.23 44.09 -4.00
C LEU G 287 -31.99 42.90 -3.08
N ASN G 288 -33.04 42.48 -2.38
CA ASN G 288 -32.98 41.30 -1.54
C ASN G 288 -34.42 40.85 -1.31
N TYR G 289 -34.77 39.68 -1.82
CA TYR G 289 -36.13 39.18 -1.68
C TYR G 289 -36.34 38.69 -0.26
N ALA G 290 -37.08 39.45 0.53
CA ALA G 290 -37.50 39.00 1.85
C ALA G 290 -39.01 39.05 1.97
N LYS G 291 -39.74 38.92 0.86
CA LYS G 291 -41.17 38.74 1.02
C LYS G 291 -41.46 37.30 1.44
N PRO G 292 -42.39 37.10 2.35
CA PRO G 292 -42.56 35.75 2.89
C PRO G 292 -43.47 34.87 2.06
N LEU G 293 -43.64 33.66 2.55
CA LEU G 293 -44.59 32.67 2.06
C LEU G 293 -44.71 31.67 3.18
N PHE G 294 -45.93 31.28 3.51
CA PHE G 294 -46.19 30.71 4.81
C PHE G 294 -46.80 29.31 4.70
N PHE G 295 -46.69 28.59 5.81
CA PHE G 295 -47.16 27.23 5.95
C PHE G 295 -47.98 27.15 7.22
N LYS G 296 -49.23 26.70 7.11
CA LYS G 296 -50.08 26.64 8.27
C LYS G 296 -49.85 25.36 9.06
N LEU G 297 -50.07 25.45 10.37
CA LEU G 297 -49.87 24.30 11.24
C LEU G 297 -50.80 24.37 12.46
N ASN H 3 47.53 -19.65 -9.35
CA ASN H 3 46.96 -19.55 -8.01
C ASN H 3 46.67 -20.94 -7.41
N ASP H 4 45.60 -21.04 -6.63
CA ASP H 4 45.29 -22.29 -5.96
C ASP H 4 44.72 -23.33 -6.92
N TYR H 5 44.28 -22.92 -8.10
CA TYR H 5 43.80 -23.85 -9.11
C TYR H 5 44.99 -24.60 -9.68
N ARG H 6 45.19 -25.84 -9.24
CA ARG H 6 46.25 -26.66 -9.79
C ARG H 6 45.65 -27.66 -10.77
N THR H 7 46.23 -27.74 -11.95
CA THR H 7 45.62 -28.50 -13.04
C THR H 7 46.37 -29.81 -13.26
N PHE H 8 45.73 -30.71 -13.99
CA PHE H 8 46.25 -32.02 -14.29
C PHE H 8 45.87 -32.35 -15.73
N LYS H 9 46.77 -33.05 -16.39
CA LYS H 9 46.50 -33.68 -17.67
C LYS H 9 46.31 -35.15 -17.40
N LEU H 10 45.19 -35.69 -17.85
CA LEU H 10 44.94 -37.11 -17.80
C LEU H 10 45.03 -37.60 -19.24
N SER H 11 46.11 -38.32 -19.55
CA SER H 11 46.26 -38.94 -20.86
C SER H 11 45.66 -40.34 -20.77
N LEU H 12 44.56 -40.53 -21.47
CA LEU H 12 43.72 -41.71 -21.37
C LEU H 12 44.01 -42.55 -22.61
N LEU H 13 44.82 -43.58 -22.43
CA LEU H 13 45.05 -44.58 -23.45
C LEU H 13 43.86 -45.53 -23.45
N THR H 14 43.03 -45.43 -24.47
CA THR H 14 41.93 -46.36 -24.62
C THR H 14 42.49 -47.70 -25.04
N LEU H 15 42.26 -48.70 -24.24
CA LEU H 15 42.35 -50.08 -24.67
C LEU H 15 40.91 -50.52 -24.80
N ALA H 16 40.68 -51.72 -25.35
CA ALA H 16 39.55 -52.55 -24.98
C ALA H 16 38.18 -51.88 -25.08
N PRO H 17 37.59 -51.79 -26.30
CA PRO H 17 36.85 -50.59 -26.75
C PRO H 17 35.86 -49.95 -25.79
N ILE H 18 35.71 -48.63 -25.92
CA ILE H 18 35.00 -47.80 -24.97
C ILE H 18 33.78 -47.19 -25.64
N HIS H 19 32.63 -47.32 -25.01
CA HIS H 19 31.38 -46.73 -25.48
C HIS H 19 30.87 -45.73 -24.44
N ILE H 20 30.38 -44.59 -24.90
CA ILE H 20 29.65 -43.66 -24.06
C ILE H 20 28.44 -43.15 -24.82
N GLY H 21 27.27 -43.50 -24.36
CA GLY H 21 26.21 -42.52 -24.27
C GLY H 21 25.24 -42.41 -25.42
N ASN H 22 24.76 -41.18 -25.56
CA ASN H 22 23.86 -40.57 -26.53
C ASN H 22 22.42 -40.99 -26.31
N GLY H 23 22.14 -41.95 -25.44
CA GLY H 23 20.77 -42.28 -25.11
C GLY H 23 20.00 -43.12 -26.11
N GLU H 24 20.05 -42.74 -27.37
CA GLU H 24 19.26 -43.33 -28.43
C GLU H 24 20.09 -44.35 -29.17
N LYS H 25 19.50 -44.94 -30.22
CA LYS H 25 20.17 -45.98 -30.97
C LYS H 25 19.65 -45.99 -32.40
N TYR H 26 20.54 -46.25 -33.35
CA TYR H 26 20.11 -46.54 -34.72
C TYR H 26 19.44 -47.90 -34.69
N THR H 27 18.15 -47.96 -34.99
CA THR H 27 17.49 -49.26 -34.99
C THR H 27 17.94 -50.09 -36.20
N SER H 28 17.51 -51.34 -36.21
CA SER H 28 17.66 -52.16 -37.40
C SER H 28 16.82 -51.58 -38.53
N ARG H 29 17.21 -51.90 -39.76
CA ARG H 29 16.74 -51.31 -41.01
C ARG H 29 17.01 -49.81 -41.09
N GLU H 30 18.10 -49.33 -40.50
CA GLU H 30 18.45 -47.91 -40.62
C GLU H 30 19.92 -47.72 -40.98
N PHE H 31 20.50 -48.67 -41.70
CA PHE H 31 21.89 -48.59 -42.12
C PHE H 31 22.07 -49.52 -43.31
N ILE H 32 22.95 -49.13 -44.22
CA ILE H 32 23.25 -49.96 -45.37
C ILE H 32 24.68 -50.44 -45.26
N TYR H 33 24.90 -51.68 -45.68
CA TYR H 33 26.22 -52.29 -45.68
C TYR H 33 26.58 -52.54 -47.13
N GLU H 34 27.10 -51.52 -47.81
CA GLU H 34 27.35 -51.63 -49.25
C GLU H 34 28.78 -52.08 -49.53
N ASN H 35 29.74 -51.27 -49.13
CA ASN H 35 31.14 -51.66 -49.18
C ASN H 35 31.49 -52.29 -47.84
N LYS H 36 32.78 -52.42 -47.54
CA LYS H 36 33.17 -52.96 -46.23
C LYS H 36 33.19 -51.84 -45.18
N LYS H 37 31.99 -51.33 -44.91
CA LYS H 37 31.71 -50.19 -44.05
C LYS H 37 30.21 -50.04 -43.92
N PHE H 38 29.78 -49.53 -42.76
CA PHE H 38 28.37 -49.25 -42.49
C PHE H 38 28.10 -47.78 -42.72
N TYR H 39 27.08 -47.48 -43.51
CA TYR H 39 26.65 -46.11 -43.72
C TYR H 39 25.36 -45.88 -42.95
N PHE H 40 25.32 -44.80 -42.18
CA PHE H 40 24.20 -44.49 -41.31
C PHE H 40 23.53 -43.22 -41.80
N PRO H 41 22.47 -43.31 -42.60
CA PRO H 41 21.87 -42.11 -43.19
C PRO H 41 21.10 -41.32 -42.15
N ASP H 42 20.78 -40.09 -42.52
CA ASP H 42 19.70 -39.38 -41.84
C ASP H 42 18.40 -39.87 -42.46
N MET H 43 17.70 -40.75 -41.74
CA MET H 43 16.59 -41.51 -42.30
C MET H 43 15.39 -40.66 -42.68
N GLY H 44 15.27 -39.46 -42.15
CA GLY H 44 14.30 -38.53 -42.69
C GLY H 44 14.64 -38.11 -44.11
N LYS H 45 15.91 -37.81 -44.37
CA LYS H 45 16.35 -37.50 -45.73
C LYS H 45 16.29 -38.72 -46.62
N PHE H 46 16.51 -39.91 -46.06
CA PHE H 46 16.33 -41.16 -46.79
C PHE H 46 14.91 -41.31 -47.26
N TYR H 47 13.95 -41.12 -46.36
CA TYR H 47 12.54 -41.15 -46.70
C TYR H 47 12.14 -40.03 -47.63
N ASN H 48 12.81 -38.87 -47.57
CA ASN H 48 12.56 -37.77 -48.49
C ASN H 48 12.91 -38.16 -49.93
N LYS H 49 14.15 -38.62 -50.13
CA LYS H 49 14.58 -39.01 -51.48
C LYS H 49 13.83 -40.24 -51.97
N MET H 50 13.40 -41.12 -51.06
CA MET H 50 12.67 -42.30 -51.45
C MET H 50 11.17 -42.06 -51.65
N VAL H 51 10.61 -41.01 -51.05
CA VAL H 51 9.30 -40.51 -51.47
C VAL H 51 9.38 -39.82 -52.83
N GLU H 52 10.47 -39.08 -53.11
CA GLU H 52 10.65 -38.50 -54.43
C GLU H 52 10.74 -39.55 -55.53
N LYS H 53 11.30 -40.72 -55.22
CA LYS H 53 11.31 -41.83 -56.17
C LYS H 53 10.05 -42.69 -56.09
N ARG H 54 9.07 -42.27 -55.28
CA ARG H 54 7.74 -42.88 -55.19
C ARG H 54 7.83 -44.35 -54.78
N LEU H 55 8.38 -44.56 -53.58
CA LEU H 55 8.53 -45.89 -53.00
C LEU H 55 8.09 -45.89 -51.54
N ALA H 56 7.19 -45.00 -51.18
CA ALA H 56 6.81 -44.84 -49.78
C ALA H 56 6.01 -46.03 -49.28
N GLU H 57 4.98 -46.43 -50.03
CA GLU H 57 4.20 -47.60 -49.65
C GLU H 57 5.03 -48.87 -49.76
N LYS H 58 5.97 -48.91 -50.71
CA LYS H 58 6.86 -50.04 -50.85
C LYS H 58 7.80 -50.15 -49.65
N PHE H 59 8.24 -49.02 -49.12
CA PHE H 59 9.12 -49.04 -47.96
C PHE H 59 8.35 -49.39 -46.69
N GLU H 60 7.14 -48.87 -46.54
CA GLU H 60 6.32 -49.21 -45.39
C GLU H 60 5.87 -50.66 -45.41
N ALA H 61 5.78 -51.27 -46.59
CA ALA H 61 5.58 -52.71 -46.68
C ALA H 61 6.87 -53.49 -46.54
N PHE H 62 8.01 -52.86 -46.79
CA PHE H 62 9.30 -53.50 -46.56
C PHE H 62 9.61 -53.63 -45.08
N LEU H 63 9.25 -52.62 -44.28
CA LEU H 63 9.65 -52.61 -42.87
C LEU H 63 8.95 -53.69 -42.06
N ILE H 64 7.63 -53.82 -42.20
CA ILE H 64 6.89 -54.74 -41.37
C ILE H 64 6.99 -56.19 -41.84
N GLN H 65 7.71 -56.46 -42.92
CA GLN H 65 7.75 -57.78 -43.54
C GLN H 65 9.11 -58.41 -43.24
N THR H 66 9.09 -59.54 -42.54
CA THR H 66 10.28 -60.26 -42.15
C THR H 66 10.46 -61.51 -43.00
N ARG H 67 11.71 -61.83 -43.30
CA ARG H 67 12.09 -63.00 -44.06
C ARG H 67 12.71 -64.05 -43.14
N PRO H 68 12.74 -65.32 -43.55
CA PRO H 68 13.48 -66.32 -42.76
C PRO H 68 14.98 -66.11 -42.74
N ASN H 69 15.53 -65.34 -43.68
CA ASN H 69 16.93 -64.93 -43.64
C ASN H 69 16.99 -63.50 -43.10
N ALA H 70 18.14 -63.15 -42.51
CA ALA H 70 18.27 -61.81 -41.93
C ALA H 70 18.83 -60.81 -42.91
N ARG H 71 19.76 -61.22 -43.76
CA ARG H 71 20.48 -60.28 -44.62
C ARG H 71 19.60 -59.70 -45.72
N ASN H 72 18.44 -60.28 -45.98
CA ASN H 72 17.46 -59.66 -46.86
C ASN H 72 16.34 -58.96 -46.11
N ASN H 73 16.53 -58.66 -44.82
CA ASN H 73 15.68 -57.74 -44.10
C ASN H 73 16.32 -56.39 -43.84
N ARG H 74 17.64 -56.29 -43.94
CA ARG H 74 18.32 -55.03 -43.67
C ARG H 74 18.06 -54.02 -44.80
N LEU H 75 18.54 -52.80 -44.58
CA LEU H 75 18.22 -51.70 -45.48
C LEU H 75 18.96 -51.77 -46.81
N ILE H 76 20.02 -52.59 -46.91
CA ILE H 76 20.66 -52.74 -48.20
C ILE H 76 19.81 -53.59 -49.13
N SER H 77 18.99 -54.47 -48.58
CA SER H 77 18.13 -55.29 -49.40
C SER H 77 16.95 -54.51 -49.98
N PHE H 78 16.54 -53.43 -49.34
CA PHE H 78 15.53 -52.56 -49.94
C PHE H 78 16.12 -51.82 -51.13
N LEU H 79 17.35 -51.33 -51.02
CA LEU H 79 17.93 -50.54 -52.08
C LEU H 79 18.38 -51.40 -53.26
N ASN H 80 18.56 -52.70 -53.06
CA ASN H 80 18.90 -53.58 -54.16
C ASN H 80 17.69 -54.25 -54.79
N ASP H 81 16.56 -54.34 -54.08
CA ASP H 81 15.33 -54.82 -54.67
C ASP H 81 14.54 -53.71 -55.35
N ASN H 82 15.13 -52.53 -55.47
CA ASN H 82 14.47 -51.40 -56.14
C ASN H 82 15.41 -50.61 -57.03
N ARG H 83 16.62 -51.12 -57.29
CA ARG H 83 17.65 -50.49 -58.12
C ARG H 83 18.02 -49.09 -57.64
N ILE H 84 17.98 -48.86 -56.33
CA ILE H 84 18.37 -47.56 -55.79
C ILE H 84 19.89 -47.55 -55.66
N ALA H 85 20.52 -46.53 -56.23
CA ALA H 85 21.96 -46.57 -56.43
C ALA H 85 22.73 -45.51 -55.68
N GLU H 86 22.15 -44.34 -55.44
CA GLU H 86 22.88 -43.24 -54.82
C GLU H 86 22.68 -43.27 -53.31
N ARG H 87 23.61 -42.67 -52.57
CA ARG H 87 23.26 -42.40 -51.19
C ARG H 87 22.85 -40.94 -51.00
N SER H 88 23.83 -40.04 -51.06
CA SER H 88 23.67 -38.58 -50.85
C SER H 88 22.86 -38.21 -49.60
N PHE H 89 22.85 -39.07 -48.58
CA PHE H 89 22.02 -38.85 -47.40
C PHE H 89 22.85 -38.12 -46.34
N GLY H 90 22.36 -38.11 -45.10
CA GLY H 90 23.13 -37.55 -44.01
C GLY H 90 24.41 -38.34 -43.77
N GLY H 91 25.53 -37.75 -44.17
CA GLY H 91 26.78 -38.48 -44.31
C GLY H 91 27.44 -38.89 -43.01
N TYR H 92 27.38 -40.17 -42.71
CA TYR H 92 28.08 -40.74 -41.56
C TYR H 92 28.24 -42.23 -41.75
N SER H 93 29.49 -42.69 -41.77
CA SER H 93 29.80 -44.09 -42.06
C SER H 93 31.04 -44.48 -41.27
N ILE H 94 31.03 -45.71 -40.76
CA ILE H 94 32.16 -46.25 -40.00
C ILE H 94 32.58 -47.59 -40.59
N SER H 95 33.89 -47.82 -40.63
CA SER H 95 34.42 -48.99 -41.29
C SER H 95 34.29 -50.21 -40.40
N GLU H 96 33.79 -51.31 -40.96
CA GLU H 96 33.60 -52.53 -40.21
C GLU H 96 34.94 -53.23 -39.95
N THR H 97 34.96 -54.03 -38.90
CA THR H 97 36.18 -54.67 -38.45
C THR H 97 36.33 -56.10 -38.96
N GLY H 98 35.25 -56.73 -39.39
CA GLY H 98 35.26 -58.14 -39.71
C GLY H 98 34.87 -59.04 -38.56
N LEU H 99 34.53 -58.48 -37.40
CA LEU H 99 34.19 -59.26 -36.22
C LEU H 99 32.80 -58.97 -35.69
N GLU H 100 31.96 -58.30 -36.48
CA GLU H 100 30.59 -58.04 -36.03
C GLU H 100 29.70 -59.26 -36.23
N SER H 101 30.13 -60.21 -37.05
CA SER H 101 29.32 -61.38 -37.34
C SER H 101 29.53 -62.50 -36.32
N SER H 107 26.39 -64.10 -44.31
CA SER H 107 25.93 -63.29 -43.18
C SER H 107 26.95 -62.22 -42.85
N ALA H 108 26.91 -61.10 -43.57
CA ALA H 108 27.87 -60.02 -43.40
C ALA H 108 27.10 -58.71 -43.42
N GLY H 109 26.97 -58.08 -42.26
CA GLY H 109 26.17 -56.88 -42.15
C GLY H 109 24.77 -57.09 -41.67
N ALA H 110 24.47 -58.26 -41.10
CA ALA H 110 23.14 -58.57 -40.58
C ALA H 110 23.06 -58.31 -39.09
N ILE H 111 23.78 -57.29 -38.64
CA ILE H 111 23.75 -56.81 -37.26
C ILE H 111 22.45 -56.06 -37.04
N ASN H 112 22.14 -55.73 -35.79
CA ASN H 112 20.87 -55.08 -35.50
C ASN H 112 20.94 -54.18 -34.29
N GLU H 113 20.41 -52.96 -34.45
CA GLU H 113 20.21 -51.95 -33.40
C GLU H 113 21.54 -51.56 -32.73
N VAL H 114 22.38 -50.88 -33.51
CA VAL H 114 23.60 -50.33 -32.94
C VAL H 114 23.24 -49.16 -32.03
N ASN H 115 24.01 -49.02 -30.96
CA ASN H 115 23.83 -47.95 -29.98
C ASN H 115 24.74 -46.80 -30.34
N LYS H 116 24.21 -45.59 -30.37
CA LYS H 116 25.02 -44.46 -30.79
C LYS H 116 26.04 -44.10 -29.73
N PHE H 117 27.11 -43.44 -30.16
CA PHE H 117 28.12 -42.86 -29.29
C PHE H 117 27.81 -41.38 -29.15
N ILE H 118 28.14 -40.81 -27.98
CA ILE H 118 27.77 -39.43 -27.69
C ILE H 118 28.56 -38.48 -28.58
N ARG H 119 27.88 -37.46 -29.11
CA ARG H 119 28.43 -36.59 -30.14
C ARG H 119 28.00 -35.16 -29.87
N ASP H 120 28.83 -34.22 -30.28
CA ASP H 120 28.52 -32.80 -30.14
C ASP H 120 27.61 -32.38 -31.29
N ALA H 121 27.34 -31.08 -31.38
CA ALA H 121 26.44 -30.59 -32.42
C ALA H 121 27.09 -30.66 -33.79
N PHE H 122 28.41 -30.63 -33.85
CA PHE H 122 29.10 -30.70 -35.12
C PHE H 122 29.19 -32.13 -35.65
N GLY H 123 28.77 -33.12 -34.88
CA GLY H 123 28.74 -34.48 -35.33
C GLY H 123 29.99 -35.27 -35.05
N ASN H 124 30.87 -34.78 -34.21
CA ASN H 124 32.08 -35.51 -33.86
C ASN H 124 31.91 -36.21 -32.52
N PRO H 125 32.46 -37.40 -32.36
CA PRO H 125 32.41 -38.05 -31.05
C PRO H 125 33.40 -37.41 -30.10
N TYR H 126 33.04 -37.44 -28.82
CA TYR H 126 33.92 -36.96 -27.75
C TYR H 126 33.51 -37.68 -26.49
N ILE H 127 34.41 -37.72 -25.51
CA ILE H 127 34.09 -38.28 -24.20
C ILE H 127 33.73 -37.12 -23.28
N PRO H 128 32.52 -37.08 -22.72
CA PRO H 128 32.16 -36.00 -21.82
C PRO H 128 32.87 -36.16 -20.48
N GLY H 129 33.30 -35.03 -19.92
CA GLY H 129 33.96 -35.05 -18.64
C GLY H 129 33.06 -35.41 -17.50
N SER H 130 31.75 -35.29 -17.71
CA SER H 130 30.78 -35.88 -16.79
C SER H 130 30.98 -37.38 -16.70
N SER H 131 31.22 -38.02 -17.83
CA SER H 131 31.40 -39.46 -17.84
C SER H 131 32.77 -39.89 -17.35
N LEU H 132 33.73 -38.98 -17.28
CA LEU H 132 35.04 -39.34 -16.75
C LEU H 132 35.11 -39.06 -15.25
N LYS H 133 34.32 -38.10 -14.79
CA LYS H 133 34.15 -37.89 -13.35
C LYS H 133 33.00 -38.75 -12.82
N GLY H 134 32.97 -40.00 -13.24
CA GLY H 134 32.22 -41.00 -12.54
C GLY H 134 33.17 -42.15 -12.36
N ALA H 135 34.09 -42.27 -13.32
CA ALA H 135 35.12 -43.28 -13.24
C ALA H 135 36.21 -42.87 -12.27
N ILE H 136 36.50 -41.56 -12.17
CA ILE H 136 37.33 -41.08 -11.08
C ILE H 136 36.64 -41.32 -9.73
N ARG H 137 35.33 -41.10 -9.70
CA ARG H 137 34.60 -41.08 -8.45
C ARG H 137 34.35 -42.48 -7.89
N THR H 138 34.25 -43.51 -8.72
CA THR H 138 34.19 -44.88 -8.17
C THR H 138 35.52 -45.29 -7.55
N ILE H 139 36.63 -44.91 -8.18
CA ILE H 139 37.95 -45.17 -7.61
C ILE H 139 38.08 -44.49 -6.26
N LEU H 140 37.65 -43.23 -6.18
CA LEU H 140 37.76 -42.50 -4.93
C LEU H 140 36.80 -43.02 -3.87
N MET H 141 35.61 -43.46 -4.26
CA MET H 141 34.66 -43.98 -3.30
C MET H 141 34.92 -45.44 -2.93
N ASN H 142 35.80 -46.13 -3.65
CA ASN H 142 36.14 -47.49 -3.31
C ASN H 142 37.42 -47.61 -2.51
N THR H 143 38.37 -46.71 -2.72
CA THR H 143 39.65 -46.89 -2.04
C THR H 143 39.67 -46.27 -0.65
N THR H 144 38.87 -45.25 -0.41
CA THR H 144 38.86 -44.66 0.92
C THR H 144 38.03 -45.54 1.85
N PRO H 145 38.54 -45.87 3.02
CA PRO H 145 37.77 -46.72 3.95
C PRO H 145 36.59 -45.99 4.59
N LYS H 146 36.55 -44.67 4.50
CA LYS H 146 35.49 -43.92 5.16
C LYS H 146 34.22 -43.87 4.33
N TRP H 147 34.34 -44.06 3.02
CA TRP H 147 33.16 -44.02 2.15
C TRP H 147 32.72 -45.43 1.79
N ASN H 148 33.65 -46.37 1.86
CA ASN H 148 33.37 -47.76 1.56
C ASN H 148 32.98 -48.54 2.81
N ASN H 149 32.50 -47.84 3.85
CA ASN H 149 32.03 -48.44 5.09
C ASN H 149 30.62 -48.97 4.93
N GLU H 150 29.92 -49.23 6.04
CA GLU H 150 28.54 -49.69 5.99
C GLU H 150 27.66 -48.52 5.53
N ASN H 151 27.70 -48.30 4.23
CA ASN H 151 26.99 -47.26 3.50
C ASN H 151 25.62 -47.83 3.14
N ALA H 152 24.90 -47.17 2.22
CA ALA H 152 23.63 -47.63 1.65
C ALA H 152 22.57 -47.77 2.73
N VAL H 153 22.18 -46.63 3.30
CA VAL H 153 21.05 -46.63 4.22
C VAL H 153 19.78 -46.95 3.43
N ASN H 154 19.03 -47.93 3.91
CA ASN H 154 17.83 -48.34 3.21
C ASN H 154 16.59 -47.72 3.84
N ASP H 155 16.31 -48.03 5.11
CA ASP H 155 15.55 -47.22 6.05
C ASP H 155 14.06 -47.04 5.70
N PHE H 156 13.67 -47.40 4.48
CA PHE H 156 12.35 -47.11 3.92
C PHE H 156 12.13 -47.98 2.70
N GLY H 157 11.06 -48.78 2.69
CA GLY H 157 10.57 -49.40 1.47
C GLY H 157 11.51 -50.39 0.82
N ARG H 158 12.12 -49.97 -0.28
CA ARG H 158 13.06 -50.77 -1.03
C ARG H 158 14.48 -50.56 -0.51
N PHE H 159 15.20 -51.66 -0.41
CA PHE H 159 16.63 -51.64 -0.07
C PHE H 159 17.55 -50.80 -0.94
N PRO H 160 17.50 -50.81 -2.34
CA PRO H 160 18.67 -50.40 -3.12
C PRO H 160 19.16 -48.95 -3.06
N LYS H 161 18.62 -48.08 -2.22
CA LYS H 161 19.14 -46.73 -2.17
C LYS H 161 20.52 -46.66 -1.55
N GLU H 162 21.17 -45.52 -1.73
CA GLU H 162 22.47 -45.20 -1.20
C GLU H 162 22.37 -43.98 -0.30
N ASN H 163 23.20 -43.93 0.74
CA ASN H 163 23.34 -42.68 1.48
C ASN H 163 24.12 -41.72 0.60
N LYS H 164 23.41 -40.96 -0.23
CA LYS H 164 24.01 -39.94 -1.06
C LYS H 164 24.65 -38.83 -0.23
N ASN H 165 24.17 -38.62 0.99
CA ASN H 165 24.68 -37.59 1.88
C ASN H 165 25.87 -38.05 2.71
N LEU H 166 26.50 -39.16 2.34
CA LEU H 166 27.68 -39.60 3.09
C LEU H 166 28.91 -38.85 2.63
N ILE H 167 29.04 -38.63 1.32
CA ILE H 167 30.05 -37.73 0.79
C ILE H 167 29.39 -36.37 0.71
N PRO H 168 29.80 -35.40 1.53
CA PRO H 168 29.01 -34.17 1.68
C PRO H 168 29.12 -33.27 0.46
N TRP H 169 27.97 -32.81 -0.02
CA TRP H 169 27.92 -32.00 -1.23
C TRP H 169 27.03 -30.78 -1.18
N GLY H 170 26.04 -30.73 -0.30
CA GLY H 170 25.15 -29.60 -0.25
C GLY H 170 25.82 -28.37 0.31
N PRO H 171 25.16 -27.22 0.17
CA PRO H 171 25.68 -26.01 0.80
C PRO H 171 25.59 -25.99 2.31
N LYS H 172 24.45 -26.42 2.90
CA LYS H 172 24.29 -26.61 4.35
C LYS H 172 24.55 -25.36 5.19
N LYS H 173 23.59 -24.43 5.24
CA LYS H 173 23.72 -23.13 5.89
C LYS H 173 24.35 -23.16 7.27
N GLY H 174 25.09 -22.11 7.59
CA GLY H 174 25.91 -22.07 8.77
C GLY H 174 27.27 -22.68 8.51
N LYS H 175 27.30 -23.93 8.08
CA LYS H 175 28.55 -24.63 7.86
C LYS H 175 29.18 -24.18 6.56
N GLU H 176 30.49 -23.92 6.62
CA GLU H 176 31.28 -23.50 5.48
C GLU H 176 31.23 -24.57 4.39
N TYR H 177 31.23 -24.12 3.15
CA TYR H 177 30.99 -24.99 2.01
C TYR H 177 32.27 -25.72 1.64
N ASP H 178 32.31 -27.04 1.86
CA ASP H 178 33.48 -27.82 1.47
C ASP H 178 33.30 -28.45 0.10
N ASP H 179 32.36 -29.41 -0.03
CA ASP H 179 31.91 -30.03 -1.27
C ASP H 179 33.08 -30.54 -2.12
N LEU H 180 33.63 -31.66 -1.67
CA LEU H 180 34.87 -32.21 -2.23
C LEU H 180 34.84 -32.38 -3.74
N PHE H 181 33.71 -32.75 -4.31
CA PHE H 181 33.62 -32.98 -5.74
C PHE H 181 33.13 -31.78 -6.53
N ASN H 182 32.80 -30.66 -5.86
CA ASN H 182 32.81 -29.38 -6.56
C ASN H 182 34.24 -29.00 -6.92
N ALA H 183 35.21 -29.42 -6.12
CA ALA H 183 36.59 -29.01 -6.25
C ALA H 183 37.41 -29.96 -7.09
N ILE H 184 36.77 -30.82 -7.88
CA ILE H 184 37.46 -31.69 -8.84
C ILE H 184 36.76 -31.46 -10.17
N ARG H 185 37.25 -30.51 -10.96
CA ARG H 185 36.60 -30.12 -12.19
C ARG H 185 37.23 -30.90 -13.33
N VAL H 186 36.45 -31.77 -13.95
CA VAL H 186 36.94 -32.60 -15.04
C VAL H 186 36.35 -32.06 -16.34
N SER H 187 37.22 -31.64 -17.25
CA SER H 187 36.74 -31.05 -18.48
C SER H 187 36.53 -32.13 -19.54
N ASP H 188 35.94 -31.71 -20.66
CA ASP H 188 35.63 -32.63 -21.73
C ASP H 188 36.86 -32.85 -22.61
N SER H 189 36.73 -33.75 -23.58
CA SER H 189 37.82 -34.06 -24.49
C SER H 189 37.79 -33.11 -25.67
N LYS H 190 38.80 -33.19 -26.49
CA LYS H 190 38.62 -32.59 -27.80
C LYS H 190 37.83 -33.56 -28.67
N PRO H 191 36.97 -33.06 -29.56
CA PRO H 191 36.17 -33.97 -30.37
C PRO H 191 36.99 -34.72 -31.40
N PHE H 192 37.23 -36.00 -31.17
CA PHE H 192 38.10 -36.79 -32.02
C PHE H 192 37.33 -37.27 -33.25
N ASP H 193 37.97 -38.10 -34.06
CA ASP H 193 37.51 -38.40 -35.40
C ASP H 193 36.56 -39.60 -35.39
N ASN H 194 35.67 -39.64 -36.38
CA ASN H 194 34.80 -40.79 -36.58
C ASN H 194 35.55 -42.02 -37.10
N LYS H 195 36.79 -41.87 -37.55
CA LYS H 195 37.54 -43.02 -38.04
C LYS H 195 37.99 -43.95 -36.93
N SER H 196 37.99 -43.47 -35.69
CA SER H 196 38.39 -44.26 -34.54
C SER H 196 37.23 -45.01 -33.91
N LEU H 197 36.08 -45.06 -34.56
CA LEU H 197 34.91 -45.78 -34.08
C LEU H 197 34.74 -47.06 -34.86
N ILE H 198 34.43 -48.17 -34.17
CA ILE H 198 34.60 -49.47 -34.81
C ILE H 198 33.41 -50.42 -34.74
N LEU H 199 32.41 -50.11 -33.91
CA LEU H 199 31.16 -50.89 -33.80
C LEU H 199 31.44 -52.34 -33.37
N VAL H 200 31.77 -52.49 -32.09
CA VAL H 200 31.90 -53.82 -31.50
C VAL H 200 30.55 -54.33 -31.03
N GLN H 201 30.47 -55.64 -30.74
CA GLN H 201 29.28 -56.22 -30.14
C GLN H 201 29.60 -56.87 -28.81
N LYS H 202 28.56 -56.99 -27.98
CA LYS H 202 28.71 -57.51 -26.63
C LYS H 202 28.91 -59.01 -26.67
N TRP H 203 29.61 -59.55 -25.68
CA TRP H 203 29.81 -60.98 -25.52
C TRP H 203 29.78 -61.29 -24.03
N ASP H 204 28.92 -62.18 -23.59
CA ASP H 204 28.85 -62.54 -22.19
C ASP H 204 29.55 -63.87 -21.97
N TYR H 205 30.67 -63.84 -21.25
CA TYR H 205 31.39 -65.04 -20.85
C TYR H 205 30.90 -65.43 -19.48
N SER H 206 30.26 -66.58 -19.38
CA SER H 206 29.68 -66.99 -18.13
C SER H 206 30.69 -67.70 -17.24
N ALA H 207 30.39 -67.72 -15.95
CA ALA H 207 31.04 -68.61 -15.00
C ALA H 207 30.05 -69.74 -14.70
N LYS H 208 30.58 -70.93 -14.41
CA LYS H 208 29.92 -72.23 -14.35
C LYS H 208 29.38 -72.64 -15.72
N THR H 209 29.85 -72.02 -16.80
CA THR H 209 29.54 -72.41 -18.17
C THR H 209 30.66 -71.82 -19.02
N ASN H 210 31.35 -72.66 -19.79
CA ASN H 210 32.59 -72.23 -20.42
C ASN H 210 32.33 -71.40 -21.67
N LYS H 211 31.09 -71.34 -22.12
CA LYS H 211 30.82 -70.68 -23.40
C LYS H 211 30.83 -69.16 -23.25
N ALA H 212 31.09 -68.47 -24.36
CA ALA H 212 30.83 -67.05 -24.49
C ALA H 212 29.66 -66.88 -25.44
N LYS H 213 28.62 -66.19 -24.99
CA LYS H 213 27.42 -66.05 -25.81
C LYS H 213 27.36 -64.66 -26.40
N PRO H 214 27.12 -64.53 -27.71
CA PRO H 214 26.95 -63.20 -28.30
C PRO H 214 25.54 -62.67 -28.05
N LEU H 215 25.47 -61.46 -27.55
CA LEU H 215 24.22 -60.73 -27.34
C LEU H 215 23.99 -59.78 -28.50
N PRO H 216 22.73 -59.39 -28.77
CA PRO H 216 22.46 -58.43 -29.86
C PRO H 216 22.66 -56.97 -29.49
N LEU H 217 23.75 -56.66 -28.80
CA LEU H 217 24.14 -55.30 -28.49
C LEU H 217 25.21 -54.90 -29.48
N TYR H 218 25.15 -53.69 -29.98
CA TYR H 218 26.10 -53.27 -30.99
C TYR H 218 26.60 -51.87 -30.72
N ARG H 219 27.09 -51.64 -29.51
CA ARG H 219 27.76 -50.40 -29.11
C ARG H 219 28.82 -49.98 -30.12
N GLU H 220 28.64 -48.81 -30.72
CA GLU H 220 29.71 -48.27 -31.53
C GLU H 220 30.73 -47.62 -30.60
N SER H 221 31.97 -48.05 -30.71
CA SER H 221 32.92 -47.85 -29.63
C SER H 221 34.22 -47.29 -30.17
N ILE H 222 34.95 -46.60 -29.29
CA ILE H 222 36.26 -46.08 -29.62
C ILE H 222 37.21 -47.25 -29.81
N SER H 223 37.98 -47.24 -30.89
CA SER H 223 38.96 -48.28 -31.12
C SER H 223 40.06 -48.18 -30.07
N PRO H 224 40.67 -49.31 -29.69
CA PRO H 224 41.77 -49.26 -28.74
C PRO H 224 43.00 -48.60 -29.34
N LEU H 225 43.93 -48.23 -28.44
CA LEU H 225 45.12 -47.43 -28.73
C LEU H 225 44.77 -46.09 -29.37
N THR H 226 43.85 -45.38 -28.75
CA THR H 226 43.61 -43.97 -29.02
C THR H 226 43.85 -43.20 -27.75
N LYS H 227 44.57 -42.08 -27.86
CA LYS H 227 44.97 -41.29 -26.71
C LYS H 227 44.08 -40.07 -26.62
N ILE H 228 43.46 -39.87 -25.46
CA ILE H 228 42.45 -38.84 -25.25
C ILE H 228 42.85 -38.03 -24.03
N GLU H 229 42.93 -36.71 -24.19
CA GLU H 229 43.45 -35.85 -23.14
C GLU H 229 42.32 -35.15 -22.40
N PHE H 230 42.34 -35.26 -21.08
CA PHE H 230 41.41 -34.55 -20.21
C PHE H 230 42.18 -33.54 -19.37
N GLU H 231 41.53 -32.45 -19.01
CA GLU H 231 42.06 -31.55 -18.00
C GLU H 231 41.26 -31.69 -16.71
N ILE H 232 41.97 -31.66 -15.58
CA ILE H 232 41.35 -31.76 -14.27
C ILE H 232 41.89 -30.63 -13.42
N THR H 233 41.06 -29.64 -13.15
CA THR H 233 41.43 -28.55 -12.25
C THR H 233 40.96 -28.89 -10.85
N THR H 234 41.83 -28.76 -9.87
CA THR H 234 41.40 -28.86 -8.49
C THR H 234 41.65 -27.53 -7.79
N THR H 235 40.72 -27.18 -6.90
CA THR H 235 40.68 -25.87 -6.27
C THR H 235 41.15 -25.91 -4.82
N THR H 236 40.58 -26.79 -4.00
CA THR H 236 40.98 -26.87 -2.61
C THR H 236 42.12 -27.86 -2.46
N ASP H 237 42.67 -27.95 -1.25
CA ASP H 237 43.84 -28.78 -1.02
C ASP H 237 43.44 -30.23 -0.82
N GLU H 238 42.31 -30.48 -0.14
CA GLU H 238 41.87 -31.83 0.14
C GLU H 238 41.53 -32.59 -1.13
N ALA H 239 40.74 -31.97 -2.01
CA ALA H 239 40.47 -32.57 -3.30
C ALA H 239 41.67 -32.49 -4.22
N GLY H 240 42.56 -31.54 -3.98
CA GLY H 240 43.77 -31.44 -4.78
C GLY H 240 44.72 -32.59 -4.53
N ARG H 241 44.72 -33.14 -3.32
CA ARG H 241 45.60 -34.25 -2.97
C ARG H 241 45.09 -35.61 -3.44
N LEU H 242 43.84 -35.72 -3.85
CA LEU H 242 43.29 -37.01 -4.25
C LEU H 242 43.53 -37.30 -5.73
N ILE H 243 44.18 -36.41 -6.46
CA ILE H 243 44.26 -36.52 -7.89
C ILE H 243 45.65 -36.95 -8.36
N GLU H 244 46.72 -36.48 -7.73
CA GLU H 244 48.00 -37.14 -7.97
C GLU H 244 48.09 -38.49 -7.29
N GLU H 245 47.20 -38.78 -6.35
CA GLU H 245 47.08 -40.09 -5.74
C GLU H 245 46.09 -40.99 -6.48
N LEU H 246 45.58 -40.57 -7.64
CA LEU H 246 44.73 -41.45 -8.42
C LEU H 246 45.49 -42.62 -9.03
N GLY H 247 46.81 -42.53 -9.12
CA GLY H 247 47.58 -43.66 -9.59
C GLY H 247 47.50 -44.84 -8.64
N LYS H 248 47.86 -44.59 -7.39
CA LYS H 248 47.84 -45.66 -6.40
C LYS H 248 46.43 -46.09 -6.05
N ARG H 249 45.46 -45.18 -6.14
CA ARG H 249 44.10 -45.58 -5.86
C ARG H 249 43.48 -46.33 -7.03
N ALA H 250 43.85 -46.01 -8.27
CA ALA H 250 43.38 -46.81 -9.40
C ALA H 250 43.99 -48.20 -9.35
N GLN H 251 45.26 -48.30 -8.97
CA GLN H 251 45.87 -49.62 -8.81
C GLN H 251 45.27 -50.40 -7.64
N ALA H 252 44.90 -49.73 -6.55
CA ALA H 252 44.29 -50.45 -5.43
C ALA H 252 42.86 -50.87 -5.74
N PHE H 253 42.13 -50.04 -6.50
CA PHE H 253 40.80 -50.41 -6.96
C PHE H 253 40.86 -51.60 -7.90
N TYR H 254 41.86 -51.66 -8.76
CA TYR H 254 41.99 -52.83 -9.61
C TYR H 254 42.46 -54.05 -8.82
N LYS H 255 43.29 -53.85 -7.80
CA LYS H 255 43.76 -54.96 -6.98
C LYS H 255 42.62 -55.58 -6.19
N ASP H 256 41.71 -54.76 -5.67
CA ASP H 256 40.51 -55.29 -5.02
C ASP H 256 39.46 -55.73 -6.03
N TYR H 257 39.56 -55.28 -7.28
CA TYR H 257 38.64 -55.70 -8.33
C TYR H 257 39.17 -56.88 -9.13
N LYS H 258 40.46 -57.12 -9.13
CA LYS H 258 40.94 -58.40 -9.64
C LYS H 258 40.88 -59.48 -8.57
N ALA H 259 40.65 -59.09 -7.32
CA ALA H 259 40.54 -60.05 -6.22
C ALA H 259 39.30 -60.93 -6.37
N PHE H 260 38.15 -60.33 -6.63
CA PHE H 260 36.96 -61.09 -6.95
C PHE H 260 36.37 -60.50 -8.23
N PHE H 261 35.71 -61.39 -9.00
CA PHE H 261 35.07 -61.20 -10.31
C PHE H 261 36.09 -61.05 -11.44
N LEU H 262 37.36 -60.85 -11.14
CA LEU H 262 38.43 -61.09 -12.11
C LEU H 262 39.37 -62.14 -11.60
N SER H 263 39.04 -62.75 -10.46
CA SER H 263 39.27 -64.17 -10.23
C SER H 263 38.10 -64.90 -10.87
N GLU H 264 37.95 -66.20 -10.57
CA GLU H 264 36.87 -67.10 -11.01
C GLU H 264 36.64 -67.11 -12.53
N PHE H 265 37.62 -66.67 -13.32
CA PHE H 265 37.60 -66.63 -14.77
C PHE H 265 38.98 -67.01 -15.27
N PRO H 266 39.08 -67.56 -16.48
CA PRO H 266 40.41 -67.84 -17.05
C PRO H 266 41.14 -66.55 -17.38
N ASP H 267 42.46 -66.56 -17.12
CA ASP H 267 43.28 -65.37 -17.26
C ASP H 267 43.51 -64.95 -18.70
N ASP H 268 43.16 -65.79 -19.67
CA ASP H 268 43.29 -65.40 -21.07
C ASP H 268 42.23 -64.37 -21.48
N LYS H 269 41.11 -64.31 -20.75
CA LYS H 269 40.07 -63.35 -21.08
C LYS H 269 40.49 -61.93 -20.66
N ILE H 270 40.93 -61.79 -19.43
CA ILE H 270 41.42 -60.54 -18.88
C ILE H 270 42.75 -60.20 -19.54
N GLN H 271 43.06 -58.92 -19.70
CA GLN H 271 44.40 -58.56 -20.16
C GLN H 271 45.08 -57.66 -19.16
N ALA H 272 46.41 -57.65 -19.23
CA ALA H 272 47.22 -56.77 -18.41
C ALA H 272 47.12 -55.33 -18.92
N ASN H 273 47.53 -54.39 -18.07
CA ASN H 273 47.25 -52.99 -18.30
C ASN H 273 48.49 -52.12 -18.41
N LEU H 274 49.44 -52.24 -17.47
CA LEU H 274 50.76 -51.60 -17.43
C LEU H 274 50.76 -50.08 -17.28
N GLN H 275 49.59 -49.44 -17.28
CA GLN H 275 49.46 -48.04 -16.88
C GLN H 275 48.38 -48.02 -15.81
N TYR H 276 47.88 -46.84 -15.43
CA TYR H 276 46.92 -46.87 -14.33
C TYR H 276 45.54 -47.25 -14.84
N PRO H 277 44.89 -48.25 -14.26
CA PRO H 277 43.65 -48.77 -14.82
C PRO H 277 42.41 -48.00 -14.39
N ILE H 278 41.55 -47.72 -15.37
CA ILE H 278 40.30 -47.01 -15.15
C ILE H 278 39.26 -47.69 -16.04
N TYR H 279 37.99 -47.51 -15.69
CA TYR H 279 36.91 -48.13 -16.44
C TYR H 279 35.92 -47.06 -16.90
N LEU H 280 36.16 -46.50 -18.07
CA LEU H 280 35.18 -45.66 -18.73
C LEU H 280 33.95 -46.50 -19.06
N GLY H 281 32.78 -45.91 -18.88
CA GLY H 281 31.62 -46.71 -18.58
C GLY H 281 30.78 -47.01 -19.80
N ALA H 282 30.71 -48.29 -20.15
CA ALA H 282 29.60 -49.00 -20.78
C ALA H 282 30.00 -50.46 -20.81
N GLY H 283 29.06 -51.37 -20.66
CA GLY H 283 29.44 -52.76 -20.81
C GLY H 283 29.96 -53.36 -19.52
N SER H 284 31.01 -52.75 -18.97
CA SER H 284 31.80 -53.17 -17.82
C SER H 284 30.97 -53.71 -16.67
N GLY H 285 30.07 -52.88 -16.16
CA GLY H 285 28.89 -53.42 -15.51
C GLY H 285 29.01 -53.68 -14.03
N ALA H 286 28.34 -52.86 -13.23
CA ALA H 286 27.86 -53.22 -11.90
C ALA H 286 28.95 -53.49 -10.86
N TRP H 287 30.22 -53.47 -11.26
CA TRP H 287 31.28 -53.65 -10.29
C TRP H 287 32.32 -52.56 -10.46
N THR H 288 32.45 -52.06 -11.67
CA THR H 288 33.18 -50.83 -11.90
C THR H 288 32.30 -49.62 -11.72
N LYS H 289 30.99 -49.80 -11.81
CA LYS H 289 30.06 -48.70 -11.60
C LYS H 289 29.71 -48.50 -10.15
N THR H 290 30.11 -49.42 -9.29
CA THR H 290 29.48 -49.58 -8.00
C THR H 290 30.57 -49.82 -6.95
N LEU H 291 30.28 -49.51 -5.69
CA LEU H 291 31.21 -49.87 -4.63
C LEU H 291 30.80 -51.23 -4.08
N PHE H 292 31.74 -52.19 -4.12
CA PHE H 292 31.42 -53.53 -4.60
C PHE H 292 30.80 -54.44 -3.53
N LYS H 293 30.97 -54.14 -2.25
CA LYS H 293 30.50 -55.08 -1.22
C LYS H 293 28.98 -54.97 -1.01
N GLN H 294 28.52 -53.77 -0.65
CA GLN H 294 27.09 -53.50 -0.58
C GLN H 294 26.44 -53.69 -1.94
N ALA H 295 27.20 -53.45 -3.00
CA ALA H 295 26.79 -53.84 -4.34
C ALA H 295 26.45 -55.31 -4.43
N ASP H 296 27.34 -56.21 -3.93
CA ASP H 296 27.13 -57.63 -4.21
C ASP H 296 25.89 -58.13 -3.49
N GLY H 297 25.70 -57.68 -2.25
CA GLY H 297 24.46 -58.00 -1.55
C GLY H 297 23.20 -57.47 -2.24
N ILE H 298 23.04 -56.15 -2.27
CA ILE H 298 21.73 -55.60 -2.62
C ILE H 298 21.52 -55.65 -4.13
N LEU H 299 22.59 -55.84 -4.91
CA LEU H 299 22.47 -55.89 -6.37
C LEU H 299 22.27 -57.32 -6.87
N GLN H 300 22.86 -58.32 -6.19
CA GLN H 300 22.46 -59.69 -6.51
C GLN H 300 21.02 -59.95 -6.09
N ARG H 301 20.48 -59.15 -5.16
CA ARG H 301 19.06 -59.27 -4.83
C ARG H 301 18.15 -58.85 -5.98
N ARG H 302 18.53 -57.84 -6.77
CA ARG H 302 17.56 -57.12 -7.60
C ARG H 302 17.10 -57.84 -8.86
N TYR H 303 17.39 -59.12 -9.07
CA TYR H 303 16.99 -59.75 -10.32
C TYR H 303 16.36 -61.11 -10.08
N SER H 304 15.03 -61.14 -10.00
CA SER H 304 14.25 -62.35 -10.20
C SER H 304 13.44 -62.12 -11.47
N ARG H 305 14.07 -62.36 -12.60
CA ARG H 305 13.50 -62.11 -13.92
C ARG H 305 13.92 -63.26 -14.83
N MET H 306 13.70 -63.09 -16.13
CA MET H 306 14.23 -64.06 -17.09
C MET H 306 15.73 -63.85 -17.28
N LYS H 307 16.15 -62.59 -17.28
CA LYS H 307 17.54 -62.19 -17.51
C LYS H 307 18.32 -62.07 -16.19
N THR H 308 18.24 -63.15 -15.41
CA THR H 308 18.67 -63.15 -14.02
C THR H 308 20.19 -63.09 -13.90
N LYS H 309 20.67 -62.14 -13.12
CA LYS H 309 22.07 -62.04 -12.74
C LYS H 309 22.37 -63.20 -11.80
N MET H 310 23.08 -64.21 -12.30
CA MET H 310 23.07 -65.54 -11.69
C MET H 310 23.98 -65.63 -10.46
N VAL H 311 24.26 -66.87 -10.06
CA VAL H 311 24.56 -67.22 -8.65
C VAL H 311 25.87 -66.59 -8.20
N LYS H 312 26.83 -66.47 -9.12
CA LYS H 312 28.11 -65.85 -8.81
C LYS H 312 27.95 -64.34 -8.77
N LYS H 313 29.08 -63.63 -8.74
CA LYS H 313 29.04 -62.18 -8.70
C LYS H 313 28.47 -61.61 -10.00
N GLY H 314 29.06 -61.97 -11.13
CA GLY H 314 28.47 -61.51 -12.37
C GLY H 314 28.91 -62.36 -13.55
N VAL H 315 28.48 -61.94 -14.72
CA VAL H 315 28.88 -62.53 -15.99
C VAL H 315 29.89 -61.58 -16.62
N LEU H 316 30.98 -62.12 -17.13
CA LEU H 316 32.07 -61.26 -17.62
C LEU H 316 31.69 -60.66 -18.97
N LYS H 317 31.94 -59.37 -19.12
CA LYS H 317 31.54 -58.64 -20.33
C LYS H 317 32.75 -58.43 -21.22
N LEU H 318 32.70 -59.00 -22.41
CA LEU H 318 33.78 -58.97 -23.37
C LEU H 318 33.25 -58.42 -24.68
N THR H 319 34.16 -58.12 -25.59
CA THR H 319 33.83 -57.79 -26.97
C THR H 319 34.83 -58.47 -27.89
N LYS H 320 34.50 -58.47 -29.17
CA LYS H 320 35.46 -58.76 -30.23
C LYS H 320 35.74 -57.48 -30.99
N ALA H 321 37.01 -57.25 -31.26
CA ALA H 321 37.52 -56.04 -31.88
C ALA H 321 38.85 -56.41 -32.51
N PRO H 322 39.35 -55.63 -33.48
CA PRO H 322 40.60 -56.02 -34.14
C PRO H 322 41.79 -55.98 -33.20
N LEU H 323 42.69 -56.94 -33.41
CA LEU H 323 43.88 -57.08 -32.58
C LEU H 323 44.87 -55.97 -32.91
N LYS H 324 45.58 -55.50 -31.89
CA LYS H 324 46.41 -54.32 -32.04
C LYS H 324 47.49 -54.37 -30.96
N THR H 325 48.73 -54.10 -31.35
CA THR H 325 49.87 -54.12 -30.44
C THR H 325 50.46 -52.72 -30.31
N VAL H 326 51.06 -52.46 -29.15
CA VAL H 326 51.57 -51.14 -28.85
C VAL H 326 53.02 -50.96 -29.31
N LYS H 327 53.87 -51.99 -29.14
CA LYS H 327 55.29 -52.02 -29.45
C LYS H 327 56.11 -50.95 -28.73
N ILE H 328 55.57 -50.29 -27.72
CA ILE H 328 56.26 -49.26 -26.96
C ILE H 328 57.16 -49.83 -25.85
N PRO H 329 56.73 -50.83 -24.99
CA PRO H 329 57.67 -51.31 -23.96
C PRO H 329 58.80 -52.17 -24.51
N SER H 330 59.58 -52.77 -23.60
CA SER H 330 60.63 -53.71 -24.00
C SER H 330 60.00 -55.01 -24.49
N GLY H 331 59.46 -55.00 -25.70
CA GLY H 331 58.66 -56.08 -26.23
C GLY H 331 57.40 -55.57 -26.87
N ASN H 332 56.96 -56.19 -27.97
CA ASN H 332 55.72 -55.83 -28.63
C ASN H 332 54.58 -56.51 -27.88
N HIS H 333 53.87 -55.73 -27.07
CA HIS H 333 52.85 -56.29 -26.19
C HIS H 333 51.60 -56.63 -26.99
N SER H 334 51.19 -57.90 -26.92
CA SER H 334 50.13 -58.42 -27.78
C SER H 334 48.76 -57.88 -27.44
N LEU H 335 48.58 -57.36 -26.22
CA LEU H 335 47.49 -56.56 -25.68
C LEU H 335 46.24 -57.40 -25.39
N VAL H 336 46.16 -58.65 -25.83
CA VAL H 336 45.26 -59.63 -25.24
C VAL H 336 46.07 -60.89 -24.98
N LYS H 337 45.66 -61.66 -23.97
CA LYS H 337 46.35 -62.89 -23.62
C LYS H 337 45.65 -64.12 -24.17
N ASN H 338 44.87 -63.96 -25.25
CA ASN H 338 44.19 -65.07 -25.87
C ASN H 338 44.23 -64.90 -27.38
N HIS H 339 43.70 -65.89 -28.07
CA HIS H 339 43.40 -65.77 -29.49
C HIS H 339 41.99 -65.22 -29.62
N GLU H 340 41.51 -65.08 -30.86
CA GLU H 340 40.14 -64.73 -31.27
C GLU H 340 39.59 -63.44 -30.64
N SER H 341 40.48 -62.59 -30.12
CA SER H 341 40.27 -61.15 -29.97
C SER H 341 39.17 -60.78 -28.98
N PHE H 342 39.16 -61.43 -27.82
CA PHE H 342 38.26 -60.99 -26.75
C PHE H 342 38.92 -59.90 -25.92
N TYR H 343 38.30 -58.74 -25.89
CA TYR H 343 38.65 -57.63 -25.02
C TYR H 343 37.65 -57.54 -23.89
N GLU H 344 38.05 -56.94 -22.78
CA GLU H 344 37.09 -56.67 -21.72
C GLU H 344 36.52 -55.27 -21.90
N MET H 345 35.19 -55.17 -21.88
CA MET H 345 34.53 -53.95 -22.33
C MET H 345 34.68 -52.83 -21.31
N GLY H 346 35.16 -51.67 -21.77
CA GLY H 346 35.24 -50.49 -20.95
C GLY H 346 36.56 -50.28 -20.25
N LYS H 347 37.51 -51.20 -20.38
CA LYS H 347 38.82 -51.06 -19.78
C LYS H 347 39.59 -49.93 -20.46
N ALA H 348 40.32 -49.15 -19.67
CA ALA H 348 41.18 -48.12 -20.22
C ALA H 348 42.35 -47.94 -19.26
N ASN H 349 43.40 -47.31 -19.75
CA ASN H 349 44.51 -46.96 -18.91
C ASN H 349 44.77 -45.48 -19.03
N PHE H 350 45.47 -44.92 -18.05
CA PHE H 350 45.78 -43.51 -18.10
C PHE H 350 47.08 -43.26 -17.35
N MET H 351 47.72 -42.16 -17.70
CA MET H 351 48.75 -41.56 -16.87
C MET H 351 48.41 -40.10 -16.63
N ILE H 352 48.67 -39.64 -15.42
CA ILE H 352 48.22 -38.34 -14.95
C ILE H 352 49.45 -37.49 -14.60
N LYS H 353 49.35 -36.19 -14.82
CA LYS H 353 50.51 -35.32 -14.71
C LYS H 353 50.07 -33.92 -14.32
N GLU H 354 50.70 -33.32 -13.32
CA GLU H 354 50.29 -31.99 -12.91
C GLU H 354 50.73 -30.95 -13.94
N ILE H 355 49.89 -29.94 -14.15
CA ILE H 355 50.02 -28.88 -15.13
C ILE H 355 50.14 -29.44 -16.54
#